data_5N99
#
_entry.id   5N99
#
_cell.length_a   67.744
_cell.length_b   115.315
_cell.length_c   210.369
_cell.angle_alpha   90.00
_cell.angle_beta   90.00
_cell.angle_gamma   90.00
#
_symmetry.space_group_name_H-M   'P 21 21 21'
#
loop_
_entity.id
_entity.type
_entity.pdbx_description
1 polymer Streptavidin
2 polymer ASN-GLN-DPR-TRP-GLN
3 water water
#
loop_
_entity_poly.entity_id
_entity_poly.type
_entity_poly.pdbx_seq_one_letter_code
_entity_poly.pdbx_strand_id
1 'polypeptide(L)'
;MRKIVVAAIAVSLTTVSITASASADPSKDSKAQVSAAEAGITGTWYNQLGSTFIVTAGADGALTGTYESAVGNAESRYVL
TGRYDSAPATDGSGTALGWTVAWKNNYRNAHSATTWSGQYVGGAEARINTQWLLTSGTTEANAWKSTLVGHDTFTKVKPS
AASIDAAKKAGVNNGNPLDAVQQ
;
A,B,D,G,I,K,M,O,Q,S,U,Y
2 'polypeptide(L)' NQ(DPR)WQ C,E,F,H,J,L,N,P,R,T,V,X
#
# COMPACT_ATOMS: atom_id res chain seq x y z
N ALA A 39 38.32 -24.15 -29.80
CA ALA A 39 38.23 -23.29 -28.62
C ALA A 39 38.74 -21.88 -28.90
N GLY A 40 38.09 -20.88 -28.29
CA GLY A 40 38.46 -19.49 -28.43
C GLY A 40 37.25 -18.55 -28.44
N ILE A 41 37.51 -17.24 -28.54
CA ILE A 41 36.42 -16.24 -28.62
C ILE A 41 35.57 -16.41 -29.88
N THR A 42 36.22 -16.66 -31.03
CA THR A 42 35.46 -16.81 -32.28
C THR A 42 34.41 -17.88 -32.09
N GLY A 43 33.20 -17.56 -32.49
CA GLY A 43 32.09 -18.50 -32.39
C GLY A 43 30.74 -17.84 -32.22
N THR A 44 29.75 -18.68 -31.92
CA THR A 44 28.36 -18.27 -31.71
C THR A 44 28.07 -18.48 -30.24
N TRP A 45 27.57 -17.39 -29.63
CA TRP A 45 27.36 -17.32 -28.20
C TRP A 45 25.91 -17.02 -27.87
N TYR A 46 25.49 -17.50 -26.70
CA TYR A 46 24.11 -17.32 -26.22
CA TYR A 46 24.10 -17.32 -26.22
C TYR A 46 24.08 -16.90 -24.77
N ASN A 47 23.06 -16.10 -24.40
CA ASN A 47 22.88 -15.81 -22.97
C ASN A 47 21.60 -16.63 -22.53
N GLN A 48 21.10 -16.44 -21.29
CA GLN A 48 19.87 -17.16 -20.86
C GLN A 48 18.59 -16.32 -21.01
N LEU A 49 18.70 -15.18 -21.71
CA LEU A 49 17.57 -14.27 -21.93
C LEU A 49 17.20 -14.20 -23.43
N GLY A 50 17.49 -15.27 -24.15
CA GLY A 50 17.10 -15.41 -25.56
C GLY A 50 17.85 -14.60 -26.60
N SER A 51 19.09 -14.14 -26.30
CA SER A 51 19.89 -13.39 -27.28
C SER A 51 21.06 -14.25 -27.74
N THR A 52 21.65 -13.86 -28.87
CA THR A 52 22.81 -14.59 -29.39
C THR A 52 23.71 -13.60 -30.10
N PHE A 53 25.00 -13.91 -30.20
CA PHE A 53 25.86 -13.12 -31.05
C PHE A 53 26.86 -14.01 -31.71
N ILE A 54 27.28 -13.59 -32.89
CA ILE A 54 28.23 -14.34 -33.72
C ILE A 54 29.41 -13.43 -33.83
N VAL A 55 30.59 -13.91 -33.43
CA VAL A 55 31.77 -13.06 -33.46
C VAL A 55 32.95 -13.75 -34.09
N THR A 56 33.84 -12.95 -34.67
CA THR A 56 35.12 -13.44 -35.18
C THR A 56 36.18 -12.59 -34.49
N ALA A 57 37.16 -13.26 -33.87
CA ALA A 57 38.27 -12.61 -33.19
C ALA A 57 39.45 -12.70 -34.16
N GLY A 58 39.78 -11.55 -34.77
CA GLY A 58 40.83 -11.44 -35.78
C GLY A 58 42.22 -11.39 -35.20
N ALA A 59 43.26 -11.68 -36.00
CA ALA A 59 44.63 -11.68 -35.48
C ALA A 59 45.11 -10.30 -34.96
N ASP A 60 44.56 -9.21 -35.51
CA ASP A 60 44.90 -7.81 -35.16
C ASP A 60 44.18 -7.30 -33.85
N GLY A 61 43.51 -8.18 -33.11
CA GLY A 61 42.81 -7.78 -31.88
C GLY A 61 41.38 -7.32 -32.11
N ALA A 62 40.88 -7.43 -33.33
CA ALA A 62 39.53 -6.96 -33.63
C ALA A 62 38.49 -8.00 -33.34
N LEU A 63 37.31 -7.53 -32.89
CA LEU A 63 36.10 -8.36 -32.79
C LEU A 63 35.13 -7.79 -33.80
N THR A 64 34.55 -8.67 -34.62
CA THR A 64 33.56 -8.27 -35.63
CA THR A 64 33.59 -8.29 -35.67
C THR A 64 32.45 -9.29 -35.62
N GLY A 65 31.25 -8.83 -35.79
CA GLY A 65 30.17 -9.79 -35.81
C GLY A 65 28.79 -9.20 -35.82
N THR A 66 27.86 -9.98 -35.35
CA THR A 66 26.45 -9.63 -35.31
C THR A 66 25.83 -10.00 -33.99
N TYR A 67 25.00 -9.11 -33.43
CA TYR A 67 24.24 -9.37 -32.20
CA TYR A 67 24.25 -9.41 -32.19
C TYR A 67 22.77 -9.52 -32.60
N GLU A 68 22.10 -10.64 -32.19
CA GLU A 68 20.70 -10.88 -32.52
C GLU A 68 19.95 -10.89 -31.20
N SER A 69 19.16 -9.82 -30.92
CA SER A 69 18.57 -9.72 -29.60
CA SER A 69 18.47 -9.65 -29.65
C SER A 69 17.51 -10.77 -29.31
N ALA A 70 16.89 -11.37 -30.36
CA ALA A 70 15.94 -12.46 -30.15
C ALA A 70 16.33 -13.59 -31.10
N VAL A 71 16.89 -14.69 -30.54
CA VAL A 71 17.36 -15.81 -31.35
C VAL A 71 16.32 -16.21 -32.39
N GLY A 72 16.78 -16.31 -33.63
CA GLY A 72 15.92 -16.77 -34.72
C GLY A 72 15.09 -15.70 -35.39
N ASN A 73 15.11 -14.46 -34.86
CA ASN A 73 14.38 -13.34 -35.46
C ASN A 73 15.41 -12.46 -36.16
N ALA A 74 15.51 -12.63 -37.48
CA ALA A 74 16.51 -11.89 -38.27
C ALA A 74 16.32 -10.37 -38.24
N GLU A 75 15.10 -9.89 -37.90
CA GLU A 75 14.89 -8.45 -37.84
C GLU A 75 15.62 -7.82 -36.60
N SER A 76 16.05 -8.68 -35.65
CA SER A 76 16.70 -8.24 -34.42
C SER A 76 18.23 -8.31 -34.49
N ARG A 77 18.79 -8.35 -35.72
CA ARG A 77 20.25 -8.42 -35.96
C ARG A 77 20.87 -7.03 -36.16
N TYR A 78 22.00 -6.79 -35.42
CA TYR A 78 22.72 -5.53 -35.46
C TYR A 78 24.18 -5.79 -35.54
N VAL A 79 24.90 -4.84 -36.15
CA VAL A 79 26.35 -4.93 -36.25
C VAL A 79 26.99 -4.82 -34.85
N LEU A 80 28.03 -5.66 -34.64
CA LEU A 80 28.81 -5.67 -33.39
C LEU A 80 30.27 -5.47 -33.79
N THR A 81 30.99 -4.59 -33.08
CA THR A 81 32.42 -4.36 -33.29
CA THR A 81 32.43 -4.34 -33.28
C THR A 81 33.09 -4.14 -31.94
N GLY A 82 34.29 -4.65 -31.80
CA GLY A 82 34.99 -4.49 -30.55
C GLY A 82 36.47 -4.85 -30.66
N ARG A 83 37.08 -5.06 -29.47
CA ARG A 83 38.50 -5.36 -29.34
C ARG A 83 38.69 -6.40 -28.25
N TYR A 84 39.79 -7.18 -28.37
CA TYR A 84 40.16 -8.13 -27.33
C TYR A 84 41.67 -8.18 -27.23
N ASP A 85 42.15 -8.69 -26.08
CA ASP A 85 43.58 -8.86 -25.85
C ASP A 85 44.04 -10.11 -26.62
N SER A 86 44.84 -9.90 -27.67
CA SER A 86 45.30 -10.99 -28.52
C SER A 86 46.50 -11.75 -27.93
N ALA A 87 47.04 -11.31 -26.77
CA ALA A 87 48.16 -12.01 -26.12
C ALA A 87 47.90 -12.06 -24.62
N PRO A 88 46.87 -12.81 -24.19
CA PRO A 88 46.52 -12.83 -22.76
C PRO A 88 47.54 -13.57 -21.90
N ALA A 89 47.36 -13.43 -20.58
CA ALA A 89 48.16 -14.13 -19.58
C ALA A 89 47.89 -15.64 -19.71
N THR A 90 48.79 -16.48 -19.18
CA THR A 90 48.73 -17.94 -19.33
C THR A 90 48.34 -18.70 -18.07
N ASP A 91 48.11 -18.00 -16.96
CA ASP A 91 47.87 -18.68 -15.68
C ASP A 91 46.43 -19.10 -15.41
N GLY A 92 45.56 -19.03 -16.40
CA GLY A 92 44.14 -19.32 -16.23
C GLY A 92 43.31 -18.05 -16.16
N SER A 93 43.97 -16.88 -16.13
CA SER A 93 43.29 -15.57 -16.18
C SER A 93 42.48 -15.49 -17.49
N GLY A 94 41.35 -14.78 -17.44
CA GLY A 94 40.55 -14.60 -18.65
C GLY A 94 41.19 -13.65 -19.64
N THR A 95 40.62 -13.61 -20.84
CA THR A 95 41.07 -12.71 -21.91
C THR A 95 40.12 -11.50 -21.92
N ALA A 96 40.64 -10.29 -21.65
CA ALA A 96 39.81 -9.11 -21.63
C ALA A 96 39.32 -8.77 -23.02
N LEU A 97 38.08 -8.27 -23.06
CA LEU A 97 37.46 -7.88 -24.34
CA LEU A 97 37.50 -7.87 -24.35
C LEU A 97 36.34 -6.89 -24.11
N GLY A 98 35.88 -6.29 -25.18
CA GLY A 98 34.74 -5.37 -25.13
C GLY A 98 34.16 -5.23 -26.52
N TRP A 99 32.87 -4.93 -26.60
CA TRP A 99 32.25 -4.67 -27.89
C TRP A 99 31.10 -3.72 -27.74
N THR A 100 30.71 -3.12 -28.89
CA THR A 100 29.57 -2.21 -28.90
C THR A 100 28.58 -2.64 -29.95
N VAL A 101 27.30 -2.42 -29.64
CA VAL A 101 26.19 -2.53 -30.60
C VAL A 101 25.41 -1.22 -30.54
N ALA A 102 25.31 -0.47 -31.67
CA ALA A 102 24.41 0.66 -31.74
C ALA A 102 23.12 0.05 -32.23
N TRP A 103 21.99 0.38 -31.57
CA TRP A 103 20.70 -0.26 -31.84
C TRP A 103 19.95 0.30 -33.05
N LYS A 104 20.69 0.38 -34.16
CA LYS A 104 20.14 0.80 -35.44
C LYS A 104 20.49 -0.28 -36.45
N ASN A 105 19.45 -0.76 -37.15
CA ASN A 105 19.65 -1.64 -38.31
C ASN A 105 18.75 -1.08 -39.42
N ASN A 106 18.58 -1.82 -40.52
CA ASN A 106 17.79 -1.24 -41.60
C ASN A 106 16.28 -1.23 -41.32
N TYR A 107 15.84 -1.84 -40.18
CA TYR A 107 14.41 -1.95 -39.87
C TYR A 107 14.00 -1.15 -38.64
N ARG A 108 14.93 -1.01 -37.70
CA ARG A 108 14.65 -0.46 -36.37
C ARG A 108 15.75 0.45 -35.88
N ASN A 109 15.37 1.54 -35.19
CA ASN A 109 16.39 2.38 -34.56
C ASN A 109 15.88 2.80 -33.19
N ALA A 110 16.59 2.38 -32.13
CA ALA A 110 16.19 2.70 -30.75
C ALA A 110 17.07 3.82 -30.19
N HIS A 111 17.84 4.52 -31.05
CA HIS A 111 18.65 5.71 -30.68
C HIS A 111 19.40 5.45 -29.38
N SER A 112 20.16 4.34 -29.37
CA SER A 112 20.86 3.94 -28.16
C SER A 112 21.98 3.01 -28.58
N ALA A 113 22.87 2.73 -27.62
CA ALA A 113 23.97 1.80 -27.90
C ALA A 113 24.36 1.10 -26.60
N THR A 114 24.75 -0.17 -26.70
CA THR A 114 25.20 -0.89 -25.52
C THR A 114 26.65 -1.29 -25.72
N THR A 115 27.47 -1.14 -24.67
CA THR A 115 28.82 -1.66 -24.70
C THR A 115 28.88 -2.75 -23.65
N TRP A 116 29.48 -3.90 -24.01
CA TRP A 116 29.72 -5.00 -23.06
C TRP A 116 31.22 -5.03 -22.81
N SER A 117 31.60 -5.09 -21.55
CA SER A 117 33.01 -5.12 -21.15
C SER A 117 33.18 -6.38 -20.32
N GLY A 118 34.16 -7.21 -20.68
CA GLY A 118 34.25 -8.45 -19.93
C GLY A 118 35.50 -9.26 -20.19
N GLN A 119 35.38 -10.57 -19.93
CA GLN A 119 36.52 -11.45 -20.15
C GLN A 119 36.03 -12.81 -20.59
N TYR A 120 36.79 -13.40 -21.50
CA TYR A 120 36.55 -14.75 -21.98
C TYR A 120 37.33 -15.70 -21.07
N VAL A 121 36.69 -16.78 -20.62
CA VAL A 121 37.31 -17.76 -19.74
C VAL A 121 37.21 -19.11 -20.42
N GLY A 122 38.35 -19.78 -20.56
CA GLY A 122 38.43 -21.09 -21.21
C GLY A 122 38.06 -22.26 -20.32
N GLY A 123 38.47 -23.44 -20.72
CA GLY A 123 38.16 -24.65 -19.98
C GLY A 123 37.12 -25.49 -20.70
N ALA A 124 36.55 -26.48 -19.99
CA ALA A 124 35.58 -27.41 -20.59
C ALA A 124 34.37 -26.70 -21.19
N GLU A 125 33.84 -25.70 -20.47
CA GLU A 125 32.68 -24.93 -20.90
C GLU A 125 33.09 -23.48 -20.91
N ALA A 126 33.60 -23.01 -22.05
CA ALA A 126 34.05 -21.62 -22.18
C ALA A 126 32.92 -20.64 -21.91
N ARG A 127 33.27 -19.47 -21.37
CA ARG A 127 32.26 -18.48 -21.06
C ARG A 127 32.79 -17.09 -21.34
N ILE A 128 31.88 -16.15 -21.62
CA ILE A 128 32.27 -14.75 -21.69
C ILE A 128 31.42 -14.08 -20.59
N ASN A 129 32.08 -13.53 -19.55
CA ASN A 129 31.39 -12.87 -18.44
C ASN A 129 31.49 -11.38 -18.62
N THR A 130 30.35 -10.67 -18.67
CA THR A 130 30.41 -9.25 -18.97
C THR A 130 29.55 -8.41 -18.02
N GLN A 131 29.85 -7.13 -18.03
CA GLN A 131 29.01 -6.06 -17.50
C GLN A 131 28.74 -5.12 -18.67
N TRP A 132 27.58 -4.49 -18.68
CA TRP A 132 27.27 -3.64 -19.84
C TRP A 132 26.65 -2.32 -19.48
N LEU A 133 26.77 -1.35 -20.41
CA LEU A 133 26.20 -0.01 -20.25
C LEU A 133 25.38 0.26 -21.51
N LEU A 134 24.09 0.59 -21.34
CA LEU A 134 23.19 0.91 -22.45
C LEU A 134 22.82 2.39 -22.34
N THR A 135 23.40 3.21 -23.21
CA THR A 135 23.09 4.64 -23.20
C THR A 135 22.13 4.98 -24.32
N SER A 136 21.08 5.78 -24.00
CA SER A 136 20.14 6.27 -24.99
CA SER A 136 20.14 6.26 -24.99
C SER A 136 20.42 7.72 -25.25
N GLY A 137 20.17 8.18 -26.48
CA GLY A 137 20.29 9.60 -26.77
C GLY A 137 19.16 10.30 -26.03
N THR A 138 19.48 11.38 -25.28
CA THR A 138 18.44 12.08 -24.53
C THR A 138 18.68 13.57 -24.63
N THR A 139 17.75 14.38 -24.11
CA THR A 139 17.99 15.81 -23.97
C THR A 139 18.91 15.98 -22.75
N GLU A 140 19.47 17.19 -22.58
CA GLU A 140 20.33 17.42 -21.41
C GLU A 140 19.54 17.24 -20.10
N ALA A 141 18.26 17.69 -20.09
CA ALA A 141 17.39 17.58 -18.92
C ALA A 141 17.21 16.13 -18.48
N ASN A 142 17.20 15.18 -19.45
CA ASN A 142 17.00 13.75 -19.13
C ASN A 142 18.29 12.95 -19.11
N ALA A 143 19.45 13.61 -19.30
CA ALA A 143 20.74 12.88 -19.37
C ALA A 143 21.12 12.11 -18.11
N TRP A 144 20.63 12.58 -16.93
CA TRP A 144 20.96 11.87 -15.68
C TRP A 144 20.46 10.41 -15.71
N LYS A 145 19.39 10.15 -16.50
CA LYS A 145 18.80 8.80 -16.54
C LYS A 145 18.99 8.16 -17.93
N SER A 146 20.06 8.53 -18.62
CA SER A 146 20.32 8.04 -19.97
C SER A 146 20.93 6.64 -20.01
N THR A 147 21.49 6.15 -18.88
CA THR A 147 22.29 4.93 -18.99
C THR A 147 21.85 3.82 -18.06
N LEU A 148 21.56 2.64 -18.66
CA LEU A 148 21.26 1.43 -17.89
C LEU A 148 22.55 0.63 -17.69
N VAL A 149 22.63 -0.12 -16.59
CA VAL A 149 23.77 -1.03 -16.35
C VAL A 149 23.26 -2.42 -16.04
N GLY A 150 23.98 -3.43 -16.53
CA GLY A 150 23.64 -4.80 -16.20
C GLY A 150 24.80 -5.73 -16.42
N HIS A 151 24.50 -7.03 -16.38
CA HIS A 151 25.57 -8.00 -16.54
C HIS A 151 25.00 -9.18 -17.30
N ASP A 152 25.85 -9.82 -18.11
CA ASP A 152 25.43 -11.00 -18.87
CA ASP A 152 25.44 -10.97 -18.93
C ASP A 152 26.54 -12.00 -18.93
N THR A 153 26.19 -13.29 -18.93
CA THR A 153 27.15 -14.35 -19.14
CA THR A 153 27.12 -14.39 -19.10
C THR A 153 26.72 -15.13 -20.38
N PHE A 154 27.67 -15.43 -21.24
CA PHE A 154 27.39 -16.14 -22.49
C PHE A 154 28.17 -17.44 -22.55
N THR A 155 27.58 -18.44 -23.21
CA THR A 155 28.26 -19.70 -23.48
C THR A 155 27.97 -20.07 -24.94
N LYS A 156 28.69 -21.07 -25.45
CA LYS A 156 28.44 -21.52 -26.83
C LYS A 156 27.33 -22.55 -26.92
N VAL A 157 26.73 -22.90 -25.78
CA VAL A 157 25.68 -23.90 -25.76
C VAL A 157 24.31 -23.22 -25.74
N LYS A 158 23.50 -23.51 -26.75
CA LYS A 158 22.18 -22.94 -26.83
C LYS A 158 21.30 -23.49 -25.68
N PRO A 159 20.63 -22.62 -24.90
CA PRO A 159 19.74 -23.13 -23.83
C PRO A 159 18.64 -24.03 -24.42
N SER A 160 18.28 -25.11 -23.70
CA SER A 160 17.25 -26.08 -24.11
C SER A 160 15.85 -25.47 -24.02
N GLU B 38 31.66 14.20 12.23
CA GLU B 38 32.72 14.58 11.29
C GLU B 38 32.28 15.89 10.61
N ALA B 39 32.92 17.01 10.99
CA ALA B 39 32.60 18.36 10.51
C ALA B 39 32.66 18.54 9.00
N GLY B 40 33.59 17.81 8.37
CA GLY B 40 33.82 17.84 6.93
C GLY B 40 32.60 17.40 6.15
N ILE B 41 32.13 16.18 6.44
CA ILE B 41 30.96 15.60 5.76
C ILE B 41 29.63 16.21 6.27
N THR B 42 29.50 16.42 7.57
CA THR B 42 28.26 16.99 8.13
C THR B 42 27.96 18.34 7.51
N GLY B 43 26.73 18.50 7.05
CA GLY B 43 26.27 19.75 6.49
C GLY B 43 25.28 19.57 5.37
N THR B 44 25.11 20.63 4.57
CA THR B 44 24.21 20.69 3.42
C THR B 44 25.03 20.66 2.13
N TRP B 45 24.66 19.73 1.23
CA TRP B 45 25.35 19.49 -0.01
C TRP B 45 24.43 19.72 -1.19
N TYR B 46 24.97 20.28 -2.27
CA TYR B 46 24.22 20.63 -3.48
CA TYR B 46 24.22 20.62 -3.48
C TYR B 46 24.79 19.93 -4.70
N ASN B 47 23.90 19.47 -5.59
CA ASN B 47 24.44 18.95 -6.85
CA ASN B 47 24.21 18.88 -6.88
C ASN B 47 24.06 20.02 -7.92
N GLN B 48 24.67 19.98 -9.13
CA GLN B 48 24.40 21.01 -10.16
C GLN B 48 23.00 20.82 -10.77
N LEU B 49 22.43 19.61 -10.57
CA LEU B 49 21.13 19.25 -11.11
C LEU B 49 19.92 19.77 -10.31
N GLY B 50 20.14 20.46 -9.20
CA GLY B 50 19.07 21.06 -8.40
C GLY B 50 18.71 20.30 -7.13
N SER B 51 19.27 19.11 -6.95
CA SER B 51 19.02 18.30 -5.76
CA SER B 51 18.97 18.34 -5.76
C SER B 51 19.92 18.71 -4.63
N THR B 52 19.49 18.46 -3.38
CA THR B 52 20.29 18.80 -2.21
CA THR B 52 20.30 18.78 -2.21
C THR B 52 20.10 17.72 -1.15
N PHE B 53 21.01 17.66 -0.22
CA PHE B 53 20.81 16.75 0.89
C PHE B 53 21.47 17.33 2.09
N ILE B 54 20.94 17.00 3.25
CA ILE B 54 21.51 17.39 4.53
C ILE B 54 21.91 16.09 5.17
N VAL B 55 23.09 16.06 5.76
CA VAL B 55 23.60 14.85 6.37
C VAL B 55 24.34 15.18 7.66
N THR B 56 24.34 14.21 8.59
CA THR B 56 25.13 14.21 9.81
C THR B 56 26.01 12.97 9.74
N ALA B 57 27.32 13.16 9.96
CA ALA B 57 28.27 12.08 9.97
C ALA B 57 28.62 11.84 11.44
N GLY B 58 28.05 10.78 11.99
CA GLY B 58 28.21 10.41 13.41
C GLY B 58 29.57 9.80 13.74
N ALA B 59 29.97 9.86 15.02
CA ALA B 59 31.27 9.32 15.43
C ALA B 59 31.41 7.81 15.16
N ASP B 60 30.29 7.07 15.09
CA ASP B 60 30.29 5.62 14.87
C ASP B 60 30.33 5.19 13.36
N GLY B 61 30.55 6.14 12.44
CA GLY B 61 30.58 5.84 11.01
C GLY B 61 29.23 5.97 10.33
N ALA B 62 28.19 6.41 11.05
CA ALA B 62 26.85 6.53 10.47
C ALA B 62 26.64 7.80 9.70
N LEU B 63 25.93 7.72 8.57
CA LEU B 63 25.45 8.90 7.88
C LEU B 63 23.92 8.85 8.01
N THR B 64 23.31 9.96 8.42
CA THR B 64 21.85 10.06 8.53
CA THR B 64 21.86 10.07 8.58
C THR B 64 21.46 11.42 7.99
N GLY B 65 20.31 11.49 7.35
CA GLY B 65 19.89 12.78 6.81
C GLY B 65 18.68 12.71 5.93
N THR B 66 18.53 13.75 5.08
CA THR B 66 17.36 13.87 4.21
C THR B 66 17.84 14.32 2.85
N TYR B 67 17.27 13.74 1.78
CA TYR B 67 17.61 14.11 0.43
C TYR B 67 16.41 14.82 -0.15
N GLU B 68 16.62 15.96 -0.85
CA GLU B 68 15.52 16.74 -1.43
C GLU B 68 15.74 16.76 -2.93
N SER B 69 14.89 16.05 -3.68
CA SER B 69 15.13 15.98 -5.13
CA SER B 69 15.03 15.96 -5.13
C SER B 69 14.84 17.29 -5.86
N ALA B 70 13.92 18.13 -5.35
CA ALA B 70 13.55 19.44 -5.95
C ALA B 70 13.44 20.52 -4.86
N VAL B 71 13.93 21.73 -5.16
CA VAL B 71 14.00 22.89 -4.24
C VAL B 71 12.64 23.34 -3.65
N GLY B 72 12.62 23.51 -2.32
CA GLY B 72 11.49 24.00 -1.54
C GLY B 72 10.24 23.16 -1.58
N ASN B 73 10.35 21.90 -2.06
CA ASN B 73 9.21 21.01 -2.15
C ASN B 73 9.37 19.91 -1.11
N ALA B 74 8.61 20.02 -0.01
CA ALA B 74 8.61 19.07 1.11
C ALA B 74 8.15 17.68 0.69
N GLU B 75 7.35 17.61 -0.40
CA GLU B 75 6.88 16.37 -0.97
C GLU B 75 8.02 15.64 -1.75
N SER B 76 9.16 16.31 -1.95
CA SER B 76 10.32 15.70 -2.63
C SER B 76 11.44 15.39 -1.61
N ARG B 77 11.10 15.32 -0.31
CA ARG B 77 12.09 15.00 0.75
C ARG B 77 12.02 13.54 1.13
N TYR B 78 13.20 12.86 1.21
CA TYR B 78 13.28 11.42 1.52
C TYR B 78 14.36 11.14 2.53
N VAL B 79 14.19 10.06 3.31
CA VAL B 79 15.18 9.64 4.29
C VAL B 79 16.42 9.12 3.57
N LEU B 80 17.59 9.50 4.08
CA LEU B 80 18.89 9.05 3.56
C LEU B 80 19.63 8.39 4.76
N THR B 81 20.25 7.21 4.52
CA THR B 81 21.08 6.55 5.55
CA THR B 81 21.07 6.54 5.54
C THR B 81 22.26 5.91 4.86
N GLY B 82 23.41 5.94 5.52
CA GLY B 82 24.58 5.34 4.92
C GLY B 82 25.69 5.18 5.93
N ARG B 83 26.93 5.02 5.44
CA ARG B 83 28.10 4.81 6.28
C ARG B 83 29.26 5.56 5.68
N TYR B 84 30.24 5.92 6.51
CA TYR B 84 31.47 6.55 6.01
C TYR B 84 32.63 6.01 6.83
N ASP B 85 33.86 6.15 6.27
CA ASP B 85 35.06 5.72 6.99
C ASP B 85 35.37 6.81 8.04
N SER B 86 35.24 6.47 9.33
CA SER B 86 35.44 7.46 10.41
C SER B 86 36.91 7.64 10.84
N ALA B 87 37.85 6.93 10.17
CA ALA B 87 39.28 7.11 10.43
C ALA B 87 40.00 7.01 9.08
N PRO B 88 39.77 8.01 8.19
CA PRO B 88 40.43 7.97 6.88
C PRO B 88 41.93 8.13 6.96
N ALA B 89 42.60 7.82 5.84
CA ALA B 89 44.05 8.03 5.77
C ALA B 89 44.27 9.55 5.85
N THR B 90 45.42 9.96 6.36
CA THR B 90 45.72 11.40 6.50
C THR B 90 46.70 11.83 5.41
N ASP B 91 46.93 10.95 4.39
CA ASP B 91 47.93 11.12 3.32
C ASP B 91 47.47 11.95 2.08
N GLY B 92 46.32 12.59 2.18
CA GLY B 92 45.76 13.38 1.10
C GLY B 92 44.67 12.64 0.35
N SER B 93 44.40 11.38 0.73
CA SER B 93 43.32 10.61 0.11
C SER B 93 41.96 11.11 0.62
N GLY B 94 40.92 10.83 -0.17
CA GLY B 94 39.56 11.17 0.23
C GLY B 94 39.04 10.21 1.27
N THR B 95 37.85 10.51 1.80
CA THR B 95 37.19 9.67 2.79
C THR B 95 36.04 8.91 2.11
N ALA B 96 36.12 7.58 2.06
CA ALA B 96 35.10 6.76 1.42
C ALA B 96 33.78 6.80 2.17
N LEU B 97 32.66 6.75 1.40
CA LEU B 97 31.32 6.82 1.98
CA LEU B 97 31.34 6.80 1.99
C LEU B 97 30.30 6.27 1.00
N GLY B 98 29.10 6.05 1.49
CA GLY B 98 28.02 5.59 0.62
C GLY B 98 26.72 5.82 1.35
N TRP B 99 25.65 6.02 0.60
CA TRP B 99 24.33 6.13 1.22
C TRP B 99 23.25 5.65 0.29
N THR B 100 22.07 5.38 0.86
CA THR B 100 20.92 4.95 0.08
C THR B 100 19.75 5.89 0.35
N VAL B 101 18.93 6.10 -0.71
CA VAL B 101 17.62 6.75 -0.60
C VAL B 101 16.63 5.83 -1.31
N ALA B 102 15.62 5.33 -0.58
CA ALA B 102 14.50 4.60 -1.21
C ALA B 102 13.47 5.68 -1.50
N TRP B 103 12.97 5.67 -2.74
CA TRP B 103 12.11 6.75 -3.23
C TRP B 103 10.65 6.63 -2.83
N LYS B 104 10.46 6.47 -1.51
CA LYS B 104 9.16 6.48 -0.90
C LYS B 104 9.17 7.48 0.25
N ASN B 105 8.15 8.32 0.27
CA ASN B 105 7.93 9.19 1.40
C ASN B 105 6.41 9.18 1.69
N ASN B 106 5.90 10.11 2.49
CA ASN B 106 4.47 10.07 2.77
C ASN B 106 3.55 10.54 1.63
N TYR B 107 4.16 11.05 0.54
CA TYR B 107 3.46 11.64 -0.60
C TYR B 107 3.59 10.89 -1.91
N ARG B 108 4.74 10.25 -2.11
CA ARG B 108 5.10 9.65 -3.39
C ARG B 108 5.82 8.33 -3.17
N ASN B 109 5.68 7.41 -4.13
CA ASN B 109 6.43 6.17 -4.11
C ASN B 109 6.80 5.75 -5.53
N ALA B 110 8.08 5.80 -5.84
CA ALA B 110 8.54 5.46 -7.19
C ALA B 110 9.02 4.00 -7.28
N HIS B 111 8.80 3.20 -6.22
CA HIS B 111 9.19 1.76 -6.19
C HIS B 111 10.62 1.58 -6.72
N SER B 112 11.56 2.33 -6.09
CA SER B 112 12.95 2.29 -6.56
C SER B 112 13.82 2.86 -5.45
N ALA B 113 15.12 2.65 -5.59
CA ALA B 113 16.06 3.12 -4.58
C ALA B 113 17.38 3.41 -5.26
N THR B 114 18.04 4.47 -4.82
CA THR B 114 19.36 4.81 -5.35
C THR B 114 20.41 4.67 -4.25
N THR B 115 21.59 4.12 -4.62
CA THR B 115 22.73 4.11 -3.73
C THR B 115 23.81 4.96 -4.38
N TRP B 116 24.42 5.85 -3.59
CA TRP B 116 25.57 6.63 -4.06
C TRP B 116 26.80 6.07 -3.34
N SER B 117 27.87 5.83 -4.10
CA SER B 117 29.13 5.32 -3.55
C SER B 117 30.21 6.33 -3.96
N GLY B 118 31.02 6.82 -3.03
CA GLY B 118 31.98 7.83 -3.43
C GLY B 118 32.96 8.20 -2.36
N GLN B 119 33.52 9.41 -2.50
CA GLN B 119 34.46 9.90 -1.50
C GLN B 119 34.33 11.39 -1.31
N TYR B 120 34.55 11.80 -0.05
CA TYR B 120 34.64 13.19 0.37
C TYR B 120 36.10 13.57 0.04
N VAL B 121 36.32 14.52 -0.88
CA VAL B 121 37.67 14.83 -1.43
C VAL B 121 38.63 15.46 -0.43
N GLY B 122 38.14 16.38 0.40
CA GLY B 122 38.99 17.10 1.33
C GLY B 122 39.84 18.09 0.55
N GLY B 123 40.46 19.00 1.23
CA GLY B 123 41.20 20.01 0.50
C GLY B 123 40.29 21.18 0.58
N ALA B 124 40.72 22.31 0.03
CA ALA B 124 40.02 23.57 0.18
C ALA B 124 38.59 23.52 -0.29
N GLU B 125 38.35 23.00 -1.49
CA GLU B 125 36.97 22.95 -1.94
C GLU B 125 36.20 21.79 -1.29
N ALA B 126 35.08 22.08 -0.60
CA ALA B 126 34.25 21.02 -0.01
C ALA B 126 33.51 20.30 -1.17
N ARG B 127 33.89 19.03 -1.44
CA ARG B 127 33.29 18.25 -2.53
C ARG B 127 33.17 16.74 -2.24
N ILE B 128 32.03 16.16 -2.60
CA ILE B 128 31.80 14.71 -2.53
C ILE B 128 31.59 14.24 -3.97
N ASN B 129 32.45 13.30 -4.45
CA ASN B 129 32.35 12.77 -5.82
C ASN B 129 31.79 11.37 -5.75
N THR B 130 30.71 11.13 -6.46
CA THR B 130 30.05 9.82 -6.40
C THR B 130 29.73 9.22 -7.74
N GLN B 131 29.46 7.90 -7.68
CA GLN B 131 28.79 7.16 -8.76
C GLN B 131 27.56 6.56 -8.11
N TRP B 132 26.47 6.37 -8.86
CA TRP B 132 25.26 5.86 -8.23
C TRP B 132 24.57 4.82 -9.09
N LEU B 133 23.76 4.00 -8.41
CA LEU B 133 22.93 2.95 -9.03
C LEU B 133 21.52 3.14 -8.55
N LEU B 134 20.57 3.21 -9.49
CA LEU B 134 19.15 3.40 -9.20
C LEU B 134 18.43 2.15 -9.67
N THR B 135 18.00 1.31 -8.73
CA THR B 135 17.30 0.09 -9.10
C THR B 135 15.83 0.24 -8.85
N SER B 136 15.02 -0.14 -9.84
CA SER B 136 13.56 -0.14 -9.71
CA SER B 136 13.58 -0.13 -9.66
C SER B 136 13.09 -1.56 -9.43
N GLY B 137 11.99 -1.68 -8.69
CA GLY B 137 11.40 -3.01 -8.51
C GLY B 137 10.75 -3.38 -9.84
N THR B 138 11.08 -4.55 -10.39
CA THR B 138 10.53 -4.96 -11.66
C THR B 138 10.07 -6.42 -11.61
N THR B 139 9.28 -6.84 -12.61
CA THR B 139 8.98 -8.24 -12.79
C THR B 139 10.23 -8.90 -13.37
N GLU B 140 10.25 -10.24 -13.39
CA GLU B 140 11.43 -10.98 -13.89
C GLU B 140 11.74 -10.59 -15.32
N ALA B 141 10.69 -10.45 -16.17
CA ALA B 141 10.88 -10.14 -17.58
C ALA B 141 11.62 -8.84 -17.80
N ASN B 142 11.46 -7.86 -16.89
CA ASN B 142 12.08 -6.55 -17.07
C ASN B 142 13.28 -6.32 -16.15
N ALA B 143 13.72 -7.36 -15.42
CA ALA B 143 14.84 -7.18 -14.50
C ALA B 143 16.14 -6.79 -15.20
N TRP B 144 16.31 -7.20 -16.48
CA TRP B 144 17.57 -6.86 -17.18
C TRP B 144 17.77 -5.33 -17.30
N LYS B 145 16.66 -4.55 -17.28
CA LYS B 145 16.72 -3.10 -17.45
C LYS B 145 16.25 -2.38 -16.14
N SER B 146 16.44 -3.07 -14.99
CA SER B 146 16.01 -2.51 -13.68
C SER B 146 16.92 -1.44 -13.15
N THR B 147 18.17 -1.30 -13.67
CA THR B 147 19.11 -0.41 -12.98
C THR B 147 19.75 0.66 -13.86
N LEU B 148 19.64 1.91 -13.43
CA LEU B 148 20.31 3.04 -14.05
C LEU B 148 21.62 3.29 -13.32
N VAL B 149 22.63 3.81 -14.04
CA VAL B 149 23.90 4.18 -13.42
C VAL B 149 24.22 5.61 -13.82
N GLY B 150 24.85 6.34 -12.92
CA GLY B 150 25.25 7.71 -13.21
C GLY B 150 26.28 8.22 -12.23
N HIS B 151 26.52 9.52 -12.23
CA HIS B 151 27.55 10.08 -11.36
C HIS B 151 27.08 11.44 -10.93
N ASP B 152 27.35 11.79 -9.65
CA ASP B 152 26.98 13.09 -9.13
CA ASP B 152 26.96 13.08 -9.08
C ASP B 152 28.13 13.66 -8.33
N THR B 153 28.31 14.98 -8.42
CA THR B 153 29.29 15.66 -7.59
CA THR B 153 29.31 15.67 -7.65
C THR B 153 28.53 16.66 -6.75
N PHE B 154 28.85 16.71 -5.44
CA PHE B 154 28.16 17.60 -4.51
C PHE B 154 29.12 18.56 -3.89
N THR B 155 28.66 19.79 -3.65
CA THR B 155 29.46 20.84 -3.05
C THR B 155 28.70 21.50 -1.93
N LYS B 156 29.42 22.04 -0.93
CA LYS B 156 28.76 22.76 0.15
C LYS B 156 28.41 24.18 -0.29
N VAL B 157 29.13 24.69 -1.31
CA VAL B 157 28.81 26.03 -1.86
C VAL B 157 27.90 25.74 -3.06
N LYS B 158 26.66 26.29 -3.05
CA LYS B 158 25.70 26.05 -4.14
C LYS B 158 26.30 26.46 -5.52
N PRO B 159 26.26 25.58 -6.54
CA PRO B 159 26.79 26.00 -7.86
C PRO B 159 25.96 27.12 -8.47
N SER B 160 26.61 28.00 -9.25
CA SER B 160 25.98 29.15 -9.91
C SER B 160 25.43 28.76 -11.28
N ASN C 1 19.10 -4.67 -25.98
CA ASN C 1 19.66 -5.97 -25.55
C ASN C 1 18.61 -7.08 -25.69
N GLN C 2 17.38 -6.76 -25.33
CA GLN C 2 16.19 -7.54 -25.64
C GLN C 2 15.31 -6.65 -26.51
N TRP C 4 14.16 -4.18 -29.12
CA TRP C 4 14.89 -3.27 -29.99
C TRP C 4 16.26 -2.88 -29.38
N GLN C 5 16.58 -3.40 -28.20
CA GLN C 5 17.87 -3.17 -27.56
C GLN C 5 18.42 -4.55 -27.14
N ALA D 39 8.85 -15.21 5.62
CA ALA D 39 9.04 -14.56 4.32
C ALA D 39 9.30 -13.07 4.48
N GLY D 40 10.21 -12.55 3.67
CA GLY D 40 10.54 -11.12 3.68
C GLY D 40 12.03 -10.83 3.67
N ILE D 41 12.38 -9.55 3.59
CA ILE D 41 13.79 -9.16 3.57
C ILE D 41 14.51 -9.53 4.88
N THR D 42 13.83 -9.37 6.04
CA THR D 42 14.47 -9.67 7.33
C THR D 42 14.99 -11.12 7.33
N GLY D 43 16.23 -11.30 7.77
CA GLY D 43 16.80 -12.63 7.84
C GLY D 43 18.28 -12.64 7.52
N THR D 44 18.80 -13.87 7.39
CA THR D 44 20.21 -14.13 7.10
C THR D 44 20.33 -14.57 5.65
N TRP D 45 21.24 -13.92 4.95
CA TRP D 45 21.44 -14.09 3.53
C TRP D 45 22.87 -14.50 3.22
N TYR D 46 23.05 -15.22 2.10
CA TYR D 46 24.36 -15.70 1.65
CA TYR D 46 24.35 -15.72 1.66
C TYR D 46 24.55 -15.50 0.17
N ASN D 47 25.81 -15.27 -0.26
CA ASN D 47 26.11 -15.26 -1.69
C ASN D 47 26.91 -16.58 -1.95
N GLN D 48 27.38 -16.79 -3.21
CA GLN D 48 28.13 -18.02 -3.52
C GLN D 48 29.65 -17.80 -3.43
N LEU D 49 30.08 -16.67 -2.84
CA LEU D 49 31.50 -16.37 -2.67
C LEU D 49 31.90 -16.29 -1.19
N GLY D 50 31.18 -17.00 -0.34
CA GLY D 50 31.48 -17.13 1.08
C GLY D 50 31.14 -15.96 1.99
N SER D 51 30.28 -15.03 1.55
CA SER D 51 29.88 -13.90 2.41
C SER D 51 28.47 -14.11 2.89
N THR D 52 28.15 -13.44 4.00
CA THR D 52 26.80 -13.54 4.55
C THR D 52 26.45 -12.20 5.18
N PHE D 53 25.15 -11.94 5.30
CA PHE D 53 24.75 -10.77 6.10
C PHE D 53 23.44 -11.06 6.80
N ILE D 54 23.24 -10.40 7.93
CA ILE D 54 21.97 -10.50 8.67
C ILE D 54 21.38 -9.12 8.62
N VAL D 55 20.08 -9.03 8.30
CA VAL D 55 19.45 -7.72 8.16
C VAL D 55 18.06 -7.72 8.77
N THR D 56 17.63 -6.55 9.23
CA THR D 56 16.24 -6.34 9.62
C THR D 56 15.71 -5.24 8.75
N ALA D 57 14.55 -5.47 8.15
CA ALA D 57 13.82 -4.50 7.32
C ALA D 57 12.72 -3.93 8.26
N GLY D 58 12.96 -2.73 8.75
CA GLY D 58 12.08 -2.08 9.73
C GLY D 58 10.84 -1.54 9.09
N ALA D 59 9.77 -1.36 9.89
CA ALA D 59 8.52 -0.89 9.30
C ALA D 59 8.61 0.51 8.64
N ASP D 60 9.59 1.32 9.07
CA ASP D 60 9.86 2.67 8.58
C ASP D 60 10.73 2.72 7.29
N GLY D 61 11.08 1.56 6.74
CA GLY D 61 11.89 1.54 5.51
C GLY D 61 13.38 1.42 5.76
N ALA D 62 13.79 1.25 7.02
CA ALA D 62 15.21 1.11 7.33
C ALA D 62 15.72 -0.30 7.18
N LEU D 63 16.94 -0.43 6.66
CA LEU D 63 17.64 -1.70 6.69
C LEU D 63 18.79 -1.52 7.69
N THR D 64 18.94 -2.46 8.63
CA THR D 64 20.05 -2.43 9.59
CA THR D 64 20.00 -2.42 9.64
C THR D 64 20.57 -3.83 9.74
N GLY D 65 21.87 -3.97 9.96
CA GLY D 65 22.38 -5.32 10.11
C GLY D 65 23.89 -5.36 10.14
N THR D 66 24.42 -6.54 9.82
CA THR D 66 25.86 -6.78 9.85
C THR D 66 26.23 -7.59 8.65
N TYR D 67 27.28 -7.20 7.95
CA TYR D 67 27.78 -7.93 6.79
C TYR D 67 29.06 -8.63 7.21
N GLU D 68 29.18 -9.93 6.92
CA GLU D 68 30.36 -10.73 7.31
C GLU D 68 30.98 -11.18 5.98
N SER D 69 32.14 -10.58 5.64
CA SER D 69 32.87 -10.85 4.38
CA SER D 69 32.72 -10.88 4.33
C SER D 69 33.21 -12.32 4.18
N ALA D 70 33.57 -13.01 5.28
CA ALA D 70 33.92 -14.43 5.19
C ALA D 70 33.15 -15.14 6.29
N VAL D 71 32.19 -16.00 5.89
CA VAL D 71 31.37 -16.77 6.82
C VAL D 71 32.25 -17.45 7.89
N GLY D 72 31.87 -17.27 9.15
CA GLY D 72 32.61 -17.88 10.26
C GLY D 72 33.88 -17.15 10.65
N ASN D 73 34.11 -15.94 10.12
CA ASN D 73 35.29 -15.16 10.53
C ASN D 73 34.75 -13.87 11.15
N ALA D 74 34.69 -13.81 12.50
CA ALA D 74 34.11 -12.67 13.21
C ALA D 74 34.88 -11.37 13.03
N GLU D 75 36.14 -11.48 12.60
CA GLU D 75 36.95 -10.30 12.32
C GLU D 75 36.50 -9.60 11.01
N SER D 76 35.67 -10.27 10.21
CA SER D 76 35.20 -9.75 8.91
C SER D 76 33.78 -9.22 8.99
N ARG D 77 33.31 -8.87 10.19
CA ARG D 77 31.95 -8.34 10.41
C ARG D 77 31.95 -6.82 10.44
N TYR D 78 31.04 -6.21 9.68
CA TYR D 78 30.94 -4.75 9.55
C TYR D 78 29.49 -4.32 9.64
N VAL D 79 29.25 -3.08 10.04
CA VAL D 79 27.88 -2.56 10.08
C VAL D 79 27.36 -2.35 8.67
N LEU D 80 26.08 -2.68 8.47
CA LEU D 80 25.40 -2.36 7.23
C LEU D 80 24.19 -1.49 7.56
N THR D 81 23.92 -0.51 6.73
CA THR D 81 22.72 0.31 6.87
CA THR D 81 22.79 0.38 6.89
C THR D 81 22.20 0.71 5.51
N GLY D 82 20.88 0.72 5.38
CA GLY D 82 20.29 1.07 4.09
C GLY D 82 18.82 1.38 4.19
N ARG D 83 18.13 1.32 3.04
CA ARG D 83 16.73 1.65 2.92
C ARG D 83 16.05 0.70 1.95
N TYR D 84 14.75 0.50 2.12
CA TYR D 84 14.01 -0.30 1.16
C TYR D 84 12.61 0.28 1.01
N ASP D 85 11.95 -0.08 -0.10
CA ASP D 85 10.58 0.34 -0.32
C ASP D 85 9.65 -0.48 0.58
N SER D 86 9.04 0.19 1.59
CA SER D 86 8.17 -0.52 2.53
C SER D 86 6.75 -0.73 2.01
N ALA D 87 6.43 -0.21 0.82
CA ALA D 87 5.10 -0.45 0.22
C ALA D 87 5.28 -0.78 -1.27
N PRO D 88 5.89 -1.95 -1.58
CA PRO D 88 6.17 -2.29 -2.97
C PRO D 88 4.92 -2.66 -3.76
N ALA D 89 5.10 -2.80 -5.08
CA ALA D 89 4.03 -3.25 -5.96
C ALA D 89 3.68 -4.69 -5.66
N THR D 90 2.46 -5.12 -6.05
CA THR D 90 1.95 -6.45 -5.71
C THR D 90 1.95 -7.46 -6.86
N ASP D 91 2.31 -7.04 -8.06
CA ASP D 91 2.19 -7.89 -9.26
C ASP D 91 3.30 -8.93 -9.48
N GLY D 92 4.15 -9.09 -8.49
CA GLY D 92 5.31 -9.98 -8.63
C GLY D 92 6.60 -9.18 -8.84
N SER D 93 6.50 -7.84 -8.97
CA SER D 93 7.65 -6.96 -9.05
C SER D 93 8.45 -7.07 -7.76
N GLY D 94 9.76 -6.95 -7.87
CA GLY D 94 10.62 -6.97 -6.68
C GLY D 94 10.45 -5.72 -5.83
N THR D 95 11.07 -5.76 -4.63
CA THR D 95 11.06 -4.66 -3.67
C THR D 95 12.44 -4.00 -3.78
N ALA D 96 12.46 -2.74 -4.21
CA ALA D 96 13.71 -2.01 -4.35
C ALA D 96 14.35 -1.75 -3.03
N LEU D 97 15.70 -1.83 -3.00
CA LEU D 97 16.43 -1.65 -1.75
CA LEU D 97 16.42 -1.63 -1.75
C LEU D 97 17.87 -1.26 -2.05
N GLY D 98 18.58 -0.81 -1.01
CA GLY D 98 19.99 -0.55 -1.16
C GLY D 98 20.61 -0.50 0.23
N TRP D 99 21.92 -0.79 0.31
CA TRP D 99 22.61 -0.67 1.59
C TRP D 99 24.08 -0.33 1.37
N THR D 100 24.69 0.19 2.43
CA THR D 100 26.10 0.51 2.41
C THR D 100 26.82 -0.21 3.56
N VAL D 101 28.06 -0.63 3.26
CA VAL D 101 29.00 -1.10 4.26
C VAL D 101 30.28 -0.25 4.07
N ALA D 102 30.72 0.48 5.11
CA ALA D 102 32.03 1.14 5.10
C ALA D 102 32.97 0.09 5.71
N TRP D 103 34.11 -0.21 5.03
CA TRP D 103 34.98 -1.32 5.40
C TRP D 103 35.90 -1.01 6.58
N LYS D 104 35.30 -0.47 7.65
CA LYS D 104 36.01 -0.22 8.92
C LYS D 104 35.25 -0.91 10.02
N ASN D 105 35.98 -1.69 10.85
CA ASN D 105 35.41 -2.28 12.07
C ASN D 105 36.44 -2.10 13.19
N ASN D 106 36.29 -2.79 14.34
CA ASN D 106 37.25 -2.60 15.45
C ASN D 106 38.66 -3.10 15.14
N TYR D 107 38.80 -3.93 14.08
CA TYR D 107 40.05 -4.62 13.79
C TYR D 107 40.74 -4.22 12.50
N ARG D 108 39.95 -3.82 11.48
CA ARG D 108 40.44 -3.60 10.12
C ARG D 108 39.80 -2.37 9.48
N ASN D 109 40.58 -1.65 8.68
CA ASN D 109 40.08 -0.49 7.96
C ASN D 109 40.68 -0.49 6.56
N ALA D 110 39.80 -0.73 5.54
CA ALA D 110 40.24 -0.76 4.14
C ALA D 110 39.96 0.56 3.39
N HIS D 111 39.64 1.64 4.15
CA HIS D 111 39.39 3.00 3.61
C HIS D 111 38.58 2.94 2.34
N SER D 112 37.40 2.34 2.43
CA SER D 112 36.56 2.09 1.26
C SER D 112 35.16 1.77 1.74
N ALA D 113 34.21 1.79 0.81
CA ALA D 113 32.82 1.48 1.13
C ALA D 113 32.17 0.91 -0.09
N THR D 114 31.30 -0.09 0.15
CA THR D 114 30.55 -0.65 -0.96
C THR D 114 29.09 -0.32 -0.76
N THR D 115 28.41 0.02 -1.86
CA THR D 115 26.97 0.14 -1.84
C THR D 115 26.37 -0.93 -2.72
N TRP D 116 25.36 -1.64 -2.23
CA TRP D 116 24.64 -2.62 -3.05
C TRP D 116 23.27 -2.03 -3.35
N SER D 117 22.87 -2.06 -4.64
CA SER D 117 21.58 -1.54 -5.08
C SER D 117 20.86 -2.70 -5.78
N GLY D 118 19.60 -2.97 -5.40
CA GLY D 118 18.97 -4.11 -6.02
C GLY D 118 17.52 -4.27 -5.67
N GLN D 119 17.06 -5.51 -5.78
CA GLN D 119 15.67 -5.76 -5.45
C GLN D 119 15.53 -7.14 -4.82
N TYR D 120 14.60 -7.23 -3.88
CA TYR D 120 14.22 -8.48 -3.22
C TYR D 120 13.07 -9.06 -4.02
N VAL D 121 13.13 -10.37 -4.32
CA VAL D 121 12.09 -11.06 -5.08
C VAL D 121 11.68 -12.26 -4.22
N GLY D 122 10.39 -12.38 -3.96
CA GLY D 122 9.90 -13.48 -3.15
C GLY D 122 9.70 -14.75 -3.94
N GLY D 123 8.81 -15.59 -3.44
CA GLY D 123 8.51 -16.89 -4.03
C GLY D 123 9.11 -18.01 -3.22
N ALA D 124 9.20 -19.21 -3.80
CA ALA D 124 9.69 -20.40 -3.09
C ALA D 124 11.10 -20.21 -2.58
N GLU D 125 11.98 -19.63 -3.40
CA GLU D 125 13.34 -19.36 -2.95
C GLU D 125 13.57 -17.88 -3.16
N ALA D 126 13.36 -17.10 -2.11
CA ALA D 126 13.53 -15.66 -2.18
C ALA D 126 14.96 -15.27 -2.51
N ARG D 127 15.13 -14.14 -3.21
CA ARG D 127 16.47 -13.74 -3.62
C ARG D 127 16.61 -12.26 -3.52
N ILE D 128 17.85 -11.79 -3.31
CA ILE D 128 18.13 -10.36 -3.41
C ILE D 128 19.15 -10.24 -4.53
N ASN D 129 18.76 -9.62 -5.64
CA ASN D 129 19.63 -9.44 -6.82
C ASN D 129 20.17 -8.04 -6.80
N THR D 130 21.50 -7.91 -6.85
CA THR D 130 22.11 -6.60 -6.73
C THR D 130 23.21 -6.34 -7.69
N GLN D 131 23.48 -5.04 -7.83
CA GLN D 131 24.68 -4.53 -8.47
C GLN D 131 25.35 -3.68 -7.40
N TRP D 132 26.68 -3.58 -7.42
CA TRP D 132 27.35 -2.87 -6.34
C TRP D 132 28.47 -1.98 -6.85
N LEU D 133 28.82 -0.97 -6.02
CA LEU D 133 29.91 -0.05 -6.31
C LEU D 133 30.81 0.00 -5.08
N LEU D 134 32.09 -0.25 -5.27
CA LEU D 134 33.07 -0.26 -4.18
C LEU D 134 34.06 0.88 -4.43
N THR D 135 33.92 1.97 -3.65
CA THR D 135 34.79 3.11 -3.82
C THR D 135 35.83 3.17 -2.71
N SER D 136 37.10 3.41 -3.07
CA SER D 136 38.19 3.57 -2.11
CA SER D 136 38.16 3.57 -2.10
C SER D 136 38.55 5.03 -2.01
N GLY D 137 39.03 5.43 -0.85
CA GLY D 137 39.56 6.79 -0.66
C GLY D 137 40.86 6.82 -1.42
N THR D 138 41.00 7.78 -2.35
CA THR D 138 42.24 7.93 -3.15
C THR D 138 42.63 9.41 -3.25
N THR D 139 43.81 9.68 -3.86
CA THR D 139 44.17 11.06 -4.16
C THR D 139 43.37 11.42 -5.46
N GLU D 140 43.33 12.71 -5.83
CA GLU D 140 42.65 13.14 -7.05
C GLU D 140 43.31 12.50 -8.26
N ALA D 141 44.67 12.38 -8.28
CA ALA D 141 45.38 11.74 -9.41
C ALA D 141 44.94 10.26 -9.61
N ASN D 142 44.58 9.53 -8.54
CA ASN D 142 44.16 8.13 -8.66
C ASN D 142 42.63 7.94 -8.66
N ALA D 143 41.86 9.04 -8.58
CA ALA D 143 40.39 8.92 -8.49
C ALA D 143 39.74 8.21 -9.67
N TRP D 144 40.37 8.29 -10.87
CA TRP D 144 39.78 7.64 -12.04
C TRP D 144 39.64 6.13 -11.81
N LYS D 145 40.49 5.52 -10.96
CA LYS D 145 40.45 4.07 -10.71
C LYS D 145 39.97 3.75 -9.27
N SER D 146 39.19 4.68 -8.69
CA SER D 146 38.70 4.53 -7.31
C SER D 146 37.53 3.59 -7.12
N THR D 147 36.80 3.25 -8.21
CA THR D 147 35.54 2.54 -8.02
C THR D 147 35.43 1.24 -8.82
N LEU D 148 35.22 0.13 -8.11
CA LEU D 148 34.95 -1.18 -8.69
C LEU D 148 33.44 -1.35 -8.82
N VAL D 149 33.01 -2.10 -9.84
CA VAL D 149 31.57 -2.41 -10.02
C VAL D 149 31.42 -3.90 -10.19
N GLY D 150 30.35 -4.44 -9.63
CA GLY D 150 30.07 -5.85 -9.79
C GLY D 150 28.61 -6.15 -9.52
N HIS D 151 28.32 -7.43 -9.37
CA HIS D 151 26.95 -7.87 -9.13
C HIS D 151 26.98 -9.10 -8.24
N ASP D 152 25.96 -9.22 -7.37
CA ASP D 152 25.85 -10.38 -6.51
CA ASP D 152 25.84 -10.30 -6.38
C ASP D 152 24.39 -10.73 -6.31
N THR D 153 24.13 -12.03 -6.17
CA THR D 153 22.80 -12.50 -5.83
CA THR D 153 22.80 -12.54 -5.88
C THR D 153 22.89 -13.23 -4.50
N PHE D 154 21.94 -12.92 -3.62
CA PHE D 154 21.87 -13.54 -2.30
C PHE D 154 20.62 -14.36 -2.15
N THR D 155 20.74 -15.42 -1.35
CA THR D 155 19.60 -16.28 -1.00
CA THR D 155 19.66 -16.35 -1.02
C THR D 155 19.69 -16.59 0.50
N LYS D 156 18.59 -17.11 1.06
CA LYS D 156 18.60 -17.45 2.49
C LYS D 156 19.15 -18.87 2.69
N VAL D 157 19.40 -19.59 1.59
CA VAL D 157 19.89 -20.99 1.69
C VAL D 157 21.42 -20.97 1.87
N LYS D 158 21.90 -21.50 3.00
CA LYS D 158 23.33 -21.57 3.29
C LYS D 158 24.01 -22.52 2.30
N PRO D 159 25.05 -22.07 1.55
CA PRO D 159 25.72 -22.95 0.58
C PRO D 159 26.31 -24.19 1.28
N SER D 160 26.19 -25.36 0.63
CA SER D 160 26.69 -26.63 1.17
C SER D 160 28.17 -26.84 0.85
N ASN E 1 16.16 10.55 -8.16
CA ASN E 1 17.31 11.48 -7.98
C ASN E 1 16.87 12.89 -8.37
N GLN E 2 16.11 12.97 -9.49
CA GLN E 2 15.41 14.16 -9.98
C GLN E 2 13.95 13.76 -9.97
N TRP E 4 10.60 12.36 -8.97
CA TRP E 4 10.21 11.36 -7.99
C TRP E 4 11.41 10.48 -7.59
N GLN E 5 12.59 10.69 -8.22
CA GLN E 5 13.78 9.90 -7.85
C GLN E 5 14.96 10.87 -7.66
N ASN F 1 34.33 -6.56 0.11
CA ASN F 1 33.27 -7.54 -0.21
C ASN F 1 33.73 -8.95 0.13
N GLN F 2 34.98 -9.25 -0.23
CA GLN F 2 35.72 -10.45 0.17
C GLN F 2 36.92 -9.95 0.96
N TRP F 4 39.08 -7.96 3.33
CA TRP F 4 38.84 -6.70 4.06
C TRP F 4 37.73 -5.85 3.40
N GLN F 5 37.23 -6.31 2.27
CA GLN F 5 36.15 -5.63 1.55
C GLN F 5 35.05 -6.65 1.27
N GLU G 38 -25.28 20.21 -31.21
CA GLU G 38 -26.25 19.44 -30.45
C GLU G 38 -26.16 19.92 -28.99
N ALA G 39 -27.15 20.77 -28.58
CA ALA G 39 -27.25 21.42 -27.27
C ALA G 39 -27.27 20.46 -26.06
N GLY G 40 -27.75 19.24 -26.25
CA GLY G 40 -27.82 18.23 -25.20
C GLY G 40 -26.45 17.74 -24.75
N ILE G 41 -25.58 17.39 -25.73
CA ILE G 41 -24.21 16.90 -25.46
C ILE G 41 -23.24 18.07 -25.22
N THR G 42 -23.31 19.13 -26.03
CA THR G 42 -22.42 20.26 -25.86
C THR G 42 -22.53 20.85 -24.46
N GLY G 43 -21.39 21.01 -23.78
CA GLY G 43 -21.36 21.57 -22.44
C GLY G 43 -20.22 21.05 -21.61
N THR G 44 -20.29 21.31 -20.29
CA THR G 44 -19.26 20.89 -19.36
C THR G 44 -19.80 19.78 -18.51
N TRP G 45 -19.09 18.66 -18.49
CA TRP G 45 -19.49 17.45 -17.77
C TRP G 45 -18.42 17.08 -16.74
N TYR G 46 -18.83 16.37 -15.71
CA TYR G 46 -17.92 15.95 -14.65
CA TYR G 46 -17.96 15.97 -14.61
C TYR G 46 -18.12 14.49 -14.37
N ASN G 47 -17.01 13.75 -14.21
CA ASN G 47 -17.19 12.32 -13.91
C ASN G 47 -17.22 12.09 -12.40
N GLN G 48 -17.32 10.82 -11.99
CA GLN G 48 -17.41 10.45 -10.57
C GLN G 48 -16.12 10.71 -9.77
N LEU G 49 -15.02 10.99 -10.50
CA LEU G 49 -13.70 11.23 -9.90
C LEU G 49 -13.32 12.71 -9.97
N GLY G 50 -14.26 13.53 -10.45
CA GLY G 50 -14.09 14.97 -10.55
C GLY G 50 -13.34 15.49 -11.78
N SER G 51 -12.97 14.61 -12.72
CA SER G 51 -12.37 15.06 -13.97
C SER G 51 -13.44 15.88 -14.73
N THR G 52 -13.01 16.81 -15.58
CA THR G 52 -13.91 17.72 -16.31
C THR G 52 -13.75 17.47 -17.81
N PHE G 53 -14.88 17.29 -18.49
CA PHE G 53 -14.97 17.00 -19.91
C PHE G 53 -15.77 18.17 -20.52
N ILE G 54 -15.10 19.03 -21.30
CA ILE G 54 -15.74 20.19 -21.96
C ILE G 54 -15.81 19.83 -23.44
N VAL G 55 -17.04 19.74 -23.97
CA VAL G 55 -17.20 19.23 -25.33
C VAL G 55 -18.15 20.06 -26.15
N THR G 56 -17.92 20.08 -27.48
CA THR G 56 -18.82 20.69 -28.44
C THR G 56 -19.18 19.59 -29.43
N ALA G 57 -20.50 19.36 -29.64
CA ALA G 57 -21.01 18.38 -30.58
C ALA G 57 -21.45 19.15 -31.83
N GLY G 58 -20.69 18.98 -32.92
CA GLY G 58 -20.93 19.68 -34.18
C GLY G 58 -22.01 19.07 -35.01
N ALA G 59 -22.63 19.85 -35.93
CA ALA G 59 -23.73 19.34 -36.75
C ALA G 59 -23.30 18.18 -37.65
N ASP G 60 -21.97 18.08 -37.93
CA ASP G 60 -21.38 17.04 -38.78
C ASP G 60 -21.04 15.72 -38.01
N GLY G 61 -21.44 15.61 -36.74
CA GLY G 61 -21.15 14.41 -35.96
C GLY G 61 -19.81 14.44 -35.23
N ALA G 62 -19.11 15.58 -35.27
CA ALA G 62 -17.80 15.71 -34.62
C ALA G 62 -17.93 16.08 -33.14
N LEU G 63 -17.05 15.48 -32.31
CA LEU G 63 -16.92 15.93 -30.92
C LEU G 63 -15.53 16.55 -30.81
N THR G 64 -15.45 17.76 -30.20
CA THR G 64 -14.17 18.43 -29.99
CA THR G 64 -14.18 18.45 -30.03
C THR G 64 -14.23 19.04 -28.62
N GLY G 65 -13.08 19.19 -28.00
CA GLY G 65 -13.06 19.79 -26.68
C GLY G 65 -11.79 19.51 -25.92
N THR G 66 -11.89 19.58 -24.59
CA THR G 66 -10.75 19.35 -23.71
C THR G 66 -11.16 18.48 -22.54
N TYR G 67 -10.19 17.74 -22.03
CA TYR G 67 -10.39 16.87 -20.89
C TYR G 67 -9.38 17.28 -19.83
N GLU G 68 -9.86 17.53 -18.59
CA GLU G 68 -9.04 17.94 -17.45
CA GLU G 68 -9.03 17.93 -17.48
C GLU G 68 -9.10 16.82 -16.45
N SER G 69 -7.99 16.09 -16.27
CA SER G 69 -8.03 14.98 -15.34
C SER G 69 -8.13 15.38 -13.88
N ALA G 70 -7.58 16.56 -13.47
CA ALA G 70 -7.60 17.08 -12.09
C ALA G 70 -8.12 18.52 -12.05
N VAL G 71 -8.95 18.84 -11.05
CA VAL G 71 -9.53 20.19 -10.89
C VAL G 71 -8.49 21.22 -10.48
N GLY G 72 -8.42 22.32 -11.23
CA GLY G 72 -7.55 23.45 -10.91
C GLY G 72 -6.31 23.73 -11.72
N ASN G 73 -5.78 22.77 -12.53
CA ASN G 73 -4.55 23.10 -13.26
C ASN G 73 -4.60 22.83 -14.76
N ALA G 74 -4.02 23.79 -15.52
CA ALA G 74 -3.84 23.79 -16.97
C ALA G 74 -2.91 22.65 -17.40
N GLU G 75 -1.98 22.25 -16.50
CA GLU G 75 -1.04 21.17 -16.71
C GLU G 75 -1.77 19.85 -16.94
N SER G 76 -3.01 19.70 -16.42
CA SER G 76 -3.76 18.46 -16.60
C SER G 76 -4.87 18.57 -17.65
N ARG G 77 -4.80 19.55 -18.57
CA ARG G 77 -5.79 19.73 -19.65
C ARG G 77 -5.24 19.19 -20.99
N TYR G 78 -6.06 18.38 -21.67
CA TYR G 78 -5.66 17.71 -22.92
C TYR G 78 -6.73 17.84 -23.98
N VAL G 79 -6.33 17.80 -25.24
CA VAL G 79 -7.22 17.83 -26.39
C VAL G 79 -7.97 16.51 -26.51
N LEU G 80 -9.23 16.60 -26.91
CA LEU G 80 -9.97 15.40 -27.23
C LEU G 80 -10.70 15.60 -28.55
N THR G 81 -10.91 14.50 -29.25
CA THR G 81 -11.71 14.48 -30.47
CA THR G 81 -11.69 14.47 -30.50
C THR G 81 -12.48 13.18 -30.52
N GLY G 82 -13.64 13.21 -31.13
CA GLY G 82 -14.48 12.02 -31.21
C GLY G 82 -15.62 12.21 -32.18
N ARG G 83 -16.59 11.32 -32.07
CA ARG G 83 -17.75 11.32 -32.96
C ARG G 83 -18.99 10.96 -32.17
N TYR G 84 -20.15 11.37 -32.69
CA TYR G 84 -21.41 10.97 -32.05
C TYR G 84 -22.43 10.78 -33.14
N ASP G 85 -23.51 10.04 -32.83
CA ASP G 85 -24.59 9.82 -33.78
C ASP G 85 -25.45 11.10 -33.85
N SER G 86 -25.40 11.80 -34.99
CA SER G 86 -26.15 13.07 -35.14
C SER G 86 -27.62 12.88 -35.50
N ALA G 87 -28.07 11.61 -35.67
CA ALA G 87 -29.49 11.34 -35.94
C ALA G 87 -29.89 10.10 -35.14
N PRO G 88 -29.97 10.22 -33.80
CA PRO G 88 -30.31 9.05 -33.00
C PRO G 88 -31.74 8.57 -33.21
N ALA G 89 -32.00 7.34 -32.73
CA ALA G 89 -33.33 6.76 -32.82
C ALA G 89 -34.30 7.60 -31.95
N THR G 90 -35.58 7.59 -32.32
CA THR G 90 -36.61 8.36 -31.61
C THR G 90 -37.51 7.45 -30.77
N ASP G 91 -36.96 6.32 -30.28
CA ASP G 91 -37.71 5.32 -29.52
C ASP G 91 -37.37 5.33 -28.02
N GLY G 92 -36.64 6.35 -27.56
CA GLY G 92 -36.23 6.45 -26.16
C GLY G 92 -34.81 6.00 -25.91
N SER G 93 -34.12 5.54 -26.97
CA SER G 93 -32.73 5.11 -26.89
C SER G 93 -31.79 6.30 -26.70
N GLY G 94 -30.64 6.04 -26.09
CA GLY G 94 -29.59 7.04 -25.94
C GLY G 94 -28.91 7.30 -27.28
N THR G 95 -27.95 8.27 -27.25
CA THR G 95 -27.18 8.69 -28.41
C THR G 95 -25.77 8.17 -28.29
N ALA G 96 -25.40 7.25 -29.19
CA ALA G 96 -24.06 6.68 -29.12
C ALA G 96 -22.96 7.72 -29.46
N LEU G 97 -21.80 7.58 -28.78
CA LEU G 97 -20.67 8.49 -28.97
CA LEU G 97 -20.68 8.48 -29.00
C LEU G 97 -19.37 7.88 -28.50
N GLY G 98 -18.28 8.52 -28.84
CA GLY G 98 -16.98 8.10 -28.34
C GLY G 98 -15.98 9.22 -28.54
N TRP G 99 -14.90 9.19 -27.74
CA TRP G 99 -13.85 10.17 -27.94
C TRP G 99 -12.53 9.62 -27.43
N THR G 100 -11.43 10.24 -27.86
CA THR G 100 -10.10 9.85 -27.46
C THR G 100 -9.36 11.04 -26.89
N VAL G 101 -8.53 10.75 -25.87
CA VAL G 101 -7.53 11.69 -25.35
C VAL G 101 -6.16 10.97 -25.42
N ALA G 102 -5.17 11.57 -26.10
CA ALA G 102 -3.80 11.04 -26.01
C ALA G 102 -3.21 11.89 -24.89
N TRP G 103 -2.55 11.24 -23.92
CA TRP G 103 -2.08 11.88 -22.70
C TRP G 103 -0.75 12.64 -22.87
N LYS G 104 -0.76 13.52 -23.88
CA LYS G 104 0.37 14.44 -24.14
C LYS G 104 -0.22 15.84 -24.28
N ASN G 105 0.40 16.79 -23.57
CA ASN G 105 0.07 18.21 -23.71
C ASN G 105 1.43 18.94 -23.65
N ASN G 106 1.43 20.27 -23.54
CA ASN G 106 2.71 20.97 -23.56
C ASN G 106 3.53 20.80 -22.26
N TYR G 107 2.95 20.15 -21.25
CA TYR G 107 3.61 20.00 -19.95
C TYR G 107 4.01 18.59 -19.60
N ARG G 108 3.20 17.60 -20.04
CA ARG G 108 3.39 16.21 -19.63
C ARG G 108 3.14 15.27 -20.80
N ASN G 109 3.77 14.07 -20.75
CA ASN G 109 3.52 13.02 -21.74
C ASN G 109 3.60 11.68 -21.04
N ALA G 110 2.43 10.99 -20.95
CA ALA G 110 2.33 9.69 -20.29
C ALA G 110 2.43 8.54 -21.30
N HIS G 111 2.75 8.86 -22.59
CA HIS G 111 2.90 7.81 -23.62
C HIS G 111 1.74 6.81 -23.57
N SER G 112 0.52 7.35 -23.61
CA SER G 112 -0.70 6.55 -23.48
C SER G 112 -1.90 7.33 -24.01
N ALA G 113 -3.00 6.61 -24.24
CA ALA G 113 -4.22 7.23 -24.73
C ALA G 113 -5.43 6.51 -24.20
N THR G 114 -6.48 7.27 -23.88
CA THR G 114 -7.71 6.63 -23.42
C THR G 114 -8.81 6.92 -24.42
N THR G 115 -9.63 5.89 -24.68
CA THR G 115 -10.82 6.08 -25.48
C THR G 115 -12.04 5.80 -24.60
N TRP G 116 -13.04 6.70 -24.65
CA TRP G 116 -14.31 6.48 -23.95
C TRP G 116 -15.35 6.17 -24.99
N SER G 117 -16.11 5.08 -24.77
CA SER G 117 -17.18 4.68 -25.69
C SER G 117 -18.45 4.65 -24.87
N GLY G 118 -19.51 5.29 -25.36
CA GLY G 118 -20.70 5.30 -24.50
C GLY G 118 -21.91 5.88 -25.16
N GLN G 119 -22.85 6.36 -24.34
CA GLN G 119 -24.05 6.96 -24.86
C GLN G 119 -24.52 8.10 -23.97
N TYR G 120 -25.06 9.13 -24.60
CA TYR G 120 -25.68 10.27 -23.93
C TYR G 120 -27.12 9.86 -23.67
N VAL G 121 -27.62 10.04 -22.43
CA VAL G 121 -28.99 9.70 -22.08
C VAL G 121 -29.62 11.00 -21.59
N GLY G 122 -30.68 11.44 -22.27
CA GLY G 122 -31.37 12.68 -21.92
C GLY G 122 -32.24 12.49 -20.70
N GLY G 123 -33.03 13.48 -20.38
CA GLY G 123 -33.88 13.37 -19.20
C GLY G 123 -33.56 14.48 -18.23
N ALA G 124 -34.26 14.50 -17.11
CA ALA G 124 -34.09 15.58 -16.12
C ALA G 124 -32.66 15.63 -15.62
N GLU G 125 -32.05 14.47 -15.35
CA GLU G 125 -30.63 14.43 -14.97
C GLU G 125 -29.88 13.73 -16.11
N ALA G 126 -29.46 14.53 -17.09
CA ALA G 126 -28.77 13.99 -18.27
C ALA G 126 -27.47 13.36 -17.86
N ARG G 127 -27.06 12.34 -18.62
CA ARG G 127 -25.79 11.72 -18.28
C ARG G 127 -25.11 11.20 -19.52
N ILE G 128 -23.81 11.02 -19.41
CA ILE G 128 -23.07 10.33 -20.47
C ILE G 128 -22.48 9.10 -19.74
N ASN G 129 -22.95 7.89 -20.11
CA ASN G 129 -22.47 6.64 -19.50
C ASN G 129 -21.45 6.03 -20.42
N THR G 130 -20.24 5.78 -19.90
CA THR G 130 -19.18 5.25 -20.76
C THR G 130 -18.42 4.09 -20.14
N GLN G 131 -17.72 3.39 -21.03
CA GLN G 131 -16.69 2.43 -20.67
C GLN G 131 -15.44 2.90 -21.39
N TRP G 132 -14.25 2.66 -20.82
CA TRP G 132 -13.05 3.21 -21.45
C TRP G 132 -11.90 2.20 -21.47
N LEU G 133 -10.97 2.44 -22.41
CA LEU G 133 -9.75 1.65 -22.57
C LEU G 133 -8.59 2.62 -22.59
N LEU G 134 -7.60 2.36 -21.70
CA LEU G 134 -6.40 3.17 -21.60
C LEU G 134 -5.26 2.30 -22.04
N THR G 135 -4.71 2.60 -23.25
CA THR G 135 -3.57 1.81 -23.73
C THR G 135 -2.29 2.60 -23.58
N SER G 136 -1.24 1.96 -23.05
CA SER G 136 0.08 2.55 -22.92
CA SER G 136 0.06 2.60 -22.95
C SER G 136 0.98 2.04 -24.03
N GLY G 137 1.89 2.89 -24.51
CA GLY G 137 2.90 2.42 -25.46
C GLY G 137 3.85 1.51 -24.67
N THR G 138 4.04 0.26 -25.14
CA THR G 138 4.88 -0.71 -24.44
C THR G 138 5.81 -1.39 -25.42
N THR G 139 6.84 -2.08 -24.87
CA THR G 139 7.67 -2.95 -25.68
C THR G 139 6.87 -4.24 -25.89
N GLU G 140 7.34 -5.13 -26.78
CA GLU G 140 6.62 -6.35 -27.09
C GLU G 140 6.42 -7.20 -25.86
N ALA G 141 7.47 -7.29 -25.02
CA ALA G 141 7.43 -8.11 -23.81
C ALA G 141 6.28 -7.74 -22.90
N ASN G 142 5.91 -6.45 -22.87
CA ASN G 142 4.89 -5.99 -21.94
C ASN G 142 3.54 -5.68 -22.59
N ALA G 143 3.39 -5.98 -23.90
CA ALA G 143 2.15 -5.63 -24.57
C ALA G 143 0.92 -6.33 -24.04
N TRP G 144 1.10 -7.51 -23.43
CA TRP G 144 -0.05 -8.25 -22.91
C TRP G 144 -0.77 -7.47 -21.83
N LYS G 145 -0.04 -6.58 -21.13
CA LYS G 145 -0.62 -5.78 -20.01
C LYS G 145 -0.59 -4.26 -20.36
N SER G 146 -0.73 -3.95 -21.67
CA SER G 146 -0.73 -2.55 -22.11
C SER G 146 -2.03 -1.81 -21.84
N THR G 147 -3.16 -2.52 -21.59
CA THR G 147 -4.46 -1.86 -21.59
C THR G 147 -5.26 -2.01 -20.32
N LEU G 148 -5.66 -0.87 -19.73
CA LEU G 148 -6.57 -0.85 -18.56
C LEU G 148 -8.00 -0.61 -19.08
N VAL G 149 -9.02 -1.12 -18.36
CA VAL G 149 -10.42 -0.91 -18.72
C VAL G 149 -11.13 -0.38 -17.50
N GLY G 150 -12.09 0.53 -17.73
CA GLY G 150 -12.91 1.04 -16.64
C GLY G 150 -14.21 1.63 -17.15
N HIS G 151 -14.92 2.33 -16.28
CA HIS G 151 -16.20 2.91 -16.65
C HIS G 151 -16.34 4.23 -15.92
N ASP G 152 -16.88 5.22 -16.62
CA ASP G 152 -17.11 6.56 -16.07
CA ASP G 152 -17.12 6.58 -16.09
C ASP G 152 -18.52 7.03 -16.42
N THR G 153 -19.17 7.70 -15.46
CA THR G 153 -20.46 8.33 -15.72
CA THR G 153 -20.48 8.31 -15.66
C THR G 153 -20.27 9.82 -15.54
N PHE G 154 -20.70 10.58 -16.53
CA PHE G 154 -20.56 12.03 -16.51
C PHE G 154 -21.89 12.67 -16.32
N THR G 155 -21.92 13.72 -15.48
CA THR G 155 -23.15 14.47 -15.28
C THR G 155 -22.85 15.93 -15.28
N LYS G 156 -23.89 16.76 -15.11
CA LYS G 156 -23.66 18.20 -14.96
C LYS G 156 -23.30 18.64 -13.55
N VAL G 157 -23.38 17.74 -12.54
CA VAL G 157 -23.11 18.12 -11.16
C VAL G 157 -21.59 18.32 -10.92
N LYS G 158 -21.20 19.57 -10.57
CA LYS G 158 -19.83 20.03 -10.28
C LYS G 158 -19.06 19.12 -9.31
N ASN H 1 -6.21 9.31 -16.94
CA ASN H 1 -7.59 9.61 -16.50
C ASN H 1 -7.56 10.27 -15.13
N GLN H 2 -6.60 9.85 -14.28
CA GLN H 2 -6.26 10.50 -13.03
C GLN H 2 -4.77 10.83 -13.14
N TRP H 4 -1.47 11.98 -14.58
CA TRP H 4 -1.01 12.21 -15.95
C TRP H 4 -1.89 11.47 -16.96
N GLN H 5 -2.90 10.69 -16.48
CA GLN H 5 -3.84 9.99 -17.37
C GLN H 5 -5.27 10.29 -16.93
N ALA I 39 7.21 5.24 -43.73
CA ALA I 39 6.85 4.62 -42.45
C ALA I 39 6.18 5.62 -41.51
N GLY I 40 5.25 5.12 -40.70
CA GLY I 40 4.51 5.92 -39.73
C GLY I 40 3.06 5.50 -39.68
N ILE I 41 2.27 6.17 -38.82
CA ILE I 41 0.84 5.87 -38.71
C ILE I 41 0.09 6.25 -40.00
N THR I 42 0.46 7.38 -40.64
CA THR I 42 -0.25 7.78 -41.85
C THR I 42 -0.19 6.67 -42.89
N GLY I 43 -1.35 6.35 -43.43
CA GLY I 43 -1.45 5.32 -44.47
C GLY I 43 -2.77 4.61 -44.49
N THR I 44 -2.80 3.49 -45.25
CA THR I 44 -3.97 2.63 -45.38
C THR I 44 -3.67 1.34 -44.62
N TRP I 45 -4.60 0.96 -43.75
CA TRP I 45 -4.46 -0.18 -42.86
C TRP I 45 -5.59 -1.14 -43.12
N TYR I 46 -5.31 -2.43 -42.88
CA TYR I 46 -6.26 -3.53 -43.09
CA TYR I 46 -6.26 -3.53 -43.08
C TYR I 46 -6.29 -4.42 -41.86
N ASN I 47 -7.46 -4.95 -41.51
CA ASN I 47 -7.52 -5.89 -40.37
C ASN I 47 -7.67 -7.28 -40.96
N GLN I 48 -7.84 -8.30 -40.11
CA GLN I 48 -7.96 -9.69 -40.57
C GLN I 48 -9.39 -10.07 -41.02
N LEU I 49 -10.32 -9.10 -41.02
CA LEU I 49 -11.74 -9.35 -41.31
C LEU I 49 -12.36 -8.63 -42.55
N GLY I 50 -11.54 -8.10 -43.43
CA GLY I 50 -12.05 -7.44 -44.63
C GLY I 50 -12.29 -5.94 -44.48
N SER I 51 -11.96 -5.36 -43.30
CA SER I 51 -12.13 -3.90 -43.10
C SER I 51 -10.84 -3.15 -43.38
N THR I 52 -10.96 -1.86 -43.69
CA THR I 52 -9.80 -1.04 -43.99
C THR I 52 -10.02 0.36 -43.51
N PHE I 53 -8.93 1.06 -43.23
CA PHE I 53 -9.10 2.48 -42.99
C PHE I 53 -7.92 3.22 -43.50
N ILE I 54 -8.16 4.49 -43.85
CA ILE I 54 -7.11 5.36 -44.30
C ILE I 54 -7.02 6.45 -43.24
N VAL I 55 -5.80 6.80 -42.85
CA VAL I 55 -5.63 7.80 -41.80
C VAL I 55 -4.48 8.71 -42.10
N THR I 56 -4.58 9.97 -41.64
CA THR I 56 -3.47 10.89 -41.67
C THR I 56 -3.19 11.26 -40.20
N ALA I 57 -1.88 11.15 -39.78
CA ALA I 57 -1.48 11.51 -38.43
C ALA I 57 -0.84 12.90 -38.55
N GLY I 58 -1.53 13.90 -38.02
CA GLY I 58 -1.13 15.31 -38.14
C GLY I 58 -0.07 15.69 -37.15
N ALA I 59 0.67 16.77 -37.42
CA ALA I 59 1.72 17.21 -36.52
C ALA I 59 1.19 17.61 -35.14
N ASP I 60 -0.09 18.00 -35.05
CA ASP I 60 -0.72 18.42 -33.80
C ASP I 60 -1.27 17.23 -32.96
N GLY I 61 -0.93 15.97 -33.31
CA GLY I 61 -1.43 14.79 -32.59
C GLY I 61 -2.82 14.32 -33.05
N ALA I 62 -3.35 14.89 -34.12
CA ALA I 62 -4.67 14.49 -34.62
C ALA I 62 -4.58 13.27 -35.53
N LEU I 63 -5.62 12.40 -35.47
CA LEU I 63 -5.83 11.35 -36.47
C LEU I 63 -7.13 11.71 -37.17
N THR I 64 -7.10 11.71 -38.52
CA THR I 64 -8.29 11.98 -39.33
CA THR I 64 -8.27 12.02 -39.33
C THR I 64 -8.29 10.99 -40.45
N GLY I 65 -9.47 10.54 -40.84
CA GLY I 65 -9.50 9.58 -41.94
C GLY I 65 -10.86 9.00 -42.17
N THR I 66 -10.89 7.83 -42.83
CA THR I 66 -12.12 7.17 -43.22
C THR I 66 -11.99 5.69 -42.98
N TYR I 67 -13.03 5.08 -42.38
CA TYR I 67 -13.09 3.65 -42.10
CA TYR I 67 -13.09 3.65 -42.13
C TYR I 67 -14.06 3.00 -43.10
N GLU I 68 -13.69 1.86 -43.71
CA GLU I 68 -14.56 1.15 -44.67
C GLU I 68 -14.76 -0.26 -44.10
N SER I 69 -16.00 -0.59 -43.71
CA SER I 69 -16.31 -1.84 -43.03
C SER I 69 -16.09 -3.06 -43.88
N ALA I 70 -16.33 -2.95 -45.20
CA ALA I 70 -16.08 -4.07 -46.12
C ALA I 70 -15.59 -3.54 -47.44
N VAL I 71 -14.48 -4.12 -47.95
CA VAL I 71 -13.96 -3.77 -49.28
C VAL I 71 -15.06 -4.13 -50.31
N GLY I 72 -15.34 -3.22 -51.26
CA GLY I 72 -16.36 -3.43 -52.28
C GLY I 72 -17.77 -3.03 -51.88
N ASN I 73 -17.96 -2.68 -50.58
CA ASN I 73 -19.26 -2.23 -50.06
C ASN I 73 -19.21 -0.71 -50.03
N ALA I 74 -19.69 -0.11 -51.13
CA ALA I 74 -19.69 1.32 -51.41
C ALA I 74 -20.24 2.23 -50.28
N GLU I 75 -21.30 1.79 -49.61
CA GLU I 75 -22.00 2.51 -48.54
C GLU I 75 -21.43 2.24 -47.13
N SER I 76 -20.23 1.60 -47.04
CA SER I 76 -19.67 1.25 -45.74
C SER I 76 -18.51 2.16 -45.30
N ARG I 77 -18.42 3.39 -45.87
CA ARG I 77 -17.40 4.37 -45.52
C ARG I 77 -17.90 5.38 -44.48
N TYR I 78 -17.12 5.55 -43.39
CA TYR I 78 -17.48 6.41 -42.27
C TYR I 78 -16.35 7.28 -41.84
N VAL I 79 -16.66 8.46 -41.31
CA VAL I 79 -15.61 9.35 -40.81
C VAL I 79 -14.94 8.74 -39.57
N LEU I 80 -13.60 8.88 -39.47
CA LEU I 80 -12.80 8.37 -38.34
C LEU I 80 -12.03 9.63 -37.79
N THR I 81 -12.01 9.80 -36.46
CA THR I 81 -11.24 10.90 -35.82
CA THR I 81 -11.30 10.92 -35.83
C THR I 81 -10.64 10.38 -34.53
N GLY I 82 -9.41 10.79 -34.24
CA GLY I 82 -8.76 10.33 -33.03
C GLY I 82 -7.53 11.15 -32.70
N ARG I 83 -6.70 10.58 -31.82
CA ARG I 83 -5.49 11.25 -31.34
C ARG I 83 -4.37 10.23 -31.20
N TYR I 84 -3.11 10.69 -31.27
CA TYR I 84 -1.98 9.80 -31.05
C TYR I 84 -0.90 10.59 -30.35
N ASP I 85 0.01 9.86 -29.68
CA ASP I 85 1.16 10.44 -29.00
C ASP I 85 2.18 10.88 -30.06
N SER I 86 2.33 12.21 -30.24
CA SER I 86 3.23 12.73 -31.25
C SER I 86 4.73 12.76 -30.85
N ALA I 87 5.06 12.32 -29.61
CA ALA I 87 6.46 12.29 -29.17
C ALA I 87 6.66 11.03 -28.35
N PRO I 88 6.54 9.84 -29.00
CA PRO I 88 6.65 8.59 -28.25
C PRO I 88 8.06 8.27 -27.76
N ALA I 89 8.14 7.26 -26.88
CA ALA I 89 9.41 6.74 -26.38
C ALA I 89 10.22 6.15 -27.55
N THR I 90 11.53 5.99 -27.33
CA THR I 90 12.49 5.57 -28.36
C THR I 90 13.01 4.15 -28.25
N ASP I 91 12.66 3.44 -27.17
CA ASP I 91 13.22 2.12 -26.88
C ASP I 91 12.57 0.92 -27.60
N GLY I 92 11.71 1.16 -28.58
CA GLY I 92 11.00 0.08 -29.25
C GLY I 92 9.56 0.03 -28.80
N SER I 93 9.21 0.82 -27.74
CA SER I 93 7.84 0.91 -27.27
C SER I 93 6.92 1.43 -28.37
N GLY I 94 5.69 0.96 -28.36
CA GLY I 94 4.70 1.44 -29.32
C GLY I 94 4.27 2.88 -29.10
N THR I 95 3.58 3.43 -30.12
CA THR I 95 3.03 4.80 -30.03
C THR I 95 1.56 4.68 -29.69
N ALA I 96 1.17 5.18 -28.51
CA ALA I 96 -0.24 5.10 -28.12
C ALA I 96 -1.15 5.94 -29.00
N LEU I 97 -2.37 5.41 -29.23
CA LEU I 97 -3.33 6.11 -30.07
CA LEU I 97 -3.34 6.13 -30.06
C LEU I 97 -4.74 5.62 -29.80
N GLY I 98 -5.70 6.36 -30.34
CA GLY I 98 -7.09 5.94 -30.24
C GLY I 98 -7.90 6.67 -31.30
N TRP I 99 -9.00 6.05 -31.73
CA TRP I 99 -9.91 6.74 -32.64
C TRP I 99 -11.32 6.27 -32.43
N THR I 100 -12.26 7.04 -32.96
CA THR I 100 -13.68 6.73 -32.92
C THR I 100 -14.28 6.76 -34.32
N VAL I 101 -15.23 5.85 -34.55
CA VAL I 101 -16.10 5.91 -35.71
C VAL I 101 -17.54 5.84 -35.14
N ALA I 102 -18.39 6.82 -35.46
CA ALA I 102 -19.83 6.71 -35.16
C ALA I 102 -20.41 6.11 -36.45
N TRP I 103 -21.24 5.07 -36.30
CA TRP I 103 -21.75 4.30 -37.45
C TRP I 103 -22.93 4.94 -38.16
N LYS I 104 -22.75 6.25 -38.49
CA LYS I 104 -23.69 6.99 -39.33
C LYS I 104 -22.94 7.58 -40.48
N ASN I 105 -23.49 7.41 -41.67
CA ASN I 105 -23.02 8.10 -42.87
C ASN I 105 -24.26 8.52 -43.63
N ASN I 106 -24.12 8.98 -44.88
CA ASN I 106 -25.32 9.49 -45.54
C ASN I 106 -26.23 8.38 -46.05
N TYR I 107 -25.82 7.10 -45.91
CA TYR I 107 -26.56 5.95 -46.42
C TYR I 107 -27.18 5.05 -45.34
N ARG I 108 -26.50 4.92 -44.18
CA ARG I 108 -26.88 3.96 -43.17
C ARG I 108 -26.62 4.54 -41.79
N ASN I 109 -27.44 4.15 -40.81
CA ASN I 109 -27.18 4.59 -39.44
C ASN I 109 -27.46 3.41 -38.52
N ALA I 110 -26.42 2.93 -37.82
CA ALA I 110 -26.56 1.77 -36.90
C ALA I 110 -26.71 2.24 -35.44
N HIS I 111 -26.81 3.57 -35.22
CA HIS I 111 -27.03 4.13 -33.87
C HIS I 111 -26.06 3.53 -32.86
N SER I 112 -24.76 3.65 -33.21
CA SER I 112 -23.71 3.06 -32.40
C SER I 112 -22.39 3.70 -32.76
N ALA I 113 -21.37 3.48 -31.93
CA ALA I 113 -20.04 4.04 -32.20
C ALA I 113 -19.01 3.09 -31.64
N THR I 114 -17.89 2.95 -32.34
CA THR I 114 -16.79 2.14 -31.85
C THR I 114 -15.60 3.03 -31.57
N THR I 115 -14.90 2.74 -30.43
CA THR I 115 -13.60 3.37 -30.17
C THR I 115 -12.55 2.30 -30.15
N TRP I 116 -11.46 2.54 -30.90
CA TRP I 116 -10.31 1.63 -30.89
C TRP I 116 -9.23 2.33 -30.07
N SER I 117 -8.63 1.59 -29.13
CA SER I 117 -7.54 2.08 -28.27
C SER I 117 -6.37 1.14 -28.47
N GLY I 118 -5.20 1.66 -28.84
CA GLY I 118 -4.11 0.73 -29.08
C GLY I 118 -2.77 1.40 -29.23
N GLN I 119 -1.88 0.71 -29.93
CA GLN I 119 -0.56 1.26 -30.13
C GLN I 119 -0.03 0.86 -31.49
N TYR I 120 0.68 1.78 -32.12
CA TYR I 120 1.34 1.56 -33.39
C TYR I 120 2.76 1.04 -33.08
N VAL I 121 3.17 -0.06 -33.74
CA VAL I 121 4.51 -0.62 -33.56
C VAL I 121 5.21 -0.60 -34.93
N GLY I 122 6.40 -0.03 -35.01
CA GLY I 122 7.14 0.06 -36.26
C GLY I 122 7.93 -1.21 -36.52
N GLY I 123 8.95 -1.07 -37.33
CA GLY I 123 9.77 -2.18 -37.75
C GLY I 123 9.50 -2.56 -39.20
N ALA I 124 9.90 -3.77 -39.59
CA ALA I 124 9.79 -4.21 -40.99
C ALA I 124 8.35 -4.31 -41.45
N GLU I 125 7.45 -4.84 -40.59
CA GLU I 125 6.03 -4.95 -40.90
C GLU I 125 5.32 -4.19 -39.77
N ALA I 126 5.04 -2.90 -40.01
CA ALA I 126 4.37 -2.08 -38.99
C ALA I 126 2.98 -2.61 -38.69
N ARG I 127 2.53 -2.42 -37.44
CA ARG I 127 1.23 -2.92 -37.03
C ARG I 127 0.57 -1.94 -36.12
N ILE I 128 -0.78 -1.98 -36.07
CA ILE I 128 -1.51 -1.23 -35.05
C ILE I 128 -2.28 -2.29 -34.30
N ASN I 129 -1.94 -2.52 -33.04
CA ASN I 129 -2.61 -3.50 -32.16
C ASN I 129 -3.62 -2.77 -31.30
N THR I 130 -4.88 -3.19 -31.36
CA THR I 130 -5.93 -2.47 -30.67
C THR I 130 -6.88 -3.36 -29.89
N GLN I 131 -7.59 -2.71 -28.97
CA GLN I 131 -8.78 -3.27 -28.34
C GLN I 131 -9.87 -2.24 -28.63
N TRP I 132 -11.12 -2.67 -28.69
CA TRP I 132 -12.17 -1.70 -29.05
C TRP I 132 -13.43 -1.93 -28.24
N LEU I 133 -14.24 -0.87 -28.15
CA LEU I 133 -15.54 -0.88 -27.49
C LEU I 133 -16.57 -0.35 -28.44
N LEU I 134 -17.65 -1.10 -28.66
CA LEU I 134 -18.71 -0.66 -29.58
C LEU I 134 -19.95 -0.45 -28.70
N THR I 135 -20.36 0.78 -28.51
CA THR I 135 -21.56 1.04 -27.71
C THR I 135 -22.73 1.40 -28.64
N SER I 136 -23.89 0.78 -28.42
CA SER I 136 -25.12 1.10 -29.15
CA SER I 136 -25.10 1.11 -29.17
C SER I 136 -25.99 2.00 -28.30
N GLY I 137 -26.77 2.89 -28.94
CA GLY I 137 -27.73 3.69 -28.17
C GLY I 137 -28.82 2.72 -27.76
N THR I 138 -29.16 2.67 -26.47
CA THR I 138 -30.18 1.74 -25.97
C THR I 138 -31.13 2.48 -25.03
N THR I 139 -32.23 1.81 -24.69
CA THR I 139 -33.08 2.30 -23.62
C THR I 139 -32.36 1.93 -22.29
N GLU I 140 -32.84 2.50 -21.16
CA GLU I 140 -32.22 2.21 -19.87
C GLU I 140 -32.30 0.70 -19.52
N ALA I 141 -33.44 0.05 -19.86
CA ALA I 141 -33.68 -1.37 -19.60
C ALA I 141 -32.64 -2.26 -20.34
N ASN I 142 -32.13 -1.79 -21.48
CA ASN I 142 -31.18 -2.58 -22.26
C ASN I 142 -29.75 -2.05 -22.15
N ALA I 143 -29.51 -1.07 -21.29
CA ALA I 143 -28.17 -0.48 -21.19
C ALA I 143 -27.11 -1.47 -20.69
N TRP I 144 -27.52 -2.49 -19.92
CA TRP I 144 -26.51 -3.44 -19.41
C TRP I 144 -25.83 -4.20 -20.56
N LYS I 145 -26.51 -4.30 -21.70
CA LYS I 145 -25.98 -5.02 -22.89
C LYS I 145 -25.69 -4.06 -24.05
N SER I 146 -25.39 -2.81 -23.72
CA SER I 146 -25.12 -1.81 -24.75
C SER I 146 -23.75 -1.91 -25.40
N THR I 147 -22.77 -2.56 -24.76
CA THR I 147 -21.38 -2.44 -25.23
C THR I 147 -20.67 -3.75 -25.54
N LEU I 148 -20.20 -3.87 -26.77
CA LEU I 148 -19.38 -5.02 -27.19
C LEU I 148 -17.91 -4.64 -27.01
N VAL I 149 -17.07 -5.66 -26.77
CA VAL I 149 -15.63 -5.49 -26.65
C VAL I 149 -14.93 -6.47 -27.57
N GLY I 150 -13.84 -6.02 -28.18
CA GLY I 150 -13.07 -6.91 -29.04
C GLY I 150 -11.66 -6.42 -29.27
N HIS I 151 -10.99 -7.04 -30.22
CA HIS I 151 -9.60 -6.67 -30.49
C HIS I 151 -9.33 -6.82 -31.97
N ASP I 152 -8.54 -5.89 -32.53
CA ASP I 152 -8.21 -5.89 -33.95
CA ASP I 152 -8.19 -5.91 -33.95
C ASP I 152 -6.73 -5.62 -34.10
N THR I 153 -6.08 -6.30 -35.05
CA THR I 153 -4.71 -5.96 -35.39
CA THR I 153 -4.71 -5.97 -35.39
C THR I 153 -4.74 -5.53 -36.86
N PHE I 154 -4.10 -4.39 -37.16
CA PHE I 154 -4.04 -3.83 -38.50
C PHE I 154 -2.63 -3.85 -39.04
N THR I 155 -2.51 -4.06 -40.36
CA THR I 155 -1.22 -3.96 -41.03
C THR I 155 -1.44 -3.18 -42.34
N LYS I 156 -0.36 -2.72 -42.98
CA LYS I 156 -0.49 -2.00 -44.24
C LYS I 156 -0.52 -2.96 -45.44
N VAL I 157 -0.48 -4.29 -45.18
CA VAL I 157 -0.51 -5.31 -46.24
C VAL I 157 -1.96 -5.76 -46.48
N LYS I 158 -2.45 -5.56 -47.71
CA LYS I 158 -3.80 -5.96 -48.14
C LYS I 158 -3.94 -7.49 -48.14
N ASN J 1 -18.35 -2.32 -37.22
CA ASN J 1 -16.96 -2.74 -37.55
C ASN J 1 -16.98 -3.65 -38.78
N GLN J 2 -17.96 -4.55 -38.84
CA GLN J 2 -18.29 -5.40 -39.97
C GLN J 2 -19.70 -4.98 -40.39
N TRP J 4 -22.77 -2.90 -41.13
CA TRP J 4 -23.14 -1.54 -40.79
C TRP J 4 -22.34 -1.00 -39.59
N GLN J 5 -21.43 -1.82 -39.03
CA GLN J 5 -20.59 -1.41 -37.91
C GLN J 5 -19.15 -1.83 -38.22
N ALA K 39 -13.69 -14.04 5.60
CA ALA K 39 -13.23 -13.20 4.50
C ALA K 39 -14.16 -11.99 4.19
N GLY K 40 -15.42 -12.07 4.67
CA GLY K 40 -16.43 -11.03 4.42
C GLY K 40 -17.20 -11.21 3.12
N ILE K 41 -16.73 -12.15 2.28
CA ILE K 41 -17.32 -12.42 0.96
C ILE K 41 -18.52 -13.38 1.06
N THR K 42 -18.44 -14.41 1.90
CA THR K 42 -19.54 -15.35 2.03
C THR K 42 -20.82 -14.63 2.40
N GLY K 43 -21.87 -14.89 1.64
CA GLY K 43 -23.18 -14.33 1.93
C GLY K 43 -23.99 -14.08 0.68
N THR K 44 -25.05 -13.27 0.82
CA THR K 44 -25.95 -12.91 -0.28
C THR K 44 -25.72 -11.47 -0.68
N TRP K 45 -25.44 -11.28 -1.96
CA TRP K 45 -25.16 -9.98 -2.54
C TRP K 45 -26.21 -9.63 -3.62
N TYR K 46 -26.44 -8.34 -3.75
CA TYR K 46 -27.41 -7.78 -4.68
CA TYR K 46 -27.40 -7.79 -4.70
C TYR K 46 -26.74 -6.77 -5.60
N ASN K 47 -27.01 -6.82 -6.91
CA ASN K 47 -26.42 -5.80 -7.79
C ASN K 47 -27.39 -4.65 -7.95
N GLN K 48 -27.05 -3.73 -8.84
CA GLN K 48 -27.86 -2.56 -9.12
C GLN K 48 -29.12 -2.84 -9.98
N LEU K 49 -29.28 -4.09 -10.49
CA LEU K 49 -30.35 -4.49 -11.45
C LEU K 49 -31.33 -5.63 -11.03
N GLY K 50 -31.52 -5.85 -9.75
CA GLY K 50 -32.41 -6.92 -9.29
C GLY K 50 -31.86 -8.34 -9.36
N SER K 51 -30.52 -8.49 -9.50
CA SER K 51 -29.85 -9.80 -9.53
C SER K 51 -29.29 -10.14 -8.15
N THR K 52 -29.27 -11.42 -7.81
CA THR K 52 -28.81 -11.93 -6.51
C THR K 52 -27.68 -12.94 -6.72
N PHE K 53 -26.63 -12.79 -5.93
CA PHE K 53 -25.42 -13.61 -6.00
C PHE K 53 -25.28 -14.25 -4.60
N ILE K 54 -25.45 -15.57 -4.50
CA ILE K 54 -25.30 -16.25 -3.21
C ILE K 54 -23.98 -17.02 -3.26
N VAL K 55 -23.02 -16.69 -2.38
CA VAL K 55 -21.70 -17.28 -2.49
C VAL K 55 -21.11 -17.74 -1.16
N THR K 56 -20.24 -18.75 -1.24
CA THR K 56 -19.46 -19.25 -0.11
C THR K 56 -18.00 -19.18 -0.53
N ALA K 57 -17.16 -18.53 0.28
CA ALA K 57 -15.74 -18.39 0.01
C ALA K 57 -15.03 -19.42 0.91
N GLY K 58 -14.53 -20.48 0.27
CA GLY K 58 -13.90 -21.60 0.97
C GLY K 58 -12.49 -21.31 1.42
N ALA K 59 -12.01 -22.03 2.45
CA ALA K 59 -10.64 -21.82 2.93
C ALA K 59 -9.61 -22.08 1.82
N ASP K 60 -9.96 -22.98 0.85
CA ASP K 60 -9.12 -23.35 -0.29
C ASP K 60 -9.05 -22.29 -1.43
N GLY K 61 -9.63 -21.09 -1.25
CA GLY K 61 -9.65 -20.05 -2.30
C GLY K 61 -10.81 -20.18 -3.26
N ALA K 62 -11.70 -21.13 -3.06
CA ALA K 62 -12.81 -21.34 -3.98
C ALA K 62 -14.01 -20.48 -3.69
N LEU K 63 -14.71 -20.04 -4.76
CA LEU K 63 -16.03 -19.41 -4.60
C LEU K 63 -17.01 -20.40 -5.24
N THR K 64 -18.10 -20.66 -4.54
CA THR K 64 -19.17 -21.55 -5.01
CA THR K 64 -19.15 -21.55 -5.01
C THR K 64 -20.49 -20.93 -4.64
N GLY K 65 -21.51 -21.16 -5.46
CA GLY K 65 -22.82 -20.64 -5.16
C GLY K 65 -23.75 -20.58 -6.34
N THR K 66 -24.71 -19.68 -6.26
CA THR K 66 -25.73 -19.54 -7.29
C THR K 66 -25.92 -18.09 -7.66
N TYR K 67 -26.27 -17.85 -8.92
CA TYR K 67 -26.56 -16.50 -9.38
C TYR K 67 -27.98 -16.53 -9.87
N GLU K 68 -28.80 -15.58 -9.43
CA GLU K 68 -30.23 -15.51 -9.80
C GLU K 68 -30.39 -14.20 -10.58
N SER K 69 -30.64 -14.30 -11.89
CA SER K 69 -30.73 -13.10 -12.72
C SER K 69 -31.96 -12.22 -12.38
N ALA K 70 -33.05 -12.83 -11.88
CA ALA K 70 -34.26 -12.11 -11.47
C ALA K 70 -34.88 -12.74 -10.23
N VAL K 71 -35.46 -11.90 -9.35
CA VAL K 71 -36.10 -12.27 -8.07
C VAL K 71 -37.35 -13.14 -8.25
N GLY K 72 -37.45 -14.17 -7.40
CA GLY K 72 -38.60 -15.04 -7.27
C GLY K 72 -38.79 -16.26 -8.14
N ASN K 73 -37.75 -16.68 -8.92
CA ASN K 73 -37.93 -17.88 -9.76
C ASN K 73 -36.67 -18.71 -9.92
N ALA K 74 -36.85 -20.03 -9.74
CA ALA K 74 -35.84 -21.09 -9.87
C ALA K 74 -35.35 -21.18 -11.32
N GLU K 75 -36.23 -20.80 -12.29
CA GLU K 75 -35.94 -20.77 -13.73
C GLU K 75 -34.77 -19.84 -14.04
N SER K 76 -34.51 -18.83 -13.18
CA SER K 76 -33.42 -17.90 -13.42
C SER K 76 -32.21 -18.08 -12.48
N ARG K 77 -32.08 -19.26 -11.86
CA ARG K 77 -30.96 -19.55 -10.96
C ARG K 77 -29.94 -20.43 -11.65
N TYR K 78 -28.66 -20.03 -11.57
CA TYR K 78 -27.58 -20.74 -12.27
C TYR K 78 -26.41 -20.98 -11.34
N VAL K 79 -25.67 -22.07 -11.60
CA VAL K 79 -24.47 -22.41 -10.83
C VAL K 79 -23.35 -21.39 -11.09
N LEU K 80 -22.61 -21.06 -10.05
CA LEU K 80 -21.41 -20.26 -10.25
C LEU K 80 -20.21 -20.92 -9.57
N THR K 81 -19.02 -20.64 -10.13
CA THR K 81 -17.78 -21.09 -9.51
C THR K 81 -16.73 -20.05 -9.80
N GLY K 82 -15.83 -19.85 -8.86
CA GLY K 82 -14.77 -18.87 -9.04
C GLY K 82 -13.67 -19.03 -8.02
N ARG K 83 -12.84 -18.01 -7.90
CA ARG K 83 -11.68 -18.05 -7.01
C ARG K 83 -11.52 -16.69 -6.37
N TYR K 84 -10.88 -16.67 -5.18
CA TYR K 84 -10.58 -15.38 -4.54
C TYR K 84 -9.26 -15.51 -3.85
N ASP K 85 -8.62 -14.36 -3.59
CA ASP K 85 -7.37 -14.33 -2.85
C ASP K 85 -7.70 -14.54 -1.36
N SER K 86 -7.28 -15.69 -0.84
CA SER K 86 -7.55 -16.06 0.55
C SER K 86 -6.58 -15.48 1.57
N ALA K 87 -5.58 -14.69 1.11
CA ALA K 87 -4.66 -14.02 2.02
C ALA K 87 -4.39 -12.61 1.47
N PRO K 88 -5.42 -11.73 1.46
CA PRO K 88 -5.25 -10.38 0.90
C PRO K 88 -4.33 -9.53 1.76
N ALA K 89 -3.87 -8.43 1.16
CA ALA K 89 -3.07 -7.48 1.89
C ALA K 89 -3.93 -6.85 3.00
N THR K 90 -3.29 -6.33 4.07
CA THR K 90 -4.04 -5.71 5.16
C THR K 90 -3.78 -4.20 5.18
N ASP K 91 -3.36 -3.62 4.04
CA ASP K 91 -2.98 -2.21 3.91
C ASP K 91 -4.15 -1.30 3.45
N GLY K 92 -5.37 -1.83 3.41
CA GLY K 92 -6.52 -1.08 2.91
C GLY K 92 -6.93 -1.49 1.49
N SER K 93 -6.13 -2.37 0.83
CA SER K 93 -6.49 -2.83 -0.51
C SER K 93 -7.64 -3.83 -0.45
N GLY K 94 -8.40 -3.87 -1.54
CA GLY K 94 -9.48 -4.84 -1.67
C GLY K 94 -8.95 -6.26 -1.83
N THR K 95 -9.87 -7.23 -1.87
CA THR K 95 -9.54 -8.66 -2.04
C THR K 95 -9.95 -9.07 -3.47
N ALA K 96 -8.98 -9.45 -4.30
CA ALA K 96 -9.30 -9.80 -5.68
C ALA K 96 -10.08 -11.08 -5.76
N LEU K 97 -10.94 -11.16 -6.79
CA LEU K 97 -11.78 -12.34 -7.00
CA LEU K 97 -11.77 -12.34 -7.00
C LEU K 97 -12.36 -12.38 -8.40
N GLY K 98 -12.92 -13.53 -8.75
CA GLY K 98 -13.57 -13.65 -10.04
C GLY K 98 -14.48 -14.86 -10.03
N TRP K 99 -15.51 -14.84 -10.86
CA TRP K 99 -16.35 -16.02 -10.97
C TRP K 99 -17.01 -16.11 -12.34
N THR K 100 -17.51 -17.30 -12.69
CA THR K 100 -18.15 -17.51 -13.98
C THR K 100 -19.55 -18.12 -13.76
N VAL K 101 -20.47 -17.74 -14.65
CA VAL K 101 -21.78 -18.36 -14.76
C VAL K 101 -21.93 -18.72 -16.24
N ALA K 102 -22.16 -20.00 -16.54
CA ALA K 102 -22.56 -20.40 -17.90
C ALA K 102 -24.10 -20.35 -17.83
N TRP K 103 -24.74 -19.71 -18.80
CA TRP K 103 -26.18 -19.47 -18.76
C TRP K 103 -27.02 -20.65 -19.22
N LYS K 104 -26.74 -21.81 -18.60
CA LYS K 104 -27.52 -23.03 -18.83
C LYS K 104 -27.94 -23.57 -17.49
N ASN K 105 -29.23 -23.86 -17.35
CA ASN K 105 -29.71 -24.55 -16.15
C ASN K 105 -30.71 -25.59 -16.68
N ASN K 106 -31.52 -26.18 -15.80
CA ASN K 106 -32.49 -27.21 -16.24
C ASN K 106 -33.67 -26.69 -17.07
N TYR K 107 -33.84 -25.35 -17.12
CA TYR K 107 -34.95 -24.69 -17.79
C TYR K 107 -34.61 -23.90 -19.04
N ARG K 108 -33.40 -23.31 -19.09
CA ARG K 108 -33.02 -22.38 -20.15
C ARG K 108 -31.58 -22.55 -20.52
N ASN K 109 -31.24 -22.29 -21.79
CA ASN K 109 -29.86 -22.25 -22.22
C ASN K 109 -29.69 -21.12 -23.20
N ALA K 110 -28.90 -20.09 -22.81
CA ALA K 110 -28.64 -18.95 -23.67
C ALA K 110 -27.34 -19.10 -24.47
N HIS K 111 -26.68 -20.28 -24.39
CA HIS K 111 -25.41 -20.57 -25.11
C HIS K 111 -24.42 -19.43 -24.93
N SER K 112 -24.17 -19.07 -23.67
CA SER K 112 -23.32 -17.95 -23.33
C SER K 112 -22.82 -18.10 -21.89
N ALA K 113 -21.82 -17.30 -21.52
CA ALA K 113 -21.26 -17.41 -20.19
C ALA K 113 -20.69 -16.04 -19.84
N THR K 114 -20.89 -15.63 -18.59
CA THR K 114 -20.35 -14.36 -18.12
C THR K 114 -19.27 -14.60 -17.05
N THR K 115 -18.17 -13.84 -17.11
CA THR K 115 -17.15 -13.87 -16.05
C THR K 115 -17.13 -12.49 -15.42
N TRP K 116 -17.18 -12.43 -14.08
CA TRP K 116 -17.03 -11.16 -13.34
C TRP K 116 -15.64 -11.20 -12.70
N SER K 117 -14.91 -10.11 -12.87
CA SER K 117 -13.56 -9.95 -12.31
C SER K 117 -13.63 -8.71 -11.44
N GLY K 118 -13.16 -8.80 -10.21
CA GLY K 118 -13.27 -7.60 -9.37
C GLY K 118 -12.60 -7.74 -8.04
N GLN K 119 -13.05 -6.93 -7.09
CA GLN K 119 -12.51 -7.02 -5.76
C GLN K 119 -13.57 -6.75 -4.71
N TYR K 120 -13.45 -7.46 -3.59
CA TYR K 120 -14.28 -7.21 -2.43
C TYR K 120 -13.61 -6.09 -1.66
N VAL K 121 -14.40 -5.08 -1.22
CA VAL K 121 -13.88 -3.95 -0.47
C VAL K 121 -14.69 -3.95 0.83
N GLY K 122 -14.01 -4.09 1.97
CA GLY K 122 -14.69 -4.12 3.26
C GLY K 122 -15.11 -2.75 3.78
N GLY K 123 -15.13 -2.60 5.08
CA GLY K 123 -15.54 -1.35 5.70
C GLY K 123 -17.02 -1.34 6.08
N ALA K 124 -17.51 -0.17 6.47
CA ALA K 124 -18.90 -0.04 6.95
C ALA K 124 -19.90 -0.34 5.82
N GLU K 125 -19.54 -0.05 4.57
CA GLU K 125 -20.39 -0.29 3.41
C GLU K 125 -19.63 -1.23 2.51
N ALA K 126 -19.61 -2.53 2.84
CA ALA K 126 -18.86 -3.50 2.03
C ALA K 126 -19.45 -3.64 0.65
N ARG K 127 -18.57 -3.88 -0.33
CA ARG K 127 -19.04 -4.01 -1.69
C ARG K 127 -18.20 -5.00 -2.44
N ILE K 128 -18.76 -5.53 -3.53
CA ILE K 128 -17.96 -6.30 -4.50
C ILE K 128 -18.09 -5.49 -5.78
N ASN K 129 -16.95 -4.89 -6.23
CA ASN K 129 -16.93 -4.04 -7.42
C ASN K 129 -16.35 -4.82 -8.58
N THR K 130 -17.11 -4.95 -9.67
CA THR K 130 -16.67 -5.82 -10.75
C THR K 130 -16.80 -5.21 -12.11
N GLN K 131 -16.08 -5.83 -13.07
CA GLN K 131 -16.27 -5.64 -14.49
C GLN K 131 -16.53 -7.04 -15.03
N TRP K 132 -17.30 -7.16 -16.09
CA TRP K 132 -17.66 -8.49 -16.58
C TRP K 132 -17.58 -8.60 -18.09
N LEU K 133 -17.43 -9.85 -18.56
CA LEU K 133 -17.41 -10.18 -19.97
C LEU K 133 -18.44 -11.28 -20.21
N LEU K 134 -19.31 -11.07 -21.19
CA LEU K 134 -20.35 -12.06 -21.51
C LEU K 134 -20.11 -12.52 -22.94
N THR K 135 -19.62 -13.75 -23.11
CA THR K 135 -19.35 -14.28 -24.43
C THR K 135 -20.42 -15.24 -24.83
N SER K 136 -20.94 -15.08 -26.05
CA SER K 136 -21.92 -16.01 -26.61
CA SER K 136 -21.91 -16.03 -26.58
C SER K 136 -21.22 -16.91 -27.62
N GLY K 137 -21.69 -18.14 -27.76
CA GLY K 137 -21.16 -19.03 -28.80
C GLY K 137 -21.63 -18.46 -30.14
N THR K 138 -20.70 -18.26 -31.08
CA THR K 138 -21.04 -17.70 -32.41
C THR K 138 -20.31 -18.49 -33.50
N THR K 139 -20.62 -18.21 -34.75
CA THR K 139 -19.83 -18.74 -35.85
C THR K 139 -18.61 -17.81 -35.96
N GLU K 140 -17.60 -18.18 -36.76
CA GLU K 140 -16.41 -17.34 -36.94
C GLU K 140 -16.79 -15.99 -37.56
N ALA K 141 -17.73 -15.95 -38.52
CA ALA K 141 -18.17 -14.69 -39.16
C ALA K 141 -18.73 -13.69 -38.14
N ASN K 142 -19.35 -14.20 -37.05
CA ASN K 142 -19.90 -13.32 -36.03
C ASN K 142 -19.05 -13.23 -34.78
N ALA K 143 -17.86 -13.85 -34.78
CA ALA K 143 -17.04 -13.86 -33.57
C ALA K 143 -16.64 -12.47 -33.10
N TRP K 144 -16.53 -11.54 -34.04
CA TRP K 144 -16.10 -10.20 -33.68
C TRP K 144 -17.06 -9.52 -32.69
N LYS K 145 -18.35 -9.90 -32.72
CA LYS K 145 -19.39 -9.34 -31.84
C LYS K 145 -19.88 -10.38 -30.82
N SER K 146 -19.01 -11.34 -30.44
CA SER K 146 -19.40 -12.39 -29.51
C SER K 146 -19.41 -11.92 -28.05
N THR K 147 -18.72 -10.79 -27.71
CA THR K 147 -18.51 -10.50 -26.29
C THR K 147 -19.01 -9.13 -25.83
N LEU K 148 -19.91 -9.10 -24.83
CA LEU K 148 -20.38 -7.86 -24.22
C LEU K 148 -19.50 -7.59 -23.00
N VAL K 149 -19.35 -6.31 -22.67
CA VAL K 149 -18.62 -5.92 -21.46
C VAL K 149 -19.50 -5.00 -20.62
N GLY K 150 -19.36 -5.10 -19.31
CA GLY K 150 -20.09 -4.20 -18.43
C GLY K 150 -19.49 -4.17 -17.04
N HIS K 151 -20.26 -3.59 -16.10
CA HIS K 151 -19.75 -3.48 -14.74
C HIS K 151 -20.91 -3.59 -13.80
N ASP K 152 -20.65 -4.22 -12.65
CA ASP K 152 -21.66 -4.39 -11.61
CA ASP K 152 -21.66 -4.41 -11.60
C ASP K 152 -21.06 -4.12 -10.25
N THR K 153 -21.85 -3.46 -9.36
CA THR K 153 -21.42 -3.27 -7.99
CA THR K 153 -21.44 -3.22 -7.98
C THR K 153 -22.45 -4.02 -7.13
N PHE K 154 -21.95 -4.84 -6.23
CA PHE K 154 -22.83 -5.64 -5.36
C PHE K 154 -22.74 -5.17 -3.92
N THR K 155 -23.89 -5.21 -3.23
CA THR K 155 -24.06 -4.81 -1.83
CA THR K 155 -24.02 -4.84 -1.82
C THR K 155 -24.72 -5.95 -1.07
N LYS K 156 -24.50 -6.04 0.26
CA LYS K 156 -25.14 -7.09 1.08
C LYS K 156 -26.52 -6.61 1.56
N VAL K 157 -26.83 -5.32 1.35
CA VAL K 157 -28.11 -4.74 1.79
C VAL K 157 -29.05 -4.62 0.58
N LYS K 158 -30.24 -5.27 0.64
CA LYS K 158 -31.29 -5.29 -0.40
C LYS K 158 -31.60 -3.92 -0.99
N ASN L 1 -27.19 -12.15 -17.71
CA ASN L 1 -27.07 -11.24 -16.55
C ASN L 1 -28.43 -10.71 -16.15
N GLN L 2 -29.25 -10.43 -17.17
CA GLN L 2 -30.67 -10.06 -17.01
C GLN L 2 -31.41 -11.08 -17.85
N TRP L 4 -32.42 -14.31 -19.46
CA TRP L 4 -31.74 -15.59 -19.64
C TRP L 4 -30.21 -15.47 -19.44
N GLN L 5 -29.70 -14.24 -19.21
CA GLN L 5 -28.27 -14.00 -18.97
C GLN L 5 -28.15 -13.11 -17.75
N GLY M 40 30.64 17.43 -35.93
CA GLY M 40 30.11 16.08 -35.73
C GLY M 40 31.03 15.27 -34.85
N ILE M 41 30.85 13.96 -34.84
CA ILE M 41 31.67 13.06 -34.03
C ILE M 41 33.11 12.95 -34.56
N THR M 42 33.31 12.93 -35.89
CA THR M 42 34.67 12.84 -36.44
C THR M 42 35.53 13.97 -35.91
N GLY M 43 36.73 13.64 -35.48
CA GLY M 43 37.68 14.63 -35.00
C GLY M 43 38.55 14.16 -33.87
N THR M 44 39.29 15.11 -33.28
CA THR M 44 40.16 14.86 -32.15
C THR M 44 39.50 15.41 -30.90
N TRP M 45 39.37 14.54 -29.89
CA TRP M 45 38.73 14.82 -28.63
C TRP M 45 39.70 14.65 -27.47
N TYR M 46 39.44 15.41 -26.39
CA TYR M 46 40.27 15.40 -25.19
CA TYR M 46 40.27 15.37 -25.19
C TYR M 46 39.40 15.18 -23.97
N ASN M 47 39.80 14.31 -23.05
CA ASN M 47 38.95 14.17 -21.85
C ASN M 47 39.43 15.09 -20.73
N GLN M 48 38.80 14.99 -19.54
CA GLN M 48 39.14 15.83 -18.39
C GLN M 48 40.57 15.58 -17.84
N LEU M 49 41.14 14.39 -18.14
CA LEU M 49 42.48 13.99 -17.69
C LEU M 49 43.56 14.15 -18.77
N GLY M 50 43.18 14.72 -19.91
CA GLY M 50 44.13 14.99 -20.99
C GLY M 50 44.33 13.90 -22.03
N SER M 51 43.70 12.70 -21.85
CA SER M 51 43.80 11.63 -22.84
C SER M 51 43.21 12.14 -24.16
N THR M 52 43.70 11.62 -25.28
CA THR M 52 43.32 12.04 -26.63
C THR M 52 42.63 10.90 -27.36
N PHE M 53 41.53 11.19 -28.00
CA PHE M 53 40.66 10.26 -28.71
C PHE M 53 40.48 10.82 -30.15
N ILE M 54 41.16 10.17 -31.12
CA ILE M 54 41.04 10.55 -32.53
C ILE M 54 40.07 9.58 -33.17
N VAL M 55 38.96 10.08 -33.71
CA VAL M 55 37.94 9.17 -34.25
C VAL M 55 37.38 9.61 -35.60
N THR M 56 36.97 8.60 -36.39
CA THR M 56 36.26 8.79 -37.65
C THR M 56 34.92 8.07 -37.52
N ALA M 57 33.84 8.81 -37.74
CA ALA M 57 32.48 8.29 -37.71
C ALA M 57 32.06 8.05 -39.15
N GLY M 58 32.02 6.78 -39.55
CA GLY M 58 31.67 6.35 -40.90
C GLY M 58 30.18 6.38 -41.20
N ALA M 59 29.83 6.49 -42.49
CA ALA M 59 28.42 6.56 -42.93
C ALA M 59 27.59 5.32 -42.52
N ASP M 60 28.27 4.16 -42.32
CA ASP M 60 27.70 2.86 -41.97
C ASP M 60 27.52 2.64 -40.45
N GLY M 61 27.74 3.69 -39.63
CA GLY M 61 27.63 3.58 -38.18
C GLY M 61 28.92 3.20 -37.46
N ALA M 62 30.03 3.03 -38.21
CA ALA M 62 31.28 2.62 -37.58
C ALA M 62 32.05 3.77 -36.94
N LEU M 63 32.71 3.49 -35.81
CA LEU M 63 33.67 4.38 -35.18
C LEU M 63 35.03 3.67 -35.29
N THR M 64 36.02 4.38 -35.79
CA THR M 64 37.38 3.84 -35.93
CA THR M 64 37.37 3.84 -35.96
C THR M 64 38.35 4.93 -35.54
N GLY M 65 39.43 4.54 -34.89
CA GLY M 65 40.40 5.53 -34.51
C GLY M 65 41.48 5.04 -33.58
N THR M 66 42.05 5.99 -32.84
CA THR M 66 43.10 5.70 -31.87
C THR M 66 42.84 6.45 -30.59
N TYR M 67 43.28 5.86 -29.48
CA TYR M 67 43.14 6.48 -28.17
CA TYR M 67 43.16 6.47 -28.15
C TYR M 67 44.56 6.58 -27.58
N GLU M 68 44.92 7.76 -27.07
CA GLU M 68 46.25 7.96 -26.48
C GLU M 68 46.04 8.32 -25.02
N SER M 69 46.49 7.45 -24.12
CA SER M 69 46.27 7.63 -22.69
C SER M 69 47.07 8.79 -22.08
N ALA M 70 48.27 9.10 -22.65
CA ALA M 70 49.13 10.22 -22.24
C ALA M 70 49.62 10.99 -23.48
N VAL M 71 49.45 12.34 -23.48
CA VAL M 71 49.87 13.25 -24.56
C VAL M 71 51.38 13.13 -24.82
N GLY M 72 51.74 13.05 -26.11
CA GLY M 72 53.13 13.05 -26.54
C GLY M 72 53.82 11.76 -26.93
N ASN M 73 53.40 10.59 -26.39
CA ASN M 73 54.13 9.38 -26.77
C ASN M 73 53.29 8.32 -27.45
N ALA M 74 53.83 7.82 -28.57
CA ALA M 74 53.29 6.76 -29.43
C ALA M 74 53.10 5.45 -28.66
N GLU M 75 53.91 5.25 -27.58
CA GLU M 75 53.86 4.06 -26.71
C GLU M 75 52.52 3.94 -25.98
N SER M 76 51.81 5.06 -25.81
CA SER M 76 50.54 5.06 -25.11
C SER M 76 49.33 5.17 -26.09
N ARG M 77 49.54 4.82 -27.38
CA ARG M 77 48.50 4.87 -28.44
C ARG M 77 47.93 3.49 -28.72
N TYR M 78 46.57 3.37 -28.74
CA TYR M 78 45.88 2.10 -28.92
C TYR M 78 44.75 2.22 -29.96
N VAL M 79 44.47 1.10 -30.64
CA VAL M 79 43.37 1.04 -31.58
C VAL M 79 42.04 1.12 -30.84
N LEU M 80 41.06 1.79 -31.48
CA LEU M 80 39.69 1.74 -30.97
C LEU M 80 38.73 1.47 -32.11
N THR M 81 37.63 0.80 -31.77
CA THR M 81 36.55 0.54 -32.71
CA THR M 81 36.55 0.50 -32.70
C THR M 81 35.25 0.61 -31.93
N GLY M 82 34.23 1.10 -32.58
CA GLY M 82 32.93 1.21 -31.93
C GLY M 82 31.81 1.45 -32.91
N ARG M 83 30.68 1.92 -32.40
CA ARG M 83 29.53 2.14 -33.24
C ARG M 83 28.80 3.38 -32.73
N TYR M 84 28.02 4.00 -33.61
CA TYR M 84 27.21 5.15 -33.23
C TYR M 84 25.91 5.12 -34.01
N ASP M 85 24.88 5.82 -33.50
CA ASP M 85 23.63 5.93 -34.21
C ASP M 85 23.78 6.90 -35.38
N SER M 86 23.71 6.40 -36.64
CA SER M 86 23.92 7.25 -37.81
C SER M 86 22.68 8.03 -38.24
N ALA M 87 21.54 7.83 -37.52
CA ALA M 87 20.33 8.56 -37.85
C ALA M 87 19.66 8.93 -36.51
N PRO M 88 20.31 9.84 -35.74
CA PRO M 88 19.74 10.21 -34.43
C PRO M 88 18.40 10.93 -34.53
N ALA M 89 17.74 11.05 -33.37
CA ALA M 89 16.48 11.79 -33.26
C ALA M 89 16.77 13.27 -33.59
N THR M 90 15.75 13.99 -34.07
CA THR M 90 15.91 15.41 -34.47
C THR M 90 15.18 16.34 -33.48
N ASP M 91 14.92 15.85 -32.27
CA ASP M 91 14.21 16.58 -31.23
C ASP M 91 15.11 17.24 -30.19
N GLY M 92 16.42 17.34 -30.45
CA GLY M 92 17.34 17.90 -29.47
C GLY M 92 18.09 16.86 -28.65
N SER M 93 17.77 15.57 -28.82
CA SER M 93 18.47 14.52 -28.10
C SER M 93 19.90 14.32 -28.63
N GLY M 94 20.78 13.77 -27.79
CA GLY M 94 22.14 13.43 -28.19
C GLY M 94 22.16 12.22 -29.12
N THR M 95 23.36 11.91 -29.63
CA THR M 95 23.57 10.78 -30.53
C THR M 95 24.29 9.69 -29.74
N ALA M 96 23.63 8.52 -29.59
CA ALA M 96 24.23 7.44 -28.83
C ALA M 96 25.43 6.82 -29.54
N LEU M 97 26.42 6.40 -28.76
CA LEU M 97 27.64 5.81 -29.29
CA LEU M 97 27.62 5.78 -29.31
C LEU M 97 28.34 4.98 -28.24
N GLY M 98 29.30 4.21 -28.68
CA GLY M 98 30.14 3.45 -27.78
C GLY M 98 31.40 3.00 -28.49
N TRP M 99 32.47 2.74 -27.73
CA TRP M 99 33.66 2.18 -28.36
C TRP M 99 34.46 1.38 -27.32
N THR M 100 35.42 0.60 -27.83
CA THR M 100 36.27 -0.23 -27.00
C THR M 100 37.75 0.04 -27.34
N VAL M 101 38.59 0.01 -26.29
CA VAL M 101 40.04 -0.01 -26.44
C VAL M 101 40.52 -1.26 -25.63
N ALA M 102 41.19 -2.21 -26.27
CA ALA M 102 41.87 -3.30 -25.55
C ALA M 102 43.29 -2.72 -25.33
N TRP M 103 43.79 -2.80 -24.09
CA TRP M 103 45.04 -2.14 -23.70
C TRP M 103 46.28 -2.94 -24.06
N LYS M 104 46.36 -3.30 -25.34
CA LYS M 104 47.52 -3.96 -25.92
C LYS M 104 47.92 -3.19 -27.17
N ASN M 105 49.20 -2.87 -27.27
CA ASN M 105 49.77 -2.29 -28.48
C ASN M 105 51.13 -2.96 -28.72
N ASN M 106 51.92 -2.44 -29.65
CA ASN M 106 53.22 -3.08 -29.91
C ASN M 106 54.24 -2.90 -28.78
N TYR M 107 53.94 -2.04 -27.80
CA TYR M 107 54.82 -1.70 -26.68
C TYR M 107 54.42 -2.24 -25.32
N ARG M 108 53.12 -2.25 -25.05
CA ARG M 108 52.60 -2.57 -23.74
C ARG M 108 51.38 -3.47 -23.82
N ASN M 109 51.17 -4.28 -22.78
CA ASN M 109 49.93 -5.07 -22.64
C ASN M 109 49.49 -5.08 -21.19
N ALA M 110 48.37 -4.41 -20.91
CA ALA M 110 47.78 -4.34 -19.57
C ALA M 110 46.75 -5.44 -19.30
N HIS M 111 46.54 -6.37 -20.28
CA HIS M 111 45.59 -7.49 -20.12
C HIS M 111 44.25 -6.98 -19.60
N SER M 112 43.70 -5.99 -20.30
CA SER M 112 42.46 -5.34 -19.92
C SER M 112 41.87 -4.59 -21.10
N ALA M 113 40.60 -4.20 -20.96
CA ALA M 113 39.93 -3.47 -22.02
C ALA M 113 38.91 -2.54 -21.40
N THR M 114 38.76 -1.34 -21.99
CA THR M 114 37.76 -0.39 -21.53
C THR M 114 36.71 -0.18 -22.62
N THR M 115 35.43 -0.09 -22.20
CA THR M 115 34.37 0.28 -23.13
C THR M 115 33.78 1.58 -22.63
N TRP M 116 33.63 2.57 -23.52
CA TRP M 116 32.94 3.83 -23.18
C TRP M 116 31.57 3.77 -23.84
N SER M 117 30.54 4.14 -23.08
CA SER M 117 29.16 4.17 -23.58
C SER M 117 28.65 5.57 -23.31
N GLY M 118 28.10 6.24 -24.31
CA GLY M 118 27.66 7.61 -24.04
C GLY M 118 26.89 8.23 -25.16
N GLN M 119 26.91 9.56 -25.21
CA GLN M 119 26.22 10.26 -26.28
C GLN M 119 26.97 11.54 -26.64
N TYR M 120 26.93 11.85 -27.93
CA TYR M 120 27.48 13.07 -28.47
C TYR M 120 26.39 14.16 -28.36
N VAL M 121 26.77 15.34 -27.88
CA VAL M 121 25.86 16.47 -27.70
C VAL M 121 26.46 17.61 -28.54
N GLY M 122 25.81 17.95 -29.65
CA GLY M 122 26.28 19.01 -30.52
C GLY M 122 26.05 20.40 -29.95
N GLY M 123 26.55 21.39 -30.66
CA GLY M 123 26.42 22.79 -30.25
C GLY M 123 27.73 23.55 -30.31
N ALA M 124 27.75 24.76 -29.72
CA ALA M 124 28.89 25.68 -29.70
C ALA M 124 30.10 25.03 -29.05
N GLU M 125 29.87 24.26 -27.96
CA GLU M 125 30.89 23.51 -27.26
C GLU M 125 30.42 22.08 -27.31
N ALA M 126 30.66 21.42 -28.44
CA ALA M 126 30.26 20.01 -28.62
C ALA M 126 30.95 19.13 -27.57
N ARG M 127 30.26 18.09 -27.12
CA ARG M 127 30.80 17.26 -26.07
C ARG M 127 30.40 15.80 -26.28
N ILE M 128 31.21 14.85 -25.80
CA ILE M 128 30.87 13.43 -25.78
C ILE M 128 30.85 13.07 -24.29
N ASN M 129 29.65 12.79 -23.73
CA ASN M 129 29.53 12.42 -22.32
C ASN M 129 29.42 10.92 -22.19
N THR M 130 30.32 10.30 -21.43
CA THR M 130 30.38 8.84 -21.33
C THR M 130 30.47 8.33 -19.91
N GLN M 131 30.16 7.04 -19.81
CA GLN M 131 30.46 6.24 -18.65
C GLN M 131 31.27 5.08 -19.22
N TRP M 132 32.16 4.53 -18.41
CA TRP M 132 33.02 3.45 -18.94
C TRP M 132 33.21 2.32 -17.95
N LEU M 133 33.55 1.15 -18.49
CA LEU M 133 33.84 -0.07 -17.72
C LEU M 133 35.19 -0.58 -18.18
N LEU M 134 36.10 -0.79 -17.23
CA LEU M 134 37.46 -1.29 -17.53
C LEU M 134 37.57 -2.65 -16.89
N THR M 135 37.54 -3.71 -17.71
CA THR M 135 37.64 -5.07 -17.20
C THR M 135 39.04 -5.63 -17.45
N SER M 136 39.63 -6.22 -16.39
CA SER M 136 40.94 -6.86 -16.45
CA SER M 136 40.93 -6.84 -16.51
C SER M 136 40.73 -8.35 -16.55
N GLY M 137 41.63 -9.02 -17.27
CA GLY M 137 41.58 -10.49 -17.31
C GLY M 137 42.08 -10.96 -15.95
N THR M 138 41.28 -11.77 -15.23
CA THR M 138 41.64 -12.23 -13.89
C THR M 138 41.44 -13.73 -13.76
N THR M 139 41.96 -14.32 -12.67
CA THR M 139 41.66 -15.71 -12.37
C THR M 139 40.25 -15.70 -11.73
N GLU M 140 39.62 -16.86 -11.58
CA GLU M 140 38.27 -16.90 -11.02
C GLU M 140 38.20 -16.32 -9.60
N ALA M 141 39.25 -16.54 -8.78
CA ALA M 141 39.27 -16.03 -7.39
C ALA M 141 39.14 -14.51 -7.36
N ASN M 142 39.69 -13.83 -8.38
CA ASN M 142 39.72 -12.37 -8.40
C ASN M 142 38.69 -11.74 -9.34
N ALA M 143 37.84 -12.55 -9.96
CA ALA M 143 36.86 -12.04 -10.91
C ALA M 143 35.86 -11.06 -10.32
N TRP M 144 35.57 -11.17 -9.02
CA TRP M 144 34.62 -10.25 -8.38
C TRP M 144 35.10 -8.79 -8.44
N LYS M 145 36.44 -8.57 -8.49
CA LYS M 145 37.00 -7.20 -8.55
C LYS M 145 37.70 -6.96 -9.88
N SER M 146 37.19 -7.60 -10.95
CA SER M 146 37.76 -7.45 -12.30
C SER M 146 37.44 -6.14 -12.97
N THR M 147 36.41 -5.39 -12.53
CA THR M 147 35.93 -4.25 -13.32
C THR M 147 35.84 -2.93 -12.59
N LEU M 148 36.44 -1.89 -13.18
CA LEU M 148 36.37 -0.53 -12.66
C LEU M 148 35.32 0.20 -13.48
N VAL M 149 34.67 1.20 -12.86
CA VAL M 149 33.67 2.03 -13.54
C VAL M 149 34.05 3.49 -13.35
N GLY M 150 33.76 4.31 -14.34
CA GLY M 150 34.04 5.74 -14.25
C GLY M 150 33.26 6.50 -15.29
N HIS M 151 33.58 7.79 -15.42
CA HIS M 151 32.90 8.64 -16.38
C HIS M 151 33.89 9.63 -16.96
N ASP M 152 33.76 9.88 -18.26
CA ASP M 152 34.64 10.83 -18.95
CA ASP M 152 34.64 10.82 -18.97
C ASP M 152 33.80 11.73 -19.84
N THR M 153 34.17 13.01 -19.87
CA THR M 153 33.54 13.96 -20.77
CA THR M 153 33.54 13.98 -20.75
C THR M 153 34.65 14.46 -21.70
N PHE M 154 34.37 14.43 -23.00
CA PHE M 154 35.33 14.83 -24.02
C PHE M 154 34.87 16.08 -24.71
N THR M 155 35.81 16.97 -25.06
CA THR M 155 35.54 18.14 -25.87
C THR M 155 36.65 18.19 -26.94
N LYS M 156 36.48 19.05 -27.94
CA LYS M 156 37.50 19.19 -28.99
C LYS M 156 38.56 20.26 -28.63
N VAL M 157 38.46 20.83 -27.41
CA VAL M 157 39.41 21.84 -26.92
C VAL M 157 40.67 21.19 -26.33
N LYS M 158 41.84 21.51 -26.90
CA LYS M 158 43.15 21.00 -26.45
C LYS M 158 43.48 21.60 -25.07
N PRO M 159 43.88 20.80 -24.05
CA PRO M 159 44.16 21.38 -22.72
C PRO M 159 45.36 22.34 -22.65
N ASN N 1 43.26 3.54 -19.17
CA ASN N 1 42.69 4.88 -19.41
C ASN N 1 43.71 5.96 -19.08
N GLN N 2 44.48 5.73 -18.00
CA GLN N 2 45.62 6.51 -17.58
C GLN N 2 46.80 5.56 -17.59
N TRP N 4 49.11 2.75 -18.56
CA TRP N 4 48.94 1.57 -19.41
C TRP N 4 47.46 1.26 -19.74
N GLN N 5 46.52 2.00 -19.14
CA GLN N 5 45.07 1.83 -19.41
C GLN N 5 44.49 3.21 -19.67
N ALA O 39 -12.71 21.21 59.47
CA ALA O 39 -13.22 20.58 60.68
C ALA O 39 -13.28 19.04 60.59
N GLY O 40 -13.43 18.50 59.38
CA GLY O 40 -13.50 17.05 59.16
C GLY O 40 -14.61 16.62 58.22
N ILE O 41 -14.78 15.30 58.06
CA ILE O 41 -15.80 14.71 57.17
C ILE O 41 -17.23 14.91 57.71
N THR O 42 -17.41 14.78 59.04
CA THR O 42 -18.74 14.95 59.64
C THR O 42 -19.31 16.33 59.28
N GLY O 43 -20.55 16.34 58.81
CA GLY O 43 -21.23 17.58 58.44
C GLY O 43 -22.21 17.42 57.31
N THR O 44 -22.65 18.56 56.77
CA THR O 44 -23.60 18.66 55.67
C THR O 44 -22.87 19.15 54.42
N TRP O 45 -22.92 18.33 53.38
CA TRP O 45 -22.25 18.56 52.11
C TRP O 45 -23.24 18.75 50.99
N TYR O 46 -22.86 19.54 49.98
CA TYR O 46 -23.70 19.83 48.82
CA TYR O 46 -23.70 19.81 48.82
C TYR O 46 -22.90 19.56 47.54
N ASN O 47 -23.51 18.93 46.53
CA ASN O 47 -22.76 18.71 45.28
C ASN O 47 -23.02 19.85 44.29
N GLN O 48 -22.49 19.74 43.05
CA GLN O 48 -22.69 20.79 42.04
C GLN O 48 -24.12 20.80 41.45
N LEU O 49 -24.94 19.77 41.76
CA LEU O 49 -26.28 19.58 41.18
C LEU O 49 -27.46 19.75 42.15
N GLY O 50 -27.23 20.30 43.33
CA GLY O 50 -28.31 20.52 44.29
C GLY O 50 -28.72 19.33 45.15
N SER O 51 -27.82 18.34 45.29
CA SER O 51 -28.03 17.19 46.15
C SER O 51 -27.35 17.48 47.50
N THR O 52 -27.89 16.94 48.60
CA THR O 52 -27.37 17.14 49.94
C THR O 52 -26.98 15.81 50.56
N PHE O 53 -25.84 15.81 51.23
CA PHE O 53 -25.21 14.65 51.85
C PHE O 53 -24.94 15.03 53.32
N ILE O 54 -25.65 14.39 54.26
CA ILE O 54 -25.46 14.63 55.69
C ILE O 54 -24.78 13.40 56.26
N VAL O 55 -23.57 13.56 56.82
CA VAL O 55 -22.80 12.41 57.23
C VAL O 55 -22.12 12.57 58.57
N THR O 56 -21.94 11.42 59.25
CA THR O 56 -21.20 11.34 60.51
C THR O 56 -20.05 10.35 60.27
N ALA O 57 -18.82 10.80 60.51
CA ALA O 57 -17.63 9.96 60.40
C ALA O 57 -17.30 9.48 61.83
N GLY O 58 -17.53 8.20 62.08
CA GLY O 58 -17.31 7.58 63.39
C GLY O 58 -15.87 7.24 63.66
N ALA O 59 -15.51 7.12 64.95
CA ALA O 59 -14.15 6.79 65.38
C ALA O 59 -13.68 5.42 64.83
N ASP O 60 -14.63 4.51 64.56
CA ASP O 60 -14.42 3.16 64.02
C ASP O 60 -14.24 3.06 62.47
N GLY O 61 -14.14 4.21 61.78
CA GLY O 61 -14.02 4.27 60.32
C GLY O 61 -15.34 4.20 59.56
N ALA O 62 -16.48 4.25 60.29
CA ALA O 62 -17.79 4.15 59.61
C ALA O 62 -18.33 5.51 59.19
N LEU O 63 -19.04 5.53 58.04
CA LEU O 63 -19.78 6.68 57.56
C LEU O 63 -21.25 6.29 57.63
N THR O 64 -22.05 7.16 58.25
CA THR O 64 -23.49 6.96 58.37
CA THR O 64 -23.49 6.95 58.38
C THR O 64 -24.17 8.28 58.10
N GLY O 65 -25.35 8.21 57.49
CA GLY O 65 -26.07 9.44 57.23
C GLY O 65 -27.20 9.28 56.26
N THR O 66 -27.54 10.40 55.64
CA THR O 66 -28.63 10.47 54.67
C THR O 66 -28.23 11.25 53.43
N TYR O 67 -28.78 10.84 52.30
CA TYR O 67 -28.53 11.51 51.03
C TYR O 67 -29.88 11.99 50.52
N GLU O 68 -29.94 13.28 50.16
CA GLU O 68 -31.16 13.92 49.65
C GLU O 68 -30.88 14.32 48.21
N SER O 69 -31.53 13.65 47.25
CA SER O 69 -31.28 13.89 45.83
C SER O 69 -31.70 15.29 45.36
N ALA O 70 -32.72 15.88 46.03
CA ALA O 70 -33.22 17.23 45.76
C ALA O 70 -33.54 17.90 47.11
N VAL O 71 -32.85 19.03 47.40
CA VAL O 71 -32.94 19.78 48.67
C VAL O 71 -34.39 20.25 48.96
N GLY O 72 -34.77 20.17 50.24
CA GLY O 72 -36.09 20.54 50.74
C GLY O 72 -37.18 19.51 50.50
N ASN O 73 -36.80 18.28 50.11
CA ASN O 73 -37.76 17.21 49.83
C ASN O 73 -37.43 15.91 50.57
N ALA O 74 -38.26 15.58 51.59
CA ALA O 74 -38.13 14.40 52.44
C ALA O 74 -38.37 13.08 51.69
N GLU O 75 -39.17 13.13 50.59
CA GLU O 75 -39.45 11.97 49.75
C GLU O 75 -38.18 11.56 48.96
N SER O 76 -37.21 12.49 48.87
CA SER O 76 -35.97 12.20 48.15
C SER O 76 -34.79 11.94 49.11
N ARG O 77 -35.08 11.54 50.38
CA ARG O 77 -34.06 11.23 51.40
C ARG O 77 -33.85 9.72 51.50
N TYR O 78 -32.58 9.28 51.45
CA TYR O 78 -32.22 7.86 51.46
C TYR O 78 -31.10 7.59 52.43
N VAL O 79 -31.07 6.37 52.97
CA VAL O 79 -30.02 5.95 53.90
C VAL O 79 -28.68 5.79 53.17
N LEU O 80 -27.60 6.22 53.82
CA LEU O 80 -26.28 5.99 53.28
C LEU O 80 -25.39 5.38 54.35
N THR O 81 -24.47 4.53 53.90
CA THR O 81 -23.48 3.91 54.77
CA THR O 81 -23.53 3.87 54.78
C THR O 81 -22.22 3.75 53.99
N GLY O 82 -21.09 3.89 54.67
CA GLY O 82 -19.82 3.76 53.97
C GLY O 82 -18.66 3.63 54.94
N ARG O 83 -17.46 3.85 54.44
CA ARG O 83 -16.25 3.74 55.28
C ARG O 83 -15.28 4.82 54.92
N TYR O 84 -14.38 5.14 55.82
CA TYR O 84 -13.32 6.11 55.51
C TYR O 84 -12.04 5.69 56.23
N ASP O 85 -10.90 6.21 55.76
CA ASP O 85 -9.62 5.99 56.43
C ASP O 85 -9.56 6.86 57.70
N SER O 86 -9.64 6.23 58.89
CA SER O 86 -9.62 6.95 60.17
C SER O 86 -8.21 7.40 60.64
N ALA O 87 -7.14 6.99 59.92
CA ALA O 87 -5.77 7.38 60.23
C ALA O 87 -5.07 7.77 58.90
N PRO O 88 -5.48 8.88 58.24
CA PRO O 88 -4.90 9.21 56.94
C PRO O 88 -3.44 9.66 57.05
N ALA O 89 -2.75 9.74 55.92
CA ALA O 89 -1.37 10.23 55.87
C ALA O 89 -1.33 11.69 56.32
N THR O 90 -0.18 12.12 56.86
CA THR O 90 0.04 13.48 57.39
C THR O 90 0.98 14.26 56.47
N ASP O 91 1.01 13.90 55.18
CA ASP O 91 1.88 14.53 54.19
C ASP O 91 1.16 15.48 53.21
N GLY O 92 -0.10 15.81 53.50
CA GLY O 92 -0.89 16.67 52.64
C GLY O 92 -1.83 15.91 51.72
N SER O 93 -1.82 14.56 51.79
CA SER O 93 -2.72 13.72 51.00
C SER O 93 -4.13 13.76 51.56
N GLY O 94 -5.09 13.52 50.67
CA GLY O 94 -6.49 13.46 51.05
C GLY O 94 -6.81 12.22 51.87
N THR O 95 -8.05 12.17 52.38
CA THR O 95 -8.53 11.04 53.18
C THR O 95 -9.46 10.20 52.33
N ALA O 96 -9.07 8.95 52.05
CA ALA O 96 -9.92 8.07 51.23
C ALA O 96 -11.22 7.69 51.91
N LEU O 97 -12.30 7.61 51.11
CA LEU O 97 -13.60 7.24 51.64
CA LEU O 97 -13.59 7.23 51.64
C LEU O 97 -14.50 6.71 50.52
N GLY O 98 -15.60 6.10 50.92
CA GLY O 98 -16.58 5.63 49.97
C GLY O 98 -17.89 5.45 50.69
N TRP O 99 -18.99 5.50 49.95
CA TRP O 99 -20.30 5.21 50.53
C TRP O 99 -21.26 4.70 49.48
N THR O 100 -22.37 4.10 49.94
CA THR O 100 -23.42 3.60 49.06
C THR O 100 -24.76 4.14 49.48
N VAL O 101 -25.62 4.36 48.46
CA VAL O 101 -27.03 4.69 48.63
C VAL O 101 -27.78 3.71 47.74
N ALA O 102 -28.68 2.90 48.30
CA ALA O 102 -29.60 2.07 47.50
C ALA O 102 -30.83 2.99 47.38
N TRP O 103 -31.37 3.13 46.15
CA TRP O 103 -32.40 4.12 45.85
C TRP O 103 -33.80 3.65 46.21
N LYS O 104 -33.94 3.16 47.44
CA LYS O 104 -35.22 2.73 47.99
C LYS O 104 -35.41 3.45 49.33
N ASN O 105 -36.58 4.06 49.51
CA ASN O 105 -36.94 4.66 50.79
C ASN O 105 -38.42 4.33 50.98
N ASN O 106 -39.11 4.95 51.96
CA ASN O 106 -40.51 4.59 52.18
C ASN O 106 -41.47 5.11 51.10
N TYR O 107 -40.99 5.96 50.20
CA TYR O 107 -41.81 6.60 49.17
C TYR O 107 -41.57 6.09 47.77
N ARG O 108 -40.31 5.75 47.46
CA ARG O 108 -39.92 5.42 46.10
C ARG O 108 -38.90 4.28 46.08
N ASN O 109 -38.91 3.52 44.99
CA ASN O 109 -37.88 2.49 44.74
C ASN O 109 -37.45 2.49 43.27
N ALA O 110 -36.20 2.89 43.00
CA ALA O 110 -35.68 2.92 41.63
C ALA O 110 -34.93 1.64 41.23
N HIS O 111 -34.88 0.65 42.13
CA HIS O 111 -34.21 -0.64 41.88
C HIS O 111 -32.81 -0.40 41.35
N SER O 112 -32.05 0.39 42.11
CA SER O 112 -30.69 0.78 41.73
C SER O 112 -29.92 1.24 42.96
N ALA O 113 -28.58 1.35 42.81
CA ALA O 113 -27.76 1.80 43.93
C ALA O 113 -26.55 2.52 43.35
N THR O 114 -26.10 3.57 44.04
CA THR O 114 -24.90 4.31 43.65
C THR O 114 -23.83 4.19 44.72
N THR O 115 -22.59 4.01 44.29
CA THR O 115 -21.45 4.04 45.19
C THR O 115 -20.58 5.19 44.81
N TRP O 116 -20.19 6.01 45.79
CA TRP O 116 -19.26 7.10 45.54
C TRP O 116 -17.93 6.72 46.16
N SER O 117 -16.84 6.85 45.41
CA SER O 117 -15.49 6.52 45.86
C SER O 117 -14.66 7.79 45.70
N GLY O 118 -13.94 8.22 46.74
CA GLY O 118 -13.22 9.47 46.58
C GLY O 118 -12.31 9.81 47.73
N GLN O 119 -12.01 11.11 47.85
CA GLN O 119 -11.20 11.58 48.95
C GLN O 119 -11.65 12.92 49.48
N TYR O 120 -11.51 13.08 50.80
CA TYR O 120 -11.78 14.33 51.49
C TYR O 120 -10.46 15.15 51.51
N VAL O 121 -10.57 16.44 51.14
CA VAL O 121 -9.44 17.37 51.11
C VAL O 121 -9.78 18.50 52.10
N GLY O 122 -9.01 18.59 53.18
CA GLY O 122 -9.25 19.58 54.23
C GLY O 122 -8.84 20.98 53.83
N GLY O 123 -8.98 21.89 54.79
CA GLY O 123 -8.64 23.30 54.61
C GLY O 123 -9.83 24.20 54.85
N ALA O 124 -9.66 25.50 54.54
CA ALA O 124 -10.69 26.54 54.73
C ALA O 124 -11.90 26.31 53.82
N GLU O 125 -11.65 25.66 52.66
CA GLU O 125 -12.64 25.32 51.65
C GLU O 125 -12.58 23.79 51.48
N ALA O 126 -13.03 23.04 52.50
CA ALA O 126 -13.01 21.57 52.50
C ALA O 126 -13.83 21.02 51.32
N ARG O 127 -13.38 19.90 50.75
CA ARG O 127 -14.06 19.35 49.59
C ARG O 127 -14.03 17.84 49.67
N ILE O 128 -15.03 17.20 49.09
CA ILE O 128 -14.99 15.75 48.91
C ILE O 128 -15.07 15.53 47.38
N ASN O 129 -13.99 15.02 46.76
CA ASN O 129 -13.95 14.77 45.32
C ASN O 129 -14.21 13.30 45.07
N THR O 130 -15.22 12.98 44.25
CA THR O 130 -15.62 11.59 44.04
C THR O 130 -15.85 11.25 42.58
N GLN O 131 -15.81 9.95 42.34
CA GLN O 131 -16.28 9.31 41.13
C GLN O 131 -17.33 8.33 41.62
N TRP O 132 -18.35 8.06 40.81
CA TRP O 132 -19.42 7.18 41.26
C TRP O 132 -19.85 6.18 40.21
N LEU O 133 -20.47 5.10 40.67
CA LEU O 133 -21.02 4.06 39.82
C LEU O 133 -22.48 3.86 40.23
N LEU O 134 -23.41 3.93 39.27
CA LEU O 134 -24.84 3.74 39.54
C LEU O 134 -25.28 2.50 38.80
N THR O 135 -25.52 1.41 39.55
CA THR O 135 -25.94 0.16 38.93
C THR O 135 -27.44 -0.06 39.14
N SER O 136 -28.15 -0.41 38.06
CA SER O 136 -29.56 -0.71 38.11
CA SER O 136 -29.56 -0.72 38.15
C SER O 136 -29.75 -2.23 38.07
N GLY O 137 -30.78 -2.73 38.75
CA GLY O 137 -31.07 -4.16 38.66
C GLY O 137 -31.65 -4.37 37.27
N THR O 138 -31.03 -5.26 36.48
CA THR O 138 -31.51 -5.48 35.10
C THR O 138 -31.69 -6.95 34.85
N THR O 139 -32.30 -7.26 33.70
CA THR O 139 -32.34 -8.64 33.24
C THR O 139 -30.93 -8.92 32.66
N GLU O 140 -30.62 -10.18 32.37
CA GLU O 140 -29.32 -10.57 31.78
C GLU O 140 -29.11 -9.87 30.44
N ALA O 141 -30.19 -9.74 29.63
CA ALA O 141 -30.14 -9.11 28.31
C ALA O 141 -29.66 -7.67 28.37
N ASN O 142 -30.00 -6.95 29.44
CA ASN O 142 -29.62 -5.54 29.61
C ASN O 142 -28.45 -5.35 30.55
N ALA O 143 -27.84 -6.45 31.10
CA ALA O 143 -26.75 -6.29 32.06
C ALA O 143 -25.55 -5.48 31.54
N TRP O 144 -25.26 -5.55 30.22
CA TRP O 144 -24.11 -4.82 29.67
C TRP O 144 -24.25 -3.31 29.85
N LYS O 145 -25.49 -2.82 29.98
CA LYS O 145 -25.72 -1.38 30.13
C LYS O 145 -26.38 -1.06 31.48
N SER O 146 -26.04 -1.85 32.51
CA SER O 146 -26.60 -1.68 33.84
C SER O 146 -25.97 -0.52 34.62
N THR O 147 -24.76 -0.06 34.24
CA THR O 147 -24.04 0.85 35.11
C THR O 147 -23.65 2.16 34.48
N LEU O 148 -24.01 3.26 35.17
CA LEU O 148 -23.61 4.60 34.80
C LEU O 148 -22.40 4.99 35.64
N VAL O 149 -21.55 5.84 35.09
CA VAL O 149 -20.39 6.40 35.79
C VAL O 149 -20.43 7.91 35.72
N GLY O 150 -19.98 8.55 36.79
CA GLY O 150 -19.91 10.00 36.83
C GLY O 150 -18.97 10.46 37.91
N HIS O 151 -19.01 11.76 38.16
CA HIS O 151 -18.15 12.36 39.16
C HIS O 151 -18.88 13.50 39.84
N ASP O 152 -18.67 13.64 41.16
CA ASP O 152 -19.29 14.70 41.95
CA ASP O 152 -19.29 14.67 41.98
C ASP O 152 -18.27 15.30 42.89
N THR O 153 -18.32 16.61 43.04
CA THR O 153 -17.50 17.31 44.02
CA THR O 153 -17.48 17.35 44.00
C THR O 153 -18.45 17.96 45.02
N PHE O 154 -18.20 17.73 46.30
CA PHE O 154 -19.03 18.23 47.41
C PHE O 154 -18.29 19.25 48.22
N THR O 155 -19.02 20.26 48.73
CA THR O 155 -18.49 21.31 49.61
C THR O 155 -19.52 21.51 50.73
N LYS O 156 -19.13 22.18 51.83
CA LYS O 156 -20.04 22.47 52.94
C LYS O 156 -20.84 23.75 52.71
N VAL O 157 -20.62 24.42 51.57
CA VAL O 157 -21.30 25.68 51.26
C VAL O 157 -22.60 25.42 50.47
N LYS O 158 -23.73 25.93 51.00
CA LYS O 158 -25.06 25.80 50.41
C LYS O 158 -25.20 26.65 49.15
N ASN P 1 -29.36 9.62 41.80
CA ASN P 1 -28.46 10.77 42.14
C ASN P 1 -29.20 12.10 42.02
N GLN P 2 -30.05 12.19 40.98
CA GLN P 2 -31.00 13.26 40.71
C GLN P 2 -32.36 12.59 40.65
N TRP P 4 -35.21 10.24 41.38
CA TRP P 4 -35.34 8.99 42.11
C TRP P 4 -33.97 8.33 42.36
N GLN P 5 -32.89 8.88 41.77
CA GLN P 5 -31.53 8.36 41.96
C GLN P 5 -30.61 9.53 42.33
N GLY Q 40 -12.43 -32.18 -27.80
CA GLY Q 40 -13.27 -31.37 -26.94
C GLY Q 40 -12.48 -30.41 -26.07
N ILE Q 41 -13.15 -29.75 -25.10
CA ILE Q 41 -12.52 -28.78 -24.18
C ILE Q 41 -11.46 -29.46 -23.29
N THR Q 42 -11.76 -30.66 -22.77
CA THR Q 42 -10.81 -31.37 -21.92
C THR Q 42 -9.46 -31.54 -22.63
N GLY Q 43 -8.39 -31.22 -21.93
CA GLY Q 43 -7.06 -31.42 -22.47
C GLY Q 43 -6.08 -30.37 -22.05
N THR Q 44 -4.93 -30.35 -22.72
CA THR Q 44 -3.88 -29.39 -22.44
C THR Q 44 -3.85 -28.34 -23.53
N TRP Q 45 -3.85 -27.07 -23.11
CA TRP Q 45 -3.91 -25.92 -24.00
C TRP Q 45 -2.71 -24.99 -23.79
N TYR Q 46 -2.32 -24.27 -24.85
CA TYR Q 46 -1.20 -23.33 -24.82
CA TYR Q 46 -1.20 -23.33 -24.82
C TYR Q 46 -1.57 -22.04 -25.52
N ASN Q 47 -1.03 -20.90 -25.05
CA ASN Q 47 -1.22 -19.65 -25.80
C ASN Q 47 0.14 -19.39 -26.51
N GLN Q 48 0.33 -18.25 -27.20
CA GLN Q 48 1.63 -18.04 -27.86
C GLN Q 48 2.57 -17.17 -27.02
N LEU Q 49 2.27 -17.04 -25.73
CA LEU Q 49 3.08 -16.24 -24.81
C LEU Q 49 3.71 -17.07 -23.67
N GLY Q 50 3.86 -18.38 -23.90
CA GLY Q 50 4.52 -19.27 -22.96
C GLY Q 50 3.71 -19.84 -21.81
N SER Q 51 2.37 -19.63 -21.82
CA SER Q 51 1.49 -20.14 -20.77
C SER Q 51 0.79 -21.40 -21.24
N THR Q 52 0.30 -22.18 -20.28
CA THR Q 52 -0.41 -23.43 -20.55
C THR Q 52 -1.41 -23.72 -19.46
N PHE Q 53 -2.44 -24.46 -19.80
CA PHE Q 53 -3.35 -24.94 -18.77
C PHE Q 53 -3.86 -26.31 -19.13
N ILE Q 54 -4.22 -27.05 -18.10
CA ILE Q 54 -4.84 -28.37 -18.22
C ILE Q 54 -6.24 -28.18 -17.63
N VAL Q 55 -7.23 -28.71 -18.33
CA VAL Q 55 -8.62 -28.56 -17.91
C VAL Q 55 -9.39 -29.82 -18.17
N THR Q 56 -10.40 -30.07 -17.32
CA THR Q 56 -11.35 -31.16 -17.50
C THR Q 56 -12.71 -30.46 -17.56
N ALA Q 57 -13.50 -30.76 -18.59
CA ALA Q 57 -14.85 -30.24 -18.78
C ALA Q 57 -15.76 -31.38 -18.32
N GLY Q 58 -16.38 -31.20 -17.15
CA GLY Q 58 -17.25 -32.22 -16.54
C GLY Q 58 -18.67 -32.24 -17.08
N ALA Q 59 -19.39 -33.36 -16.87
CA ALA Q 59 -20.77 -33.48 -17.36
C ALA Q 59 -21.75 -32.49 -16.75
N ASP Q 60 -21.41 -31.95 -15.58
CA ASP Q 60 -22.20 -30.97 -14.82
C ASP Q 60 -21.93 -29.51 -15.26
N GLY Q 61 -21.19 -29.31 -16.36
CA GLY Q 61 -20.87 -27.95 -16.84
C GLY Q 61 -19.65 -27.31 -16.19
N ALA Q 62 -18.93 -28.04 -15.36
CA ALA Q 62 -17.77 -27.49 -14.65
C ALA Q 62 -16.50 -27.59 -15.44
N LEU Q 63 -15.63 -26.57 -15.27
CA LEU Q 63 -14.24 -26.58 -15.73
C LEU Q 63 -13.38 -26.60 -14.47
N THR Q 64 -12.43 -27.54 -14.42
CA THR Q 64 -11.51 -27.69 -13.29
CA THR Q 64 -11.52 -27.69 -13.29
C THR Q 64 -10.13 -27.94 -13.87
N GLY Q 65 -9.14 -27.30 -13.31
CA GLY Q 65 -7.81 -27.55 -13.83
C GLY Q 65 -6.72 -26.75 -13.17
N THR Q 66 -5.61 -26.60 -13.90
CA THR Q 66 -4.44 -25.88 -13.41
C THR Q 66 -3.93 -25.00 -14.52
N TYR Q 67 -3.58 -23.77 -14.20
CA TYR Q 67 -3.01 -22.83 -15.15
C TYR Q 67 -1.54 -22.61 -14.77
N GLU Q 68 -0.62 -22.67 -15.74
CA GLU Q 68 0.82 -22.50 -15.49
C GLU Q 68 1.28 -21.31 -16.30
N SER Q 69 1.63 -20.19 -15.62
CA SER Q 69 1.97 -18.93 -16.27
C SER Q 69 3.17 -19.06 -17.18
N ALA Q 70 4.12 -19.92 -16.81
CA ALA Q 70 5.33 -20.19 -17.62
C ALA Q 70 5.51 -21.69 -17.77
N VAL Q 71 5.38 -22.19 -19.01
CA VAL Q 71 5.58 -23.62 -19.32
C VAL Q 71 6.90 -24.09 -18.71
N GLY Q 72 6.85 -25.23 -18.02
CA GLY Q 72 8.05 -25.83 -17.41
C GLY Q 72 8.40 -25.30 -16.04
N ASN Q 73 7.64 -24.30 -15.53
CA ASN Q 73 7.92 -23.77 -14.22
C ASN Q 73 6.75 -24.10 -13.28
N ALA Q 74 6.89 -25.17 -12.50
CA ALA Q 74 5.84 -25.61 -11.59
C ALA Q 74 5.51 -24.59 -10.51
N GLU Q 75 6.42 -23.64 -10.23
CA GLU Q 75 6.13 -22.61 -9.23
C GLU Q 75 5.06 -21.63 -9.75
N SER Q 76 4.81 -21.65 -11.07
CA SER Q 76 3.83 -20.76 -11.69
C SER Q 76 2.50 -21.44 -11.94
N ARG Q 77 2.21 -22.52 -11.18
CA ARG Q 77 0.94 -23.27 -11.36
C ARG Q 77 -0.10 -22.79 -10.36
N TYR Q 78 -1.32 -22.51 -10.85
CA TYR Q 78 -2.43 -22.03 -10.01
C TYR Q 78 -3.70 -22.80 -10.33
N VAL Q 79 -4.62 -22.90 -9.36
CA VAL Q 79 -5.90 -23.52 -9.54
C VAL Q 79 -6.77 -22.71 -10.51
N LEU Q 80 -7.45 -23.42 -11.40
CA LEU Q 80 -8.36 -22.82 -12.37
C LEU Q 80 -9.73 -23.48 -12.14
N THR Q 81 -10.83 -22.67 -12.12
CA THR Q 81 -12.20 -23.17 -12.01
CA THR Q 81 -12.20 -23.15 -11.98
C THR Q 81 -13.10 -22.32 -12.87
N GLY Q 82 -14.06 -22.96 -13.50
CA GLY Q 82 -14.96 -22.24 -14.39
C GLY Q 82 -16.18 -23.04 -14.74
N ARG Q 83 -16.87 -22.59 -15.80
CA ARG Q 83 -18.08 -23.21 -16.28
C ARG Q 83 -18.10 -23.17 -17.80
N TYR Q 84 -18.82 -24.09 -18.41
CA TYR Q 84 -18.97 -24.06 -19.88
C TYR Q 84 -20.39 -24.54 -20.22
N ASP Q 85 -20.85 -24.20 -21.42
CA ASP Q 85 -22.14 -24.66 -21.92
C ASP Q 85 -22.03 -26.15 -22.31
N SER Q 86 -22.67 -27.03 -21.53
CA SER Q 86 -22.59 -28.47 -21.78
C SER Q 86 -23.53 -28.95 -22.90
N ALA Q 87 -24.38 -28.06 -23.44
CA ALA Q 87 -25.25 -28.45 -24.56
C ALA Q 87 -25.24 -27.33 -25.60
N PRO Q 88 -24.09 -27.11 -26.29
CA PRO Q 88 -24.00 -25.97 -27.20
C PRO Q 88 -24.93 -26.13 -28.41
N ALA Q 89 -25.10 -25.03 -29.14
CA ALA Q 89 -25.94 -25.03 -30.33
C ALA Q 89 -25.28 -25.94 -31.38
N THR Q 90 -26.08 -26.50 -32.29
CA THR Q 90 -25.58 -27.43 -33.31
C THR Q 90 -25.58 -26.76 -34.69
N ASP Q 91 -25.46 -25.42 -34.74
CA ASP Q 91 -25.53 -24.62 -35.96
C ASP Q 91 -24.15 -24.12 -36.46
N GLY Q 92 -23.08 -24.65 -35.89
CA GLY Q 92 -21.72 -24.23 -36.25
C GLY Q 92 -21.14 -23.23 -35.27
N SER Q 93 -21.93 -22.83 -34.25
CA SER Q 93 -21.48 -21.90 -33.21
C SER Q 93 -20.49 -22.55 -32.28
N GLY Q 94 -19.59 -21.76 -31.71
CA GLY Q 94 -18.66 -22.23 -30.69
C GLY Q 94 -19.37 -22.51 -29.38
N THR Q 95 -18.65 -23.06 -28.40
CA THR Q 95 -19.16 -23.41 -27.08
C THR Q 95 -18.71 -22.34 -26.09
N ALA Q 96 -19.65 -21.61 -25.49
CA ALA Q 96 -19.34 -20.58 -24.51
C ALA Q 96 -18.75 -21.15 -23.24
N LEU Q 97 -17.75 -20.43 -22.69
CA LEU Q 97 -17.06 -20.87 -21.48
CA LEU Q 97 -17.09 -20.86 -21.46
C LEU Q 97 -16.40 -19.72 -20.76
N GLY Q 98 -16.02 -19.96 -19.51
CA GLY Q 98 -15.27 -18.96 -18.77
C GLY Q 98 -14.56 -19.60 -17.60
N TRP Q 99 -13.45 -19.03 -17.16
CA TRP Q 99 -12.81 -19.53 -15.96
C TRP Q 99 -12.10 -18.42 -15.24
N THR Q 100 -11.74 -18.70 -13.97
CA THR Q 100 -11.00 -17.76 -13.16
C THR Q 100 -9.74 -18.43 -12.61
N VAL Q 101 -8.67 -17.63 -12.50
CA VAL Q 101 -7.47 -18.00 -11.77
C VAL Q 101 -7.21 -16.86 -10.81
N ALA Q 102 -7.17 -17.16 -9.49
CA ALA Q 102 -6.71 -16.16 -8.50
C ALA Q 102 -5.20 -16.41 -8.36
N TRP Q 103 -4.41 -15.35 -8.43
CA TRP Q 103 -2.96 -15.48 -8.50
C TRP Q 103 -2.28 -15.71 -7.15
N LYS Q 104 -2.80 -16.73 -6.42
CA LYS Q 104 -2.18 -17.15 -5.19
C LYS Q 104 -2.01 -18.65 -5.28
N ASN Q 105 -0.80 -19.12 -4.95
CA ASN Q 105 -0.55 -20.56 -4.81
C ASN Q 105 0.25 -20.74 -3.54
N ASN Q 106 0.89 -21.90 -3.32
CA ASN Q 106 1.59 -22.10 -2.06
C ASN Q 106 2.85 -21.26 -1.92
N TYR Q 107 3.30 -20.64 -3.04
CA TYR Q 107 4.59 -19.95 -3.08
C TYR Q 107 4.52 -18.48 -3.35
N ARG Q 108 3.48 -18.07 -4.07
CA ARG Q 108 3.38 -16.70 -4.56
C ARG Q 108 1.98 -16.17 -4.41
N ASN Q 109 1.84 -14.87 -4.11
CA ASN Q 109 0.52 -14.23 -4.07
C ASN Q 109 0.64 -12.85 -4.69
N ALA Q 110 -0.02 -12.66 -5.85
CA ALA Q 110 0.02 -11.36 -6.54
C ALA Q 110 -1.25 -10.51 -6.28
N HIS Q 111 -2.04 -10.90 -5.25
CA HIS Q 111 -3.25 -10.17 -4.83
C HIS Q 111 -4.08 -9.71 -6.03
N SER Q 112 -4.42 -10.68 -6.88
CA SER Q 112 -5.13 -10.39 -8.11
C SER Q 112 -5.78 -11.64 -8.66
N ALA Q 113 -6.66 -11.45 -9.64
CA ALA Q 113 -7.32 -12.58 -10.28
C ALA Q 113 -7.65 -12.25 -11.70
N THR Q 114 -7.52 -13.24 -12.58
CA THR Q 114 -7.89 -13.07 -13.99
C THR Q 114 -9.08 -13.96 -14.30
N THR Q 115 -10.05 -13.43 -15.08
CA THR Q 115 -11.14 -14.22 -15.60
C THR Q 115 -11.00 -14.21 -17.13
N TRP Q 116 -11.08 -15.39 -17.75
CA TRP Q 116 -11.09 -15.50 -19.21
C TRP Q 116 -12.50 -15.86 -19.60
N SER Q 117 -13.02 -15.16 -20.59
CA SER Q 117 -14.38 -15.37 -21.12
C SER Q 117 -14.24 -15.65 -22.59
N GLY Q 118 -14.84 -16.71 -23.11
CA GLY Q 118 -14.64 -16.98 -24.51
C GLY Q 118 -15.42 -18.15 -25.02
N GLN Q 119 -14.96 -18.72 -26.13
CA GLN Q 119 -15.65 -19.86 -26.74
C GLN Q 119 -14.66 -20.88 -27.31
N TYR Q 120 -15.02 -22.14 -27.20
CA TYR Q 120 -14.24 -23.22 -27.78
C TYR Q 120 -14.79 -23.44 -29.19
N VAL Q 121 -13.87 -23.57 -30.16
CA VAL Q 121 -14.22 -23.80 -31.57
C VAL Q 121 -13.57 -25.13 -31.90
N GLY Q 122 -14.39 -26.12 -32.24
CA GLY Q 122 -13.89 -27.45 -32.57
C GLY Q 122 -13.44 -27.58 -34.01
N GLY Q 123 -13.20 -28.81 -34.43
CA GLY Q 123 -12.74 -29.09 -35.79
C GLY Q 123 -11.29 -29.53 -35.79
N ALA Q 124 -10.65 -29.48 -36.98
CA ALA Q 124 -9.28 -29.95 -37.19
C ALA Q 124 -8.21 -29.13 -36.47
N GLU Q 125 -8.48 -27.84 -36.28
CA GLU Q 125 -7.59 -26.90 -35.61
C GLU Q 125 -8.38 -26.31 -34.41
N ALA Q 126 -8.65 -27.15 -33.37
CA ALA Q 126 -9.45 -26.70 -32.22
C ALA Q 126 -8.80 -25.54 -31.50
N ARG Q 127 -9.61 -24.57 -31.09
CA ARG Q 127 -9.10 -23.38 -30.42
C ARG Q 127 -10.04 -22.92 -29.33
N ILE Q 128 -9.49 -22.17 -28.36
CA ILE Q 128 -10.30 -21.51 -27.36
C ILE Q 128 -9.92 -20.05 -27.52
N ASN Q 129 -10.88 -19.24 -27.97
CA ASN Q 129 -10.68 -17.80 -28.21
C ASN Q 129 -11.23 -17.03 -27.04
N THR Q 130 -10.38 -16.23 -26.37
CA THR Q 130 -10.85 -15.56 -25.17
C THR Q 130 -10.50 -14.10 -25.11
N GLN Q 131 -11.20 -13.40 -24.21
CA GLN Q 131 -10.85 -12.06 -23.75
C GLN Q 131 -10.79 -12.20 -22.24
N TRP Q 132 -9.96 -11.39 -21.59
CA TRP Q 132 -9.77 -11.58 -20.16
C TRP Q 132 -9.72 -10.26 -19.42
N LEU Q 133 -10.01 -10.33 -18.10
CA LEU Q 133 -9.95 -9.19 -17.18
C LEU Q 133 -9.10 -9.56 -16.00
N LEU Q 134 -8.06 -8.77 -15.69
CA LEU Q 134 -7.14 -9.06 -14.60
C LEU Q 134 -7.32 -7.93 -13.58
N THR Q 135 -7.97 -8.23 -12.45
CA THR Q 135 -8.18 -7.22 -11.43
C THR Q 135 -7.26 -7.46 -10.28
N SER Q 136 -6.62 -6.36 -9.81
CA SER Q 136 -5.76 -6.40 -8.63
CA SER Q 136 -5.78 -6.42 -8.63
C SER Q 136 -6.50 -5.77 -7.45
N GLY Q 137 -6.21 -6.24 -6.24
CA GLY Q 137 -6.76 -5.58 -5.07
C GLY Q 137 -6.07 -4.23 -4.93
N THR Q 138 -6.86 -3.15 -4.82
CA THR Q 138 -6.27 -1.82 -4.70
C THR Q 138 -6.97 -1.05 -3.57
N THR Q 139 -6.45 0.15 -3.27
CA THR Q 139 -7.18 1.06 -2.40
C THR Q 139 -8.28 1.72 -3.27
N GLU Q 140 -9.20 2.46 -2.63
CA GLU Q 140 -10.25 3.13 -3.40
C GLU Q 140 -9.66 4.16 -4.34
N ALA Q 141 -8.61 4.85 -3.89
CA ALA Q 141 -7.98 5.89 -4.72
C ALA Q 141 -7.38 5.33 -6.02
N ASN Q 142 -6.94 4.05 -5.99
CA ASN Q 142 -6.31 3.43 -7.15
C ASN Q 142 -7.25 2.48 -7.88
N ALA Q 143 -8.53 2.40 -7.45
CA ALA Q 143 -9.44 1.46 -8.06
C ALA Q 143 -9.69 1.73 -9.53
N TRP Q 144 -9.56 3.00 -9.97
CA TRP Q 144 -9.78 3.31 -11.40
C TRP Q 144 -8.81 2.54 -12.31
N LYS Q 145 -7.64 2.18 -11.79
CA LYS Q 145 -6.59 1.51 -12.60
C LYS Q 145 -6.38 0.08 -12.07
N SER Q 146 -7.44 -0.52 -11.50
CA SER Q 146 -7.35 -1.88 -10.93
C SER Q 146 -7.43 -3.01 -11.94
N THR Q 147 -7.94 -2.74 -13.19
CA THR Q 147 -8.25 -3.84 -14.09
C THR Q 147 -7.62 -3.71 -15.46
N LEU Q 148 -6.83 -4.72 -15.84
CA LEU Q 148 -6.26 -4.82 -17.17
C LEU Q 148 -7.20 -5.70 -18.01
N VAL Q 149 -7.20 -5.46 -19.32
CA VAL Q 149 -8.00 -6.23 -20.25
C VAL Q 149 -7.11 -6.70 -21.36
N GLY Q 150 -7.37 -7.91 -21.86
CA GLY Q 150 -6.56 -8.45 -22.95
C GLY Q 150 -7.27 -9.61 -23.62
N HIS Q 151 -6.54 -10.33 -24.48
CA HIS Q 151 -7.13 -11.45 -25.22
C HIS Q 151 -6.11 -12.54 -25.39
N ASP Q 152 -6.59 -13.77 -25.45
CA ASP Q 152 -5.71 -14.91 -25.67
CA ASP Q 152 -5.72 -14.94 -25.61
C ASP Q 152 -6.40 -15.93 -26.53
N THR Q 153 -5.63 -16.55 -27.44
CA THR Q 153 -6.12 -17.68 -28.22
CA THR Q 153 -6.11 -17.66 -28.25
C THR Q 153 -5.29 -18.88 -27.80
N PHE Q 154 -5.95 -19.97 -27.45
CA PHE Q 154 -5.27 -21.20 -27.02
C PHE Q 154 -5.48 -22.29 -28.05
N THR Q 155 -4.45 -23.14 -28.19
CA THR Q 155 -4.45 -24.30 -29.09
CA THR Q 155 -4.43 -24.28 -29.09
C THR Q 155 -3.93 -25.50 -28.31
N LYS Q 156 -4.17 -26.72 -28.80
CA LYS Q 156 -3.66 -27.92 -28.16
C LYS Q 156 -2.25 -28.22 -28.69
N VAL Q 157 -1.77 -27.44 -29.68
CA VAL Q 157 -0.45 -27.66 -30.26
C VAL Q 157 0.60 -26.93 -29.42
N LYS Q 158 1.60 -27.67 -28.87
CA LYS Q 158 2.67 -27.08 -28.06
C LYS Q 158 3.56 -26.21 -28.97
N PRO Q 159 3.75 -24.91 -28.66
CA PRO Q 159 4.56 -24.04 -29.54
C PRO Q 159 6.03 -24.45 -29.71
N ASN R 1 -0.91 -13.55 -15.45
CA ASN R 1 -1.04 -14.27 -16.73
C ASN R 1 0.33 -14.68 -17.24
N GLN R 2 1.31 -13.76 -17.10
CA GLN R 2 2.74 -13.97 -17.31
C GLN R 2 3.38 -13.77 -15.91
N TRP R 4 4.03 -13.75 -12.20
CA TRP R 4 3.13 -14.01 -11.06
C TRP R 4 1.68 -13.85 -11.40
N GLN R 5 1.37 -13.44 -12.64
CA GLN R 5 -0.02 -13.29 -13.10
C GLN R 5 -0.11 -14.04 -14.44
N ALA S 39 -0.39 -14.19 14.24
CA ALA S 39 -0.39 -13.70 15.62
C ALA S 39 -0.25 -12.16 15.65
N GLY S 40 -1.02 -11.52 16.54
CA GLY S 40 -1.03 -10.07 16.70
C GLY S 40 -2.42 -9.49 16.80
N ILE S 41 -2.53 -8.18 16.98
CA ILE S 41 -3.84 -7.51 17.07
C ILE S 41 -4.61 -7.62 15.76
N THR S 42 -3.93 -7.47 14.61
CA THR S 42 -4.62 -7.52 13.32
C THR S 42 -5.45 -8.78 13.19
N GLY S 43 -6.70 -8.64 12.80
CA GLY S 43 -7.55 -9.80 12.61
C GLY S 43 -8.99 -9.53 12.93
N THR S 44 -9.77 -10.62 13.04
CA THR S 44 -11.20 -10.56 13.35
C THR S 44 -11.42 -11.06 14.78
N TRP S 45 -12.14 -10.27 15.56
CA TRP S 45 -12.38 -10.50 16.99
C TRP S 45 -13.84 -10.65 17.29
N TYR S 46 -14.15 -11.44 18.33
CA TYR S 46 -15.52 -11.72 18.74
CA TYR S 46 -15.53 -11.69 18.73
C TYR S 46 -15.69 -11.59 20.24
N ASN S 47 -16.88 -11.19 20.67
CA ASN S 47 -17.15 -11.19 22.08
C ASN S 47 -18.23 -12.26 22.28
N GLN S 48 -18.65 -12.51 23.51
CA GLN S 48 -19.66 -13.54 23.73
C GLN S 48 -21.11 -12.97 23.62
N LEU S 49 -21.23 -11.66 23.38
CA LEU S 49 -22.52 -10.96 23.27
C LEU S 49 -22.99 -10.76 21.79
N GLY S 50 -22.36 -11.48 20.87
CA GLY S 50 -22.76 -11.48 19.47
C GLY S 50 -22.18 -10.41 18.57
N SER S 51 -21.21 -9.63 19.07
CA SER S 51 -20.56 -8.60 18.24
C SER S 51 -19.24 -9.10 17.71
N THR S 52 -18.74 -8.41 16.69
CA THR S 52 -17.48 -8.74 16.07
C THR S 52 -16.86 -7.47 15.53
N PHE S 53 -15.55 -7.45 15.40
CA PHE S 53 -14.89 -6.37 14.71
C PHE S 53 -13.69 -6.90 13.97
N ILE S 54 -13.35 -6.23 12.87
CA ILE S 54 -12.14 -6.56 12.12
C ILE S 54 -11.23 -5.36 12.31
N VAL S 55 -9.96 -5.59 12.54
CA VAL S 55 -9.03 -4.49 12.76
C VAL S 55 -7.69 -4.75 12.10
N THR S 56 -7.01 -3.68 11.72
CA THR S 56 -5.64 -3.74 11.27
C THR S 56 -4.85 -2.86 12.22
N ALA S 57 -3.75 -3.42 12.76
CA ALA S 57 -2.86 -2.69 13.64
C ALA S 57 -1.66 -2.30 12.74
N GLY S 58 -1.60 -1.01 12.37
CA GLY S 58 -0.57 -0.47 11.50
C GLY S 58 0.76 -0.33 12.19
N ALA S 59 1.85 -0.31 11.40
CA ALA S 59 3.19 -0.20 11.99
C ALA S 59 3.39 1.10 12.78
N ASP S 60 2.62 2.14 12.42
CA ASP S 60 2.63 3.47 13.01
C ASP S 60 1.81 3.59 14.33
N GLY S 61 1.23 2.50 14.80
CA GLY S 61 0.45 2.56 16.04
C GLY S 61 -1.03 2.77 15.81
N ALA S 62 -1.47 2.81 14.54
CA ALA S 62 -2.89 3.03 14.26
C ALA S 62 -3.70 1.75 14.33
N LEU S 63 -4.94 1.87 14.83
CA LEU S 63 -5.93 0.81 14.75
C LEU S 63 -7.02 1.36 13.80
N THR S 64 -7.34 0.59 12.74
CA THR S 64 -8.41 0.95 11.82
CA THR S 64 -8.35 0.96 11.76
C THR S 64 -9.22 -0.28 11.55
N GLY S 65 -10.52 -0.11 11.46
CA GLY S 65 -11.33 -1.29 11.24
C GLY S 65 -12.82 -1.01 11.20
N THR S 66 -13.59 -2.09 11.37
CA THR S 66 -15.05 -1.97 11.31
C THR S 66 -15.63 -2.81 12.41
N TYR S 67 -16.57 -2.23 13.16
CA TYR S 67 -17.24 -2.92 14.24
C TYR S 67 -18.61 -3.31 13.77
N GLU S 68 -19.03 -4.57 14.01
CA GLU S 68 -20.36 -5.04 13.61
C GLU S 68 -21.11 -5.48 14.88
N SER S 69 -22.09 -4.69 15.30
CA SER S 69 -22.78 -4.89 16.57
C SER S 69 -23.50 -6.22 16.64
N ALA S 70 -24.04 -6.69 15.49
CA ALA S 70 -24.67 -8.02 15.46
C ALA S 70 -24.03 -8.76 14.29
N VAL S 71 -23.24 -9.83 14.59
CA VAL S 71 -22.56 -10.62 13.52
C VAL S 71 -23.56 -10.95 12.38
N GLY S 72 -23.17 -10.65 11.15
CA GLY S 72 -24.01 -10.93 9.98
C GLY S 72 -25.04 -9.88 9.60
N ASN S 73 -25.20 -8.83 10.41
CA ASN S 73 -26.15 -7.75 10.11
C ASN S 73 -25.38 -6.54 9.54
N ALA S 74 -25.44 -6.38 8.23
CA ALA S 74 -24.73 -5.31 7.54
C ALA S 74 -25.13 -3.91 7.95
N GLU S 75 -26.37 -3.73 8.45
CA GLU S 75 -26.81 -2.41 8.91
C GLU S 75 -26.23 -2.03 10.27
N SER S 76 -25.54 -2.99 10.93
CA SER S 76 -24.94 -2.77 12.26
C SER S 76 -23.42 -2.54 12.17
N ARG S 77 -22.92 -2.15 10.99
CA ARG S 77 -21.49 -1.93 10.81
C ARG S 77 -21.12 -0.46 10.95
N TYR S 78 -20.06 -0.20 11.72
CA TYR S 78 -19.61 1.16 12.00
C TYR S 78 -18.09 1.23 11.90
N VAL S 79 -17.57 2.42 11.60
CA VAL S 79 -16.13 2.63 11.57
C VAL S 79 -15.55 2.58 12.99
N LEU S 80 -14.39 1.92 13.12
CA LEU S 80 -13.62 1.81 14.36
C LEU S 80 -12.24 2.43 14.08
N THR S 81 -11.78 3.33 14.96
CA THR S 81 -10.46 3.94 14.85
C THR S 81 -9.84 4.03 16.24
N GLY S 82 -8.53 3.76 16.32
CA GLY S 82 -7.85 3.83 17.62
C GLY S 82 -6.35 3.82 17.51
N ARG S 83 -5.69 3.53 18.64
CA ARG S 83 -4.24 3.51 18.71
C ARG S 83 -3.82 2.37 19.60
N TYR S 84 -2.57 1.91 19.41
CA TYR S 84 -2.01 0.86 20.26
C TYR S 84 -0.51 1.09 20.40
N ASP S 85 0.07 0.49 21.44
CA ASP S 85 1.51 0.59 21.68
C ASP S 85 2.23 -0.33 20.70
N SER S 86 2.95 0.26 19.69
CA SER S 86 3.66 -0.53 18.68
C SER S 86 5.00 -1.10 19.13
N ALA S 87 5.42 -0.81 20.38
CA ALA S 87 6.66 -1.39 20.90
C ALA S 87 6.46 -1.77 22.38
N PRO S 88 5.60 -2.78 22.63
CA PRO S 88 5.28 -3.14 24.00
C PRO S 88 6.43 -3.83 24.72
N ALA S 89 6.24 -4.03 26.04
CA ALA S 89 7.18 -4.76 26.89
C ALA S 89 7.25 -6.23 26.46
N THR S 90 8.34 -6.93 26.84
CA THR S 90 8.57 -8.31 26.42
C THR S 90 8.33 -9.39 27.46
N ASP S 91 8.04 -9.01 28.72
CA ASP S 91 7.94 -9.97 29.86
C ASP S 91 6.62 -10.75 29.97
N GLY S 92 5.75 -10.60 28.99
CA GLY S 92 4.43 -11.21 29.02
C GLY S 92 3.35 -10.19 29.30
N SER S 93 3.72 -8.91 29.58
CA SER S 93 2.76 -7.84 29.79
C SER S 93 1.95 -7.64 28.52
N GLY S 94 0.69 -7.27 28.66
CA GLY S 94 -0.15 -6.98 27.51
C GLY S 94 0.30 -5.74 26.73
N THR S 95 -0.30 -5.54 25.55
CA THR S 95 -0.04 -4.41 24.68
C THR S 95 -1.22 -3.46 24.88
N ALA S 96 -0.97 -2.25 25.40
CA ALA S 96 -2.06 -1.30 25.67
C ALA S 96 -2.64 -0.79 24.36
N LEU S 97 -3.96 -0.55 24.37
CA LEU S 97 -4.64 -0.08 23.16
CA LEU S 97 -4.63 -0.07 23.16
C LEU S 97 -5.96 0.56 23.53
N GLY S 98 -6.58 1.22 22.54
CA GLY S 98 -7.89 1.77 22.74
C GLY S 98 -8.47 2.10 21.38
N TRP S 99 -9.79 2.14 21.33
CA TRP S 99 -10.44 2.53 20.08
C TRP S 99 -11.80 3.12 20.36
N THR S 100 -12.33 3.82 19.35
CA THR S 100 -13.65 4.43 19.49
C THR S 100 -14.51 3.98 18.32
N VAL S 101 -15.84 3.85 18.61
CA VAL S 101 -16.85 3.71 17.58
C VAL S 101 -17.89 4.80 17.89
N ALA S 102 -18.20 5.68 16.92
CA ALA S 102 -19.35 6.58 17.11
C ALA S 102 -20.50 5.84 16.42
N TRP S 103 -21.68 5.78 17.08
CA TRP S 103 -22.78 4.94 16.64
C TRP S 103 -23.66 5.57 15.58
N LYS S 104 -23.00 6.05 14.51
CA LYS S 104 -23.62 6.60 13.33
C LYS S 104 -23.08 5.86 12.11
N ASN S 105 -23.99 5.36 11.30
CA ASN S 105 -23.69 4.83 9.98
C ASN S 105 -24.80 5.35 9.04
N ASN S 106 -24.87 4.87 7.80
CA ASN S 106 -25.89 5.42 6.88
C ASN S 106 -27.30 4.91 7.15
N TYR S 107 -27.44 3.93 8.04
CA TYR S 107 -28.72 3.31 8.39
C TYR S 107 -29.28 3.73 9.71
N ARG S 108 -28.39 4.01 10.70
CA ARG S 108 -28.73 4.22 12.10
C ARG S 108 -27.88 5.28 12.76
N ASN S 109 -28.48 6.06 13.66
CA ASN S 109 -27.70 7.02 14.45
C ASN S 109 -28.24 7.02 15.89
N ALA S 110 -27.43 6.48 16.83
CA ALA S 110 -27.81 6.42 18.24
C ALA S 110 -27.27 7.63 19.03
N HIS S 111 -26.69 8.64 18.33
CA HIS S 111 -26.19 9.88 18.96
C HIS S 111 -25.35 9.55 20.22
N SER S 112 -24.34 8.67 20.03
CA SER S 112 -23.53 8.20 21.15
C SER S 112 -22.23 7.63 20.59
N ALA S 113 -21.27 7.41 21.48
CA ALA S 113 -19.98 6.84 21.04
C ALA S 113 -19.41 6.01 22.18
N THR S 114 -18.80 4.87 21.86
CA THR S 114 -18.14 4.06 22.88
C THR S 114 -16.64 4.08 22.67
N THR S 115 -15.89 4.17 23.77
CA THR S 115 -14.42 4.03 23.70
C THR S 115 -14.08 2.80 24.53
N TRP S 116 -13.30 1.87 23.93
CA TRP S 116 -12.81 0.70 24.66
C TRP S 116 -11.33 0.98 24.97
N SER S 117 -10.92 0.73 26.22
CA SER S 117 -9.55 0.93 26.66
C SER S 117 -9.10 -0.39 27.23
N GLY S 118 -7.98 -0.91 26.75
CA GLY S 118 -7.60 -2.22 27.25
C GLY S 118 -6.23 -2.68 26.85
N GLN S 119 -6.03 -4.01 26.83
CA GLN S 119 -4.75 -4.56 26.45
C GLN S 119 -4.93 -5.88 25.72
N TYR S 120 -4.06 -6.10 24.75
CA TYR S 120 -4.00 -7.34 24.00
C TYR S 120 -2.99 -8.24 24.71
N VAL S 121 -3.36 -9.52 24.94
CA VAL S 121 -2.52 -10.48 25.62
C VAL S 121 -2.36 -11.66 24.65
N GLY S 122 -1.12 -12.07 24.39
CA GLY S 122 -0.82 -13.17 23.48
C GLY S 122 -0.94 -14.51 24.15
N GLY S 123 -0.28 -15.50 23.57
CA GLY S 123 -0.33 -16.86 24.06
C GLY S 123 -1.14 -17.76 23.15
N ALA S 124 -1.52 -18.92 23.66
CA ALA S 124 -2.21 -19.93 22.83
C ALA S 124 -3.56 -19.40 22.34
N GLU S 125 -4.31 -18.70 23.21
CA GLU S 125 -5.56 -18.08 22.79
C GLU S 125 -5.47 -16.60 23.12
N ALA S 126 -5.09 -15.80 22.13
CA ALA S 126 -4.95 -14.36 22.34
C ALA S 126 -6.26 -13.70 22.73
N ARG S 127 -6.19 -12.62 23.53
CA ARG S 127 -7.42 -11.98 23.99
C ARG S 127 -7.18 -10.50 24.06
N ILE S 128 -8.27 -9.74 23.95
CA ILE S 128 -8.22 -8.29 24.15
C ILE S 128 -9.19 -8.06 25.31
N ASN S 129 -8.66 -7.65 26.45
CA ASN S 129 -9.45 -7.40 27.67
C ASN S 129 -9.68 -5.90 27.81
N THR S 130 -10.95 -5.45 27.87
CA THR S 130 -11.22 -4.01 27.88
C THR S 130 -12.19 -3.59 28.95
N GLN S 131 -12.14 -2.30 29.22
CA GLN S 131 -13.17 -1.57 29.94
C GLN S 131 -13.64 -0.49 28.95
N TRP S 132 -14.91 -0.10 29.00
CA TRP S 132 -15.41 0.85 28.02
C TRP S 132 -16.31 1.89 28.62
N LEU S 133 -16.42 3.05 27.93
CA LEU S 133 -17.28 4.16 28.35
C LEU S 133 -18.15 4.47 27.13
N LEU S 134 -19.46 4.54 27.33
CA LEU S 134 -20.39 4.82 26.24
C LEU S 134 -21.10 6.15 26.59
N THR S 135 -20.75 7.24 25.90
CA THR S 135 -21.38 8.52 26.19
C THR S 135 -22.40 8.83 25.12
N SER S 136 -23.57 9.31 25.55
CA SER S 136 -24.64 9.75 24.65
CA SER S 136 -24.62 9.75 24.64
C SER S 136 -24.68 11.27 24.64
N GLY S 137 -25.11 11.84 23.52
CA GLY S 137 -25.27 13.30 23.47
C GLY S 137 -26.53 13.63 24.26
N THR S 138 -26.42 14.47 25.28
CA THR S 138 -27.57 14.81 26.11
C THR S 138 -27.70 16.32 26.28
N THR S 139 -28.80 16.76 26.92
CA THR S 139 -28.92 18.16 27.30
C THR S 139 -28.07 18.29 28.57
N GLU S 140 -27.80 19.52 29.00
CA GLU S 140 -27.03 19.76 30.20
C GLU S 140 -27.70 19.16 31.46
N ALA S 141 -29.04 19.25 31.55
CA ALA S 141 -29.85 18.71 32.67
C ALA S 141 -29.71 17.18 32.77
N ASN S 142 -29.47 16.49 31.64
CA ASN S 142 -29.35 15.03 31.65
C ASN S 142 -27.89 14.54 31.56
N ALA S 143 -26.90 15.48 31.60
CA ALA S 143 -25.49 15.11 31.43
C ALA S 143 -24.93 14.23 32.52
N TRP S 144 -25.52 14.33 33.73
CA TRP S 144 -25.05 13.49 34.85
C TRP S 144 -25.21 11.99 34.56
N LYS S 145 -26.19 11.61 33.71
CA LYS S 145 -26.45 10.21 33.39
C LYS S 145 -26.10 9.92 31.92
N SER S 146 -25.14 10.69 31.38
CA SER S 146 -24.78 10.53 29.96
C SER S 146 -23.87 9.33 29.65
N THR S 147 -23.18 8.75 30.68
CA THR S 147 -22.13 7.78 30.37
C THR S 147 -22.31 6.46 31.08
N LEU S 148 -22.32 5.40 30.28
CA LEU S 148 -22.36 4.02 30.77
C LEU S 148 -20.90 3.52 30.84
N VAL S 149 -20.64 2.58 31.75
CA VAL S 149 -19.34 1.93 31.85
C VAL S 149 -19.53 0.41 31.87
N GLY S 150 -18.61 -0.29 31.23
CA GLY S 150 -18.67 -1.75 31.28
C GLY S 150 -17.33 -2.36 30.93
N HIS S 151 -17.36 -3.67 30.69
CA HIS S 151 -16.13 -4.38 30.38
C HIS S 151 -16.45 -5.47 29.38
N ASP S 152 -15.52 -5.69 28.44
CA ASP S 152 -15.69 -6.68 27.39
CA ASP S 152 -15.68 -6.71 27.41
C ASP S 152 -14.38 -7.40 27.12
N THR S 153 -14.45 -8.70 26.81
CA THR S 153 -13.28 -9.45 26.41
CA THR S 153 -13.28 -9.48 26.42
C THR S 153 -13.52 -10.02 25.02
N PHE S 154 -12.52 -9.95 24.16
CA PHE S 154 -12.63 -10.43 22.81
C PHE S 154 -11.59 -11.49 22.53
N THR S 155 -11.94 -12.42 21.65
CA THR S 155 -11.02 -13.47 21.18
CA THR S 155 -11.08 -13.51 21.21
C THR S 155 -11.18 -13.64 19.69
N LYS S 156 -10.20 -14.30 19.04
CA LYS S 156 -10.31 -14.53 17.60
C LYS S 156 -11.11 -15.81 17.31
N VAL S 157 -11.56 -16.53 18.38
CA VAL S 157 -12.34 -17.76 18.20
C VAL S 157 -13.82 -17.39 17.99
N LYS S 158 -14.36 -17.72 16.81
CA LYS S 158 -15.76 -17.44 16.48
C LYS S 158 -16.67 -18.33 17.36
N PRO S 159 -17.58 -17.74 18.19
CA PRO S 159 -18.44 -18.58 19.05
C PRO S 159 -19.38 -19.48 18.26
N ASN T 1 -23.06 -0.87 21.44
CA ASN T 1 -22.14 -2.03 21.58
C ASN T 1 -22.86 -3.28 21.08
N GLN T 2 -24.14 -3.38 21.48
CA GLN T 2 -25.09 -4.40 21.02
CA GLN T 2 -25.10 -4.39 21.04
C GLN T 2 -26.23 -3.62 20.36
N TRP T 4 -28.10 -0.95 18.38
CA TRP T 4 -27.66 0.30 17.77
C TRP T 4 -26.39 0.86 18.42
N GLN T 5 -25.89 0.17 19.45
CA GLN T 5 -24.66 0.59 20.14
C GLN T 5 -23.74 -0.64 20.27
N ALA U 37 -21.73 17.42 10.00
CA ALA U 37 -20.49 17.58 10.75
C ALA U 37 -20.70 18.43 12.01
N GLU U 38 -19.59 18.78 12.71
CA GLU U 38 -19.59 19.66 13.88
C GLU U 38 -18.29 20.41 13.87
N ALA U 39 -18.20 21.44 12.99
CA ALA U 39 -16.98 22.26 12.79
C ALA U 39 -16.45 22.88 14.08
N GLY U 40 -17.35 23.12 15.03
CA GLY U 40 -17.01 23.64 16.35
C GLY U 40 -16.00 22.78 17.10
N ILE U 41 -15.92 21.48 16.78
CA ILE U 41 -14.96 20.57 17.42
C ILE U 41 -13.53 20.87 16.95
N THR U 42 -13.37 21.20 15.66
CA THR U 42 -12.05 21.44 15.11
C THR U 42 -11.39 22.63 15.81
N GLY U 43 -10.17 22.41 16.26
CA GLY U 43 -9.39 23.47 16.89
C GLY U 43 -8.46 22.96 17.97
N THR U 44 -7.98 23.90 18.78
CA THR U 44 -7.07 23.68 19.88
C THR U 44 -7.85 23.80 21.18
N TRP U 45 -7.79 22.72 21.99
CA TRP U 45 -8.47 22.61 23.28
C TRP U 45 -7.47 22.48 24.44
N TYR U 46 -7.87 22.96 25.63
CA TYR U 46 -7.06 22.94 26.86
CA TYR U 46 -7.06 22.95 26.85
C TYR U 46 -7.87 22.38 28.00
N ASN U 47 -7.24 21.53 28.85
CA ASN U 47 -7.96 21.00 30.01
C ASN U 47 -7.59 21.86 31.23
N GLN U 48 -7.97 21.45 32.45
CA GLN U 48 -7.67 22.25 33.65
C GLN U 48 -6.22 22.10 34.15
N LEU U 49 -5.50 21.05 33.69
CA LEU U 49 -4.19 20.71 34.23
C LEU U 49 -2.97 20.78 33.25
N GLY U 50 -2.92 21.83 32.44
CA GLY U 50 -1.78 22.08 31.54
C GLY U 50 -1.64 21.25 30.28
N SER U 51 -2.66 20.43 29.93
CA SER U 51 -2.64 19.62 28.70
C SER U 51 -3.36 20.30 27.56
N THR U 52 -2.96 19.99 26.34
CA THR U 52 -3.55 20.59 25.14
C THR U 52 -3.78 19.53 24.09
N PHE U 53 -4.78 19.72 23.26
CA PHE U 53 -4.87 18.89 22.08
C PHE U 53 -5.44 19.66 20.92
N ILE U 54 -4.91 19.37 19.74
CA ILE U 54 -5.34 19.95 18.49
C ILE U 54 -6.07 18.84 17.76
N VAL U 55 -7.27 19.13 17.32
CA VAL U 55 -8.08 18.13 16.63
C VAL U 55 -8.70 18.72 15.37
N THR U 56 -8.93 17.83 14.40
CA THR U 56 -9.68 18.13 13.19
C THR U 56 -10.86 17.14 13.16
N ALA U 57 -12.09 17.67 13.09
CA ALA U 57 -13.29 16.84 12.97
C ALA U 57 -13.66 16.79 11.49
N GLY U 58 -13.46 15.62 10.90
CA GLY U 58 -13.75 15.38 9.48
C GLY U 58 -15.23 15.27 9.22
N ALA U 59 -15.68 15.61 8.00
CA ALA U 59 -17.10 15.55 7.64
C ALA U 59 -17.72 14.15 7.80
N ASP U 60 -16.86 13.11 7.76
CA ASP U 60 -17.16 11.68 7.84
C ASP U 60 -17.27 11.12 9.27
N GLY U 61 -16.97 11.92 10.28
CA GLY U 61 -17.00 11.43 11.66
C GLY U 61 -15.60 11.14 12.23
N ALA U 62 -14.52 11.42 11.49
CA ALA U 62 -13.19 11.15 11.99
C ALA U 62 -12.63 12.28 12.86
N LEU U 63 -11.88 11.92 13.94
CA LEU U 63 -11.13 12.87 14.76
C LEU U 63 -9.67 12.51 14.57
N THR U 64 -8.84 13.49 14.21
CA THR U 64 -7.39 13.28 14.04
CA THR U 64 -7.41 13.30 13.97
C THR U 64 -6.69 14.48 14.65
N GLY U 65 -5.53 14.23 15.19
CA GLY U 65 -4.78 15.30 15.80
C GLY U 65 -3.66 14.88 16.68
N THR U 66 -3.30 15.77 17.60
CA THR U 66 -2.19 15.51 18.51
C THR U 66 -2.53 15.97 19.89
N TYR U 67 -2.04 15.23 20.89
CA TYR U 67 -2.25 15.51 22.30
CA TYR U 67 -2.25 15.53 22.29
C TYR U 67 -0.89 15.86 22.91
N GLU U 68 -0.84 16.97 23.66
CA GLU U 68 0.37 17.44 24.32
C GLU U 68 0.11 17.39 25.80
N SER U 69 0.80 16.47 26.49
CA SER U 69 0.57 16.29 27.92
CA SER U 69 0.65 16.24 27.93
C SER U 69 1.00 17.48 28.76
N ALA U 70 2.03 18.22 28.31
CA ALA U 70 2.55 19.43 28.97
C ALA U 70 2.93 20.49 27.93
N VAL U 71 2.61 21.75 28.23
CA VAL U 71 2.91 22.90 27.36
C VAL U 71 4.41 23.20 27.42
N GLY U 72 5.05 23.28 26.26
CA GLY U 72 6.47 23.62 26.16
C GLY U 72 7.37 22.66 25.40
N ASN U 73 6.96 21.38 25.21
CA ASN U 73 7.84 20.44 24.52
C ASN U 73 7.15 19.44 23.62
N ALA U 74 7.81 19.18 22.48
CA ALA U 74 7.44 18.21 21.45
C ALA U 74 7.61 16.78 21.96
N GLU U 75 8.45 16.57 23.00
CA GLU U 75 8.68 15.25 23.58
C GLU U 75 7.43 14.73 24.30
N SER U 76 6.46 15.63 24.55
CA SER U 76 5.20 15.28 25.20
C SER U 76 4.01 15.27 24.20
N ARG U 77 4.30 15.25 22.89
CA ARG U 77 3.29 15.25 21.82
C ARG U 77 3.04 13.82 21.31
N TYR U 78 1.76 13.40 21.28
CA TYR U 78 1.36 12.05 20.87
C TYR U 78 0.20 12.13 19.85
N VAL U 79 0.10 11.14 18.98
CA VAL U 79 -0.94 11.05 17.98
C VAL U 79 -2.26 10.72 18.67
N LEU U 80 -3.33 11.34 18.20
CA LEU U 80 -4.65 10.95 18.68
C LEU U 80 -5.56 10.71 17.52
N THR U 81 -6.43 9.72 17.67
CA THR U 81 -7.43 9.43 16.66
CA THR U 81 -7.44 9.39 16.66
C THR U 81 -8.70 8.99 17.37
N GLY U 82 -9.83 9.30 16.75
CA GLY U 82 -11.12 8.96 17.32
C GLY U 82 -12.25 9.19 16.35
N ARG U 83 -13.48 9.25 16.89
CA ARG U 83 -14.68 9.38 16.10
C ARG U 83 -15.65 10.33 16.78
N TYR U 84 -16.56 10.91 16.03
CA TYR U 84 -17.63 11.71 16.66
C TYR U 84 -18.89 11.54 15.84
N ASP U 85 -20.04 11.88 16.46
CA ASP U 85 -21.31 11.81 15.73
C ASP U 85 -21.40 13.02 14.76
N SER U 86 -21.27 12.77 13.44
CA SER U 86 -21.28 13.84 12.45
C SER U 86 -22.69 14.32 12.08
N ALA U 87 -23.76 13.78 12.69
CA ALA U 87 -25.09 14.32 12.44
C ALA U 87 -25.80 14.40 13.79
N PRO U 88 -25.31 15.25 14.74
CA PRO U 88 -25.93 15.27 16.07
C PRO U 88 -27.36 15.80 16.04
N ALA U 89 -28.09 15.55 17.13
CA ALA U 89 -29.45 16.10 17.25
C ALA U 89 -29.37 17.64 17.33
N THR U 90 -30.45 18.36 16.94
CA THR U 90 -30.47 19.83 16.99
C THR U 90 -31.48 20.29 18.06
N ASP U 91 -31.74 19.41 19.06
CA ASP U 91 -32.71 19.65 20.13
C ASP U 91 -32.07 20.25 21.41
N GLY U 92 -30.79 20.62 21.32
CA GLY U 92 -30.03 21.15 22.46
C GLY U 92 -29.10 20.13 23.09
N SER U 93 -29.08 18.89 22.57
CA SER U 93 -28.20 17.82 23.05
C SER U 93 -26.78 18.05 22.55
N GLY U 94 -25.81 17.54 23.30
CA GLY U 94 -24.41 17.63 22.92
C GLY U 94 -24.10 16.66 21.79
N THR U 95 -22.86 16.70 21.29
CA THR U 95 -22.41 15.84 20.20
C THR U 95 -21.44 14.78 20.78
N ALA U 96 -21.83 13.50 20.72
CA ALA U 96 -21.01 12.42 21.26
C ALA U 96 -19.71 12.23 20.48
N LEU U 97 -18.64 11.89 21.23
CA LEU U 97 -17.32 11.70 20.64
CA LEU U 97 -17.34 11.68 20.62
C LEU U 97 -16.43 10.86 21.55
N GLY U 98 -15.31 10.42 21.00
CA GLY U 98 -14.31 9.71 21.76
C GLY U 98 -12.99 9.72 21.01
N TRP U 99 -11.89 9.53 21.74
CA TRP U 99 -10.59 9.44 21.07
C TRP U 99 -9.65 8.64 21.94
N THR U 100 -8.54 8.19 21.34
CA THR U 100 -7.52 7.44 22.04
C THR U 100 -6.17 8.09 21.76
N VAL U 101 -5.33 8.06 22.80
CA VAL U 101 -3.92 8.37 22.73
C VAL U 101 -3.16 7.17 23.30
N ALA U 102 -2.29 6.52 22.48
CA ALA U 102 -1.38 5.50 23.01
C ALA U 102 -0.11 6.29 23.38
N TRP U 103 0.41 6.08 24.61
CA TRP U 103 1.48 6.90 25.15
C TRP U 103 2.86 6.48 24.70
N LYS U 104 3.01 6.41 23.38
CA LYS U 104 4.27 6.13 22.69
C LYS U 104 4.47 7.20 21.65
N ASN U 105 5.66 7.82 21.65
CA ASN U 105 6.09 8.75 20.60
C ASN U 105 7.57 8.42 20.29
N ASN U 106 8.25 9.26 19.51
CA ASN U 106 9.64 8.99 19.15
C ASN U 106 10.65 9.11 20.31
N TYR U 107 10.19 9.62 21.47
CA TYR U 107 11.02 9.93 22.65
C TYR U 107 10.72 9.11 23.88
N ARG U 108 9.45 8.72 24.07
CA ARG U 108 9.00 8.07 25.29
C ARG U 108 8.00 6.97 25.01
N ASN U 109 7.95 5.96 25.88
CA ASN U 109 6.91 4.95 25.78
C ASN U 109 6.49 4.54 27.18
N ALA U 110 5.25 4.87 27.57
CA ALA U 110 4.72 4.51 28.88
C ALA U 110 3.93 3.19 28.86
N HIS U 111 3.92 2.47 27.72
CA HIS U 111 3.22 1.16 27.61
C HIS U 111 1.81 1.27 28.18
N SER U 112 1.04 2.23 27.67
CA SER U 112 -0.30 2.50 28.15
C SER U 112 -1.06 3.33 27.15
N ALA U 113 -2.38 3.42 27.30
CA ALA U 113 -3.17 4.20 26.38
C ALA U 113 -4.35 4.75 27.14
N THR U 114 -4.75 5.96 26.78
CA THR U 114 -5.95 6.54 27.40
C THR U 114 -7.05 6.72 26.33
N THR U 115 -8.31 6.47 26.70
CA THR U 115 -9.46 6.78 25.83
C THR U 115 -10.29 7.81 26.57
N TRP U 116 -10.70 8.87 25.86
CA TRP U 116 -11.60 9.89 26.41
C TRP U 116 -12.92 9.70 25.72
N SER U 117 -14.02 9.68 26.51
CA SER U 117 -15.35 9.48 25.98
C SER U 117 -16.17 10.66 26.48
N GLY U 118 -16.89 11.33 25.60
CA GLY U 118 -17.64 12.48 26.08
C GLY U 118 -18.51 13.12 25.06
N GLN U 119 -18.78 14.42 25.27
CA GLN U 119 -19.60 15.16 24.34
C GLN U 119 -19.12 16.56 24.21
N TYR U 120 -19.26 17.10 23.01
CA TYR U 120 -19.01 18.51 22.69
C TYR U 120 -20.33 19.24 22.96
N VAL U 121 -20.25 20.37 23.67
CA VAL U 121 -21.42 21.19 23.96
C VAL U 121 -21.09 22.54 23.37
N GLY U 122 -21.93 22.98 22.43
CA GLY U 122 -21.67 24.19 21.67
C GLY U 122 -22.10 25.45 22.36
N GLY U 123 -22.36 26.47 21.57
CA GLY U 123 -22.73 27.75 22.13
C GLY U 123 -21.54 28.68 22.20
N ALA U 124 -21.72 29.82 22.87
CA ALA U 124 -20.68 30.85 22.94
C ALA U 124 -19.54 30.44 23.86
N GLU U 125 -19.77 29.48 24.76
CA GLU U 125 -18.76 28.98 25.69
C GLU U 125 -18.67 27.47 25.48
N ALA U 126 -18.18 27.07 24.29
CA ALA U 126 -18.14 25.65 23.95
C ALA U 126 -17.20 24.87 24.84
N ARG U 127 -17.55 23.60 25.09
CA ARG U 127 -16.75 22.74 25.96
C ARG U 127 -16.78 21.34 25.44
N ILE U 128 -15.78 20.54 25.80
CA ILE U 128 -15.81 19.11 25.56
C ILE U 128 -15.73 18.47 26.96
N ASN U 129 -16.80 17.80 27.39
CA ASN U 129 -16.86 17.18 28.73
C ASN U 129 -16.61 15.72 28.59
N THR U 130 -15.59 15.19 29.29
CA THR U 130 -15.22 13.79 29.12
C THR U 130 -15.00 13.03 30.39
N GLN U 131 -15.04 11.69 30.26
CA GLN U 131 -14.54 10.74 31.25
C GLN U 131 -13.47 9.93 30.51
N TRP U 132 -12.47 9.42 31.21
CA TRP U 132 -11.41 8.70 30.52
C TRP U 132 -10.99 7.45 31.25
N LEU U 133 -10.37 6.52 30.49
CA LEU U 133 -9.84 5.28 31.02
C LEU U 133 -8.40 5.16 30.53
N LEU U 134 -7.45 4.97 31.46
CA LEU U 134 -6.06 4.82 31.13
C LEU U 134 -5.64 3.41 31.48
N THR U 135 -5.43 2.57 30.47
CA THR U 135 -5.04 1.19 30.71
C THR U 135 -3.55 1.02 30.41
N SER U 136 -2.86 0.35 31.32
CA SER U 136 -1.43 0.03 31.17
CA SER U 136 -1.45 0.05 31.11
C SER U 136 -1.32 -1.43 30.76
N GLY U 137 -0.30 -1.75 29.98
CA GLY U 137 0.02 -3.14 29.66
C GLY U 137 0.58 -3.76 30.94
N THR U 138 0.00 -4.86 31.41
CA THR U 138 0.44 -5.51 32.62
C THR U 138 0.58 -7.00 32.43
N THR U 139 1.24 -7.66 33.39
CA THR U 139 1.25 -9.11 33.40
C THR U 139 -0.11 -9.56 33.98
N GLU U 140 -0.47 -10.86 33.89
CA GLU U 140 -1.80 -11.30 34.37
C GLU U 140 -1.98 -10.99 35.85
N ALA U 141 -0.92 -11.18 36.64
CA ALA U 141 -0.97 -10.97 38.08
C ALA U 141 -1.41 -9.54 38.45
N ASN U 142 -1.06 -8.55 37.61
CA ASN U 142 -1.34 -7.15 37.93
C ASN U 142 -2.50 -6.57 37.08
N ALA U 143 -3.15 -7.42 36.29
CA ALA U 143 -4.23 -6.89 35.42
C ALA U 143 -5.40 -6.29 36.18
N TRP U 144 -5.67 -6.76 37.41
CA TRP U 144 -6.78 -6.21 38.18
C TRP U 144 -6.65 -4.70 38.43
N LYS U 145 -5.39 -4.18 38.44
CA LYS U 145 -5.12 -2.77 38.70
C LYS U 145 -4.53 -2.08 37.47
N SER U 146 -4.88 -2.58 36.29
CA SER U 146 -4.36 -2.05 35.02
C SER U 146 -4.95 -0.70 34.62
N THR U 147 -6.18 -0.34 35.14
CA THR U 147 -6.88 0.79 34.57
C THR U 147 -7.20 1.89 35.57
N LEU U 148 -6.83 3.14 35.23
CA LEU U 148 -7.23 4.31 35.98
C LEU U 148 -8.44 4.97 35.29
N VAL U 149 -9.27 5.67 36.09
CA VAL U 149 -10.43 6.39 35.54
C VAL U 149 -10.41 7.81 36.05
N GLY U 150 -10.88 8.72 35.20
CA GLY U 150 -10.95 10.11 35.60
C GLY U 150 -11.84 10.91 34.68
N HIS U 151 -11.79 12.23 34.79
CA HIS U 151 -12.68 13.06 34.00
C HIS U 151 -11.93 14.34 33.67
N ASP U 152 -12.19 14.89 32.48
CA ASP U 152 -11.56 16.15 32.07
CA ASP U 152 -11.54 16.12 32.01
C ASP U 152 -12.56 17.01 31.33
N THR U 153 -12.45 18.34 31.46
CA THR U 153 -13.26 19.28 30.71
CA THR U 153 -13.27 19.32 30.75
C THR U 153 -12.31 20.15 29.92
N PHE U 154 -12.59 20.30 28.62
CA PHE U 154 -11.73 21.09 27.75
C PHE U 154 -12.43 22.34 27.24
N THR U 155 -11.65 23.42 27.09
CA THR U 155 -12.11 24.71 26.56
CA THR U 155 -12.11 24.70 26.54
C THR U 155 -11.16 25.14 25.43
N LYS U 156 -11.62 26.02 24.52
CA LYS U 156 -10.80 26.53 23.42
C LYS U 156 -10.00 27.77 23.83
N VAL U 157 -10.28 28.32 25.00
CA VAL U 157 -9.55 29.49 25.46
C VAL U 157 -8.54 29.08 26.57
N LYS U 158 -7.25 29.48 26.42
CA LYS U 158 -6.14 29.18 27.35
C LYS U 158 -6.48 29.38 28.83
N ASN V 1 -1.45 11.10 30.61
CA ASN V 1 -2.33 12.29 30.59
C ASN V 1 -1.57 13.52 31.05
N GLN V 2 -0.75 13.31 32.09
CA GLN V 2 0.21 14.29 32.63
C GLN V 2 1.55 13.57 32.56
N TRP V 4 4.37 11.44 31.25
CA TRP V 4 4.47 10.44 30.20
C TRP V 4 3.12 9.90 29.75
N GLN V 5 2.03 10.28 30.45
CA GLN V 5 0.66 9.87 30.11
C GLN V 5 -0.20 11.12 30.07
N ASN W 1 -7.74 -4.52 47.14
CA ASN W 1 -8.58 -5.62 46.63
C ASN W 1 -7.82 -6.94 46.67
N GLN W 2 -6.55 -6.88 46.30
CA GLN W 2 -5.53 -7.91 46.40
C GLN W 2 -4.48 -7.34 47.36
N TRP W 4 -2.80 -5.49 50.22
CA TRP W 4 -3.30 -4.49 51.17
C TRP W 4 -4.54 -3.78 50.64
N GLN W 5 -4.96 -4.07 49.40
CA GLN W 5 -6.18 -3.52 48.80
C GLN W 5 -7.04 -4.67 48.29
N GLY X 40 -30.98 -14.53 49.74
CA GLY X 40 -30.01 -14.96 48.75
C GLY X 40 -28.64 -14.29 48.88
N ILE X 41 -28.59 -12.96 49.18
CA ILE X 41 -27.33 -12.21 49.31
C ILE X 41 -26.51 -12.67 50.51
N THR X 42 -27.15 -12.89 51.66
CA THR X 42 -26.42 -13.31 52.87
C THR X 42 -25.64 -14.59 52.61
N GLY X 43 -24.36 -14.57 52.97
CA GLY X 43 -23.51 -15.74 52.79
C GLY X 43 -22.08 -15.36 52.58
N THR X 44 -21.27 -16.35 52.17
CA THR X 44 -19.85 -16.18 51.89
C THR X 44 -19.67 -16.26 50.39
N TRP X 45 -18.97 -15.26 49.83
CA TRP X 45 -18.76 -15.09 48.40
C TRP X 45 -17.29 -15.10 48.07
N TYR X 46 -16.95 -15.51 46.84
CA TYR X 46 -15.56 -15.60 46.37
CA TYR X 46 -15.55 -15.61 46.38
C TYR X 46 -15.44 -15.05 44.97
N ASN X 47 -14.29 -14.46 44.64
CA ASN X 47 -14.09 -14.02 43.26
C ASN X 47 -13.04 -15.02 42.70
N GLN X 48 -12.53 -14.86 41.46
CA GLN X 48 -11.56 -15.84 40.95
C GLN X 48 -10.10 -15.38 41.15
N LEU X 49 -9.93 -14.30 41.94
CA LEU X 49 -8.60 -13.74 42.23
C LEU X 49 -8.12 -13.99 43.69
N GLY X 50 -8.68 -14.97 44.36
CA GLY X 50 -8.28 -15.34 45.71
C GLY X 50 -8.87 -14.51 46.83
N SER X 51 -9.92 -13.70 46.56
CA SER X 51 -10.57 -12.89 47.60
C SER X 51 -11.90 -13.47 48.04
N THR X 52 -12.32 -13.16 49.26
CA THR X 52 -13.59 -13.67 49.79
C THR X 52 -14.25 -12.63 50.66
N PHE X 53 -15.57 -12.66 50.74
CA PHE X 53 -16.23 -11.80 51.72
C PHE X 53 -17.42 -12.49 52.31
N ILE X 54 -17.72 -12.14 53.53
CA ILE X 54 -18.90 -12.67 54.22
C ILE X 54 -19.82 -11.45 54.45
N VAL X 55 -21.09 -11.61 54.14
CA VAL X 55 -22.02 -10.50 54.25
C VAL X 55 -23.34 -10.95 54.80
N THR X 56 -24.01 -10.04 55.53
CA THR X 56 -25.38 -10.21 56.01
C THR X 56 -26.19 -9.09 55.38
N ALA X 57 -27.29 -9.46 54.69
CA ALA X 57 -28.20 -8.50 54.09
C ALA X 57 -29.39 -8.39 55.08
N GLY X 58 -29.45 -7.27 55.79
CA GLY X 58 -30.49 -7.04 56.80
C GLY X 58 -31.82 -6.64 56.20
N ALA X 59 -32.94 -6.83 56.96
CA ALA X 59 -34.28 -6.47 56.49
C ALA X 59 -34.39 -4.96 56.17
N ASP X 60 -33.56 -4.14 56.80
CA ASP X 60 -33.52 -2.68 56.65
C ASP X 60 -32.71 -2.19 55.40
N GLY X 61 -32.26 -3.11 54.54
CA GLY X 61 -31.49 -2.75 53.35
C GLY X 61 -29.99 -2.64 53.61
N ALA X 62 -29.53 -2.93 54.85
CA ALA X 62 -28.10 -2.82 55.15
C ALA X 62 -27.30 -4.06 54.74
N LEU X 63 -26.06 -3.83 54.29
CA LEU X 63 -25.08 -4.89 54.04
C LEU X 63 -24.00 -4.68 55.07
N THR X 64 -23.67 -5.75 55.81
CA THR X 64 -22.60 -5.68 56.82
CA THR X 64 -22.62 -5.69 56.83
C THR X 64 -21.77 -6.95 56.74
N GLY X 65 -20.46 -6.82 56.93
CA GLY X 65 -19.62 -8.00 56.89
C GLY X 65 -18.15 -7.70 56.88
N THR X 66 -17.37 -8.66 56.35
CA THR X 66 -15.91 -8.53 56.30
CA THR X 66 -15.92 -8.48 56.28
C THR X 66 -15.41 -8.98 54.95
N TYR X 67 -14.44 -8.28 54.41
CA TYR X 67 -13.84 -8.64 53.13
C TYR X 67 -12.41 -9.09 53.45
N GLU X 68 -12.00 -10.24 52.88
CA GLU X 68 -10.67 -10.80 53.09
C GLU X 68 -9.96 -10.82 51.73
N SER X 69 -8.95 -9.94 51.55
CA SER X 69 -8.24 -9.81 50.28
C SER X 69 -7.56 -11.10 49.80
N ALA X 70 -7.11 -11.93 50.74
CA ALA X 70 -6.46 -13.21 50.43
C ALA X 70 -7.10 -14.29 51.31
N VAL X 71 -7.84 -15.26 50.69
CA VAL X 71 -8.50 -16.35 51.43
C VAL X 71 -7.47 -17.03 52.36
N GLY X 72 -7.86 -17.22 53.62
CA GLY X 72 -7.04 -17.90 54.61
C GLY X 72 -6.03 -17.02 55.33
N ASN X 73 -5.96 -15.72 54.96
CA ASN X 73 -5.05 -14.80 55.61
C ASN X 73 -5.85 -13.75 56.40
N ALA X 74 -6.03 -14.03 57.71
CA ALA X 74 -6.79 -13.15 58.61
C ALA X 74 -6.27 -11.72 58.70
N GLU X 75 -4.96 -11.50 58.41
CA GLU X 75 -4.39 -10.15 58.42
C GLU X 75 -4.96 -9.28 57.29
N SER X 76 -5.56 -9.92 56.26
CA SER X 76 -6.13 -9.20 55.13
C SER X 76 -7.65 -9.02 55.26
N ARG X 77 -8.20 -9.10 56.49
CA ARG X 77 -9.64 -8.94 56.73
C ARG X 77 -9.96 -7.49 57.08
N TYR X 78 -11.00 -6.90 56.42
CA TYR X 78 -11.39 -5.51 56.61
C TYR X 78 -12.91 -5.42 56.74
N VAL X 79 -13.38 -4.39 57.42
CA VAL X 79 -14.83 -4.19 57.57
C VAL X 79 -15.45 -3.82 56.21
N LEU X 80 -16.63 -4.37 55.93
CA LEU X 80 -17.41 -4.08 54.73
C LEU X 80 -18.78 -3.54 55.20
N THR X 81 -19.26 -2.45 54.55
CA THR X 81 -20.59 -1.89 54.81
CA THR X 81 -20.57 -1.88 54.83
C THR X 81 -21.19 -1.37 53.53
N GLY X 82 -22.48 -1.61 53.37
CA GLY X 82 -23.13 -1.16 52.14
C GLY X 82 -24.64 -1.20 52.24
N ARG X 83 -25.29 -1.10 51.08
CA ARG X 83 -26.74 -1.10 50.98
C ARG X 83 -27.19 -1.98 49.81
N TYR X 84 -28.43 -2.45 49.87
CA TYR X 84 -29.00 -3.21 48.78
C TYR X 84 -30.48 -2.90 48.70
N ASP X 85 -31.06 -3.16 47.53
CA ASP X 85 -32.49 -3.01 47.34
C ASP X 85 -33.21 -4.18 48.01
N SER X 86 -33.89 -3.87 49.12
CA SER X 86 -34.63 -4.88 49.89
C SER X 86 -35.98 -5.29 49.29
N ALA X 87 -36.42 -4.62 48.20
CA ALA X 87 -37.70 -4.99 47.58
C ALA X 87 -37.49 -4.97 46.05
N PRO X 88 -36.65 -5.90 45.51
CA PRO X 88 -36.36 -5.88 44.06
C PRO X 88 -37.58 -6.20 43.21
N ALA X 89 -37.45 -5.92 41.92
CA ALA X 89 -38.49 -6.27 40.96
C ALA X 89 -38.58 -7.80 40.90
N THR X 90 -39.74 -8.33 40.48
CA THR X 90 -39.97 -9.77 40.41
C THR X 90 -40.05 -10.27 38.93
N ASP X 91 -39.55 -9.48 37.99
CA ASP X 91 -39.60 -9.74 36.55
C ASP X 91 -38.36 -10.44 35.96
N GLY X 92 -37.45 -10.91 36.83
CA GLY X 92 -36.22 -11.55 36.41
C GLY X 92 -35.01 -10.63 36.52
N SER X 93 -35.22 -9.35 36.88
CA SER X 93 -34.14 -8.39 37.10
C SER X 93 -33.31 -8.72 38.33
N GLY X 94 -32.03 -8.36 38.29
CA GLY X 94 -31.16 -8.52 39.46
C GLY X 94 -31.49 -7.55 40.58
N THR X 95 -30.83 -7.72 41.74
CA THR X 95 -31.04 -6.87 42.91
C THR X 95 -29.84 -5.93 43.00
N ALA X 96 -30.09 -4.60 42.88
CA ALA X 96 -29.00 -3.64 42.95
C ALA X 96 -28.43 -3.57 44.36
N LEU X 97 -27.10 -3.37 44.41
CA LEU X 97 -26.39 -3.29 45.69
CA LEU X 97 -26.40 -3.27 45.69
C LEU X 97 -25.07 -2.56 45.55
N GLY X 98 -24.48 -2.23 46.67
CA GLY X 98 -23.16 -1.60 46.67
C GLY X 98 -22.53 -1.72 48.04
N TRP X 99 -21.19 -1.72 48.11
CA TRP X 99 -20.51 -1.73 49.40
C TRP X 99 -19.16 -1.05 49.32
N THR X 100 -18.64 -0.65 50.47
CA THR X 100 -17.34 -0.03 50.58
C THR X 100 -16.48 -0.83 51.54
N VAL X 101 -15.17 -0.87 51.22
CA VAL X 101 -14.13 -1.32 52.13
C VAL X 101 -13.09 -0.23 52.16
N ALA X 102 -12.80 0.32 53.36
CA ALA X 102 -11.65 1.24 53.49
C ALA X 102 -10.53 0.30 53.90
N TRP X 103 -9.36 0.44 53.24
CA TRP X 103 -8.24 -0.49 53.43
C TRP X 103 -7.38 -0.19 54.67
N LYS X 104 -8.08 -0.07 55.81
CA LYS X 104 -7.47 0.09 57.10
C LYS X 104 -8.05 -0.96 58.05
N ASN X 105 -7.17 -1.74 58.68
CA ASN X 105 -7.57 -2.66 59.74
C ASN X 105 -6.59 -2.47 60.91
N ASN X 106 -6.57 -3.38 61.89
CA ASN X 106 -5.67 -3.20 63.02
C ASN X 106 -4.19 -3.36 62.70
N TYR X 107 -3.86 -3.88 61.51
CA TYR X 107 -2.49 -4.21 61.13
C TYR X 107 -1.93 -3.43 59.98
N ARG X 108 -2.80 -3.06 59.02
CA ARG X 108 -2.40 -2.44 57.77
C ARG X 108 -3.27 -1.28 57.41
N ASN X 109 -2.66 -0.22 56.82
CA ASN X 109 -3.43 0.91 56.29
C ASN X 109 -2.87 1.27 54.92
N ALA X 110 -3.70 1.12 53.87
CA ALA X 110 -3.28 1.47 52.52
C ALA X 110 -3.82 2.82 52.06
N HIS X 111 -4.35 3.64 53.01
CA HIS X 111 -4.87 4.99 52.72
C HIS X 111 -5.68 5.02 51.44
N SER X 112 -6.68 4.14 51.38
CA SER X 112 -7.46 3.97 50.16
C SER X 112 -8.76 3.28 50.51
N ALA X 113 -9.70 3.32 49.56
CA ALA X 113 -10.98 2.66 49.76
C ALA X 113 -11.51 2.19 48.43
N THR X 114 -12.19 1.04 48.43
CA THR X 114 -12.82 0.54 47.20
C THR X 114 -14.33 0.48 47.43
N THR X 115 -15.09 0.85 46.39
CA THR X 115 -16.53 0.71 46.39
C THR X 115 -16.85 -0.25 45.26
N TRP X 116 -17.66 -1.28 45.55
CA TRP X 116 -18.19 -2.17 44.53
C TRP X 116 -19.64 -1.78 44.31
N SER X 117 -20.04 -1.65 43.04
CA SER X 117 -21.43 -1.33 42.67
C SER X 117 -21.89 -2.44 41.75
N GLY X 118 -23.04 -3.05 42.02
CA GLY X 118 -23.41 -4.14 41.16
C GLY X 118 -24.79 -4.66 41.40
N GLN X 119 -24.99 -5.92 41.01
CA GLN X 119 -26.30 -6.54 41.21
C GLN X 119 -26.14 -7.99 41.52
N TYR X 120 -27.03 -8.49 42.37
CA TYR X 120 -27.13 -9.89 42.72
C TYR X 120 -28.09 -10.55 41.73
N VAL X 121 -27.71 -11.72 41.20
CA VAL X 121 -28.54 -12.49 40.29
C VAL X 121 -28.74 -13.85 40.93
N GLY X 122 -29.99 -14.21 41.21
CA GLY X 122 -30.30 -15.49 41.85
C GLY X 122 -30.33 -16.65 40.89
N GLY X 123 -30.75 -17.80 41.40
CA GLY X 123 -30.87 -19.02 40.62
C GLY X 123 -30.00 -20.15 41.16
N ALA X 124 -29.79 -21.18 40.31
CA ALA X 124 -28.99 -22.36 40.65
C ALA X 124 -27.54 -21.99 40.90
N GLU X 125 -27.02 -21.03 40.11
CA GLU X 125 -25.66 -20.51 40.22
C GLU X 125 -25.73 -18.98 40.47
N ALA X 126 -26.09 -18.60 41.72
CA ALA X 126 -26.22 -17.21 42.13
C ALA X 126 -24.90 -16.49 41.99
N ARG X 127 -24.94 -15.22 41.57
CA ARG X 127 -23.73 -14.43 41.41
C ARG X 127 -23.95 -13.01 41.83
N ILE X 128 -22.88 -12.32 42.14
CA ILE X 128 -22.93 -10.88 42.36
C ILE X 128 -21.96 -10.32 41.30
N ASN X 129 -22.49 -9.57 40.32
CA ASN X 129 -21.69 -8.97 39.24
C ASN X 129 -21.46 -7.51 39.58
N THR X 130 -20.16 -7.10 39.63
CA THR X 130 -19.84 -5.75 40.07
C THR X 130 -18.81 -5.05 39.21
N GLN X 131 -18.82 -3.74 39.36
CA GLN X 131 -17.74 -2.89 38.88
C GLN X 131 -17.29 -2.13 40.14
N TRP X 132 -16.02 -1.73 40.20
CA TRP X 132 -15.50 -1.10 41.42
C TRP X 132 -14.59 0.08 41.13
N LEU X 133 -14.46 0.96 42.14
CA LEU X 133 -13.61 2.14 42.10
C LEU X 133 -12.73 2.12 43.32
N LEU X 134 -11.38 2.17 43.14
CA LEU X 134 -10.43 2.14 44.26
C LEU X 134 -9.71 3.48 44.28
N THR X 135 -10.09 4.34 45.24
CA THR X 135 -9.48 5.66 45.32
C THR X 135 -8.47 5.68 46.47
N SER X 136 -7.28 6.23 46.19
CA SER X 136 -6.24 6.40 47.20
CA SER X 136 -6.24 6.41 47.19
C SER X 136 -6.19 7.89 47.58
N GLY X 137 -5.84 8.17 48.82
CA GLY X 137 -5.65 9.55 49.24
C GLY X 137 -4.37 10.04 48.57
N THR X 138 -4.42 11.18 47.89
CA THR X 138 -3.24 11.69 47.18
C THR X 138 -3.17 13.20 47.44
N THR X 139 -2.08 13.81 46.96
CA THR X 139 -1.99 15.27 46.93
C THR X 139 -2.85 15.73 45.74
N GLU X 140 -3.13 17.02 45.68
CA GLU X 140 -3.90 17.57 44.59
C GLU X 140 -3.21 17.34 43.25
N ALA X 141 -1.87 17.50 43.19
CA ALA X 141 -1.06 17.31 41.99
C ALA X 141 -1.19 15.88 41.40
N ASN X 142 -1.39 14.88 42.28
CA ASN X 142 -1.53 13.45 41.89
C ASN X 142 -2.94 12.95 41.88
N ALA X 143 -3.93 13.82 42.13
CA ALA X 143 -5.33 13.42 42.18
C ALA X 143 -5.84 12.85 40.87
N TRP X 144 -5.27 13.31 39.70
CA TRP X 144 -5.75 12.81 38.41
C TRP X 144 -5.61 11.28 38.29
N LYS X 145 -4.61 10.70 38.99
CA LYS X 145 -4.34 9.26 38.93
C LYS X 145 -4.68 8.57 40.25
N SER X 146 -5.64 9.14 41.01
CA SER X 146 -6.04 8.60 42.33
C SER X 146 -6.96 7.38 42.29
N THR X 147 -7.62 7.11 41.16
CA THR X 147 -8.68 6.11 41.16
C THR X 147 -8.55 5.04 40.09
N LEU X 148 -8.50 3.80 40.55
CA LEU X 148 -8.49 2.62 39.70
C LEU X 148 -9.92 2.15 39.50
N VAL X 149 -10.20 1.53 38.36
CA VAL X 149 -11.52 0.97 38.05
C VAL X 149 -11.33 -0.47 37.58
N GLY X 150 -12.23 -1.33 38.00
CA GLY X 150 -12.18 -2.73 37.57
C GLY X 150 -13.53 -3.40 37.71
N HIS X 151 -13.56 -4.72 37.61
CA HIS X 151 -14.80 -5.48 37.66
C HIS X 151 -14.54 -6.81 38.32
N ASP X 152 -15.52 -7.31 39.10
CA ASP X 152 -15.42 -8.60 39.74
CA ASP X 152 -15.42 -8.57 39.82
C ASP X 152 -16.75 -9.30 39.74
N THR X 153 -16.71 -10.60 39.55
CA THR X 153 -17.89 -11.45 39.67
CA THR X 153 -17.88 -11.47 39.63
C THR X 153 -17.66 -12.39 40.85
N PHE X 154 -18.63 -12.45 41.75
CA PHE X 154 -18.57 -13.29 42.95
C PHE X 154 -19.57 -14.42 42.88
N THR X 155 -19.17 -15.58 43.41
CA THR X 155 -20.03 -16.79 43.50
CA THR X 155 -20.00 -16.79 43.48
C THR X 155 -19.89 -17.36 44.90
N LYS X 156 -20.85 -18.18 45.32
CA LYS X 156 -20.79 -18.80 46.64
C LYS X 156 -19.96 -20.11 46.60
N VAL X 157 -19.45 -20.47 45.42
CA VAL X 157 -18.65 -21.68 45.24
C VAL X 157 -17.19 -21.35 45.46
N LYS X 158 -16.56 -22.02 46.44
CA LYS X 158 -15.15 -21.85 46.75
C LYS X 158 -14.31 -22.38 45.57
N PRO X 159 -13.43 -21.55 44.96
CA PRO X 159 -12.61 -22.01 43.82
C PRO X 159 -11.71 -23.22 44.13
#